data_7JNL
# 
_entry.id   7JNL 
# 
_audit_conform.dict_name       mmcif_pdbx.dic 
_audit_conform.dict_version    5.380 
_audit_conform.dict_location   http://mmcif.pdb.org/dictionaries/ascii/mmcif_pdbx.dic 
# 
loop_
_database_2.database_id 
_database_2.database_code 
_database_2.pdbx_database_accession 
_database_2.pdbx_DOI 
PDB   7JNL         pdb_00007jnl 10.2210/pdb7jnl/pdb 
WWPDB D_1000250915 ?            ?                   
# 
_pdbx_database_status.status_code                     REL 
_pdbx_database_status.status_code_sf                  REL 
_pdbx_database_status.status_code_mr                  ? 
_pdbx_database_status.entry_id                        7JNL 
_pdbx_database_status.recvd_initial_deposition_date   2020-08-04 
_pdbx_database_status.SG_entry                        N 
_pdbx_database_status.deposit_site                    RCSB 
_pdbx_database_status.process_site                    RCSB 
_pdbx_database_status.status_code_cs                  ? 
_pdbx_database_status.status_code_nmr_data            ? 
_pdbx_database_status.methods_development_category    ? 
_pdbx_database_status.pdb_format_compatible           Y 
# 
loop_
_audit_author.name 
_audit_author.pdbx_ordinal 
_audit_author.identifier_ORCID 
'Simmons, C.R.'      1 0000-0002-2290-6132 
'MacCulloch, T.'     2 0000-0001-5875-3361 
'Stephanopoulos, N.' 3 0000-0001-7859-410X 
'Yan, H.'            4 0000-0001-7397-9852 
# 
_citation.abstract                  ? 
_citation.abstract_id_CAS           ? 
_citation.book_id_ISBN              ? 
_citation.book_publisher            ? 
_citation.book_publisher_city       ? 
_citation.book_title                ? 
_citation.coordinate_linkage        ? 
_citation.country                   UK 
_citation.database_id_Medline       ? 
_citation.details                   ? 
_citation.id                        primary 
_citation.journal_abbrev            'Nat Commun' 
_citation.journal_id_ASTM           ? 
_citation.journal_id_CSD            ? 
_citation.journal_id_ISSN           2041-1723 
_citation.journal_full              ? 
_citation.journal_issue             ? 
_citation.journal_volume            13 
_citation.language                  ? 
_citation.page_first                3112 
_citation.page_last                 3112 
_citation.title                     'The influence of Holliday junction sequence and dynamics on DNA crystal self-assembly.' 
_citation.year                      2022 
_citation.database_id_CSD           ? 
_citation.pdbx_database_id_DOI      10.1038/s41467-022-30779-6 
_citation.pdbx_database_id_PubMed   35662248 
_citation.unpublished_flag          ? 
# 
loop_
_citation_author.citation_id 
_citation_author.name 
_citation_author.ordinal 
_citation_author.identifier_ORCID 
primary 'Simmons, C.R.'      1  ?                   
primary 'MacCulloch, T.'     2  ?                   
primary 'Krepl, M.'          3  0000-0002-9833-4281 
primary 'Matthies, M.'       4  ?                   
primary 'Buchberger, A.'     5  ?                   
primary 'Crawford, I.'       6  ?                   
primary 'Sponer, J.'         7  0000-0001-6558-6186 
primary 'Sulc, P.'           8  0000-0003-1565-6769 
primary 'Stephanopoulos, N.' 9  0000-0001-7859-410X 
primary 'Yan, H.'            10 0000-0001-7397-9852 
# 
_cell.angle_alpha                  90.000 
_cell.angle_alpha_esd              ? 
_cell.angle_beta                   90.000 
_cell.angle_beta_esd               ? 
_cell.angle_gamma                  120.000 
_cell.angle_gamma_esd              ? 
_cell.entry_id                     7JNL 
_cell.details                      ? 
_cell.formula_units_Z              ? 
_cell.length_a                     111.796 
_cell.length_a_esd                 ? 
_cell.length_b                     111.796 
_cell.length_b_esd                 ? 
_cell.length_c                     51.296 
_cell.length_c_esd                 ? 
_cell.volume                       ? 
_cell.volume_esd                   ? 
_cell.Z_PDB                        9 
_cell.reciprocal_angle_alpha       ? 
_cell.reciprocal_angle_beta        ? 
_cell.reciprocal_angle_gamma       ? 
_cell.reciprocal_angle_alpha_esd   ? 
_cell.reciprocal_angle_beta_esd    ? 
_cell.reciprocal_angle_gamma_esd   ? 
_cell.reciprocal_length_a          ? 
_cell.reciprocal_length_b          ? 
_cell.reciprocal_length_c          ? 
_cell.reciprocal_length_a_esd      ? 
_cell.reciprocal_length_b_esd      ? 
_cell.reciprocal_length_c_esd      ? 
_cell.pdbx_unique_axis             ? 
# 
_symmetry.entry_id                         7JNL 
_symmetry.cell_setting                     ? 
_symmetry.Int_Tables_number                146 
_symmetry.space_group_name_Hall            ? 
_symmetry.space_group_name_H-M             'H 3' 
_symmetry.pdbx_full_space_group_name_H-M   ? 
# 
loop_
_entity.id 
_entity.type 
_entity.src_method 
_entity.pdbx_description 
_entity.formula_weight 
_entity.pdbx_number_of_molecules 
_entity.pdbx_ec 
_entity.pdbx_mutation 
_entity.pdbx_fragment 
_entity.details 
1 polymer     syn 
;DNA (5'-D(*GP*AP*AP*CP*GP*AP*CP*AP*AP*AP*GP*AP*CP*GP*TP*CP*GP*AP*GP*TP*C)-3')
;
6490.226 1 ? ? ? ? 
2 polymer     syn 
;DNA (5'-D(*TP*CP*GP*AP*GP*TP*CP*G)-3')
;
2442.616 1 ? ? ? ? 
3 polymer     syn 
;DNA (5'-D(P*TP*TP*GP*TP*CP*GP*T)-3')
;
2119.407 1 ? ? ? ? 
4 polymer     syn 
;DNA (5'-D(P*AP*CP*GP*TP*CP*T)-3')
;
1784.204 1 ? ? ? ? 
5 non-polymer syn 'CACODYLATE ION'                                                                136.989  2 ? ? ? ? 
6 non-polymer syn 'MAGNESIUM ION'                                                                 24.305   2 ? ? ? ? 
# 
loop_
_entity_poly.entity_id 
_entity_poly.type 
_entity_poly.nstd_linkage 
_entity_poly.nstd_monomer 
_entity_poly.pdbx_seq_one_letter_code 
_entity_poly.pdbx_seq_one_letter_code_can 
_entity_poly.pdbx_strand_id 
_entity_poly.pdbx_target_identifier 
1 polydeoxyribonucleotide no no 
;(DG)(DA)(DA)(DC)(DG)(DA)(DC)(DA)(DA)(DA)(DG)(DA)(DC)(DG)(DT)(DC)(DG)(DA)(DG)(DT)
(DC)
;
GAACGACAAAGACGTCGAGTC B ? 
2 polydeoxyribonucleotide no no '(DT)(DC)(DG)(DA)(DG)(DT)(DC)(DG)'                                                      TCGAGTCG C 
? 
3 polydeoxyribonucleotide no no '(DT)(DT)(DG)(DT)(DC)(DG)(DT)'                                                          TTGTCGT D 
? 
4 polydeoxyribonucleotide no no '(DA)(DC)(DG)(DT)(DC)(DT)'                                                              ACGTCT A ? 
# 
loop_
_entity_poly_seq.entity_id 
_entity_poly_seq.num 
_entity_poly_seq.mon_id 
_entity_poly_seq.hetero 
1 1  DG n 
1 2  DA n 
1 3  DA n 
1 4  DC n 
1 5  DG n 
1 6  DA n 
1 7  DC n 
1 8  DA n 
1 9  DA n 
1 10 DA n 
1 11 DG n 
1 12 DA n 
1 13 DC n 
1 14 DG n 
1 15 DT n 
1 16 DC n 
1 17 DG n 
1 18 DA n 
1 19 DG n 
1 20 DT n 
1 21 DC n 
2 1  DT n 
2 2  DC n 
2 3  DG n 
2 4  DA n 
2 5  DG n 
2 6  DT n 
2 7  DC n 
2 8  DG n 
3 1  DT n 
3 2  DT n 
3 3  DG n 
3 4  DT n 
3 5  DC n 
3 6  DG n 
3 7  DT n 
4 1  DA n 
4 2  DC n 
4 3  DG n 
4 4  DT n 
4 5  DC n 
4 6  DT n 
# 
loop_
_pdbx_entity_src_syn.entity_id 
_pdbx_entity_src_syn.pdbx_src_id 
_pdbx_entity_src_syn.pdbx_alt_source_flag 
_pdbx_entity_src_syn.pdbx_beg_seq_num 
_pdbx_entity_src_syn.pdbx_end_seq_num 
_pdbx_entity_src_syn.organism_scientific 
_pdbx_entity_src_syn.organism_common_name 
_pdbx_entity_src_syn.ncbi_taxonomy_id 
_pdbx_entity_src_syn.details 
1 1 sample 1 21 'synthetic construct' ? 32630 ? 
2 1 sample 1 8  'synthetic construct' ? 32630 ? 
3 1 sample 1 7  'synthetic construct' ? 32630 ? 
4 1 sample 1 6  'synthetic construct' ? 32630 ? 
# 
loop_
_struct_ref.id 
_struct_ref.db_name 
_struct_ref.db_code 
_struct_ref.pdbx_db_accession 
_struct_ref.pdbx_db_isoform 
_struct_ref.entity_id 
_struct_ref.pdbx_seq_one_letter_code 
_struct_ref.pdbx_align_begin 
1 PDB 7JNL 7JNL ? 1 ? 1 
2 PDB 7JNL 7JNL ? 2 ? 1 
3 PDB 7JNL 7JNL ? 3 ? 1 
4 PDB 7JNL 7JNL ? 4 ? 1 
# 
loop_
_struct_ref_seq.align_id 
_struct_ref_seq.ref_id 
_struct_ref_seq.pdbx_PDB_id_code 
_struct_ref_seq.pdbx_strand_id 
_struct_ref_seq.seq_align_beg 
_struct_ref_seq.pdbx_seq_align_beg_ins_code 
_struct_ref_seq.seq_align_end 
_struct_ref_seq.pdbx_seq_align_end_ins_code 
_struct_ref_seq.pdbx_db_accession 
_struct_ref_seq.db_align_beg 
_struct_ref_seq.pdbx_db_align_beg_ins_code 
_struct_ref_seq.db_align_end 
_struct_ref_seq.pdbx_db_align_end_ins_code 
_struct_ref_seq.pdbx_auth_seq_align_beg 
_struct_ref_seq.pdbx_auth_seq_align_end 
1 1 7JNL B 1 ? 21 ? 7JNL 7  ? 27 ? 7  27 
2 2 7JNL C 1 ? 8  ? 7JNL 28 ? 35 ? 28 35 
3 3 7JNL D 1 ? 7  ? 7JNL 36 ? 42 ? 36 42 
4 4 7JNL A 1 ? 6  ? 7JNL 1  ? 6  ? 1  6  
# 
loop_
_chem_comp.id 
_chem_comp.type 
_chem_comp.mon_nstd_flag 
_chem_comp.name 
_chem_comp.pdbx_synonyms 
_chem_comp.formula 
_chem_comp.formula_weight 
CAC non-polymer   . 'CACODYLATE ION'                     dimethylarsinate 'C2 H6 As O2 -1'  136.989 
DA  'DNA linking' y "2'-DEOXYADENOSINE-5'-MONOPHOSPHATE" ?                'C10 H14 N5 O6 P' 331.222 
DC  'DNA linking' y "2'-DEOXYCYTIDINE-5'-MONOPHOSPHATE"  ?                'C9 H14 N3 O7 P'  307.197 
DG  'DNA linking' y "2'-DEOXYGUANOSINE-5'-MONOPHOSPHATE" ?                'C10 H14 N5 O7 P' 347.221 
DT  'DNA linking' y "THYMIDINE-5'-MONOPHOSPHATE"         ?                'C10 H15 N2 O8 P' 322.208 
MG  non-polymer   . 'MAGNESIUM ION'                      ?                'Mg 2'            24.305  
# 
_exptl.absorpt_coefficient_mu     ? 
_exptl.absorpt_correction_T_max   ? 
_exptl.absorpt_correction_T_min   ? 
_exptl.absorpt_correction_type    ? 
_exptl.absorpt_process_details    ? 
_exptl.entry_id                   7JNL 
_exptl.crystals_number            1 
_exptl.details                    ? 
_exptl.method                     'X-RAY DIFFRACTION' 
_exptl.method_details             ? 
# 
_exptl_crystal.colour                      ? 
_exptl_crystal.density_diffrn              ? 
_exptl_crystal.density_Matthews            4.81 
_exptl_crystal.density_method              ? 
_exptl_crystal.density_percent_sol         74.41 
_exptl_crystal.description                 ? 
_exptl_crystal.F_000                       ? 
_exptl_crystal.id                          1 
_exptl_crystal.preparation                 ? 
_exptl_crystal.size_max                    ? 
_exptl_crystal.size_mid                    ? 
_exptl_crystal.size_min                    ? 
_exptl_crystal.size_rad                    ? 
_exptl_crystal.colour_lustre               ? 
_exptl_crystal.colour_modifier             ? 
_exptl_crystal.colour_primary              ? 
_exptl_crystal.density_meas                ? 
_exptl_crystal.density_meas_esd            ? 
_exptl_crystal.density_meas_gt             ? 
_exptl_crystal.density_meas_lt             ? 
_exptl_crystal.density_meas_temp           ? 
_exptl_crystal.density_meas_temp_esd       ? 
_exptl_crystal.density_meas_temp_gt        ? 
_exptl_crystal.density_meas_temp_lt        ? 
_exptl_crystal.pdbx_crystal_image_url      ? 
_exptl_crystal.pdbx_crystal_image_format   ? 
_exptl_crystal.pdbx_mosaicity              ? 
_exptl_crystal.pdbx_mosaicity_esd          ? 
# 
_exptl_crystal_grow.apparatus       ? 
_exptl_crystal_grow.atmosphere      ? 
_exptl_crystal_grow.crystal_id      1 
_exptl_crystal_grow.details         ? 
_exptl_crystal_grow.method          'VAPOR DIFFUSION, SITTING DROP' 
_exptl_crystal_grow.method_ref      ? 
_exptl_crystal_grow.pH              ? 
_exptl_crystal_grow.pressure        ? 
_exptl_crystal_grow.pressure_esd    ? 
_exptl_crystal_grow.seeding         ? 
_exptl_crystal_grow.seeding_ref     ? 
_exptl_crystal_grow.temp            298 
_exptl_crystal_grow.temp_details    'temperature gradient generated from 60 to 25 C at 0.3 degrees per hour' 
_exptl_crystal_grow.temp_esd        ? 
_exptl_crystal_grow.time            ? 
_exptl_crystal_grow.pdbx_details    
;0.5 mL of 0.05 M Cacodylate pH 6.0 with 20 mM MgCl2, 1.0 mM spermine, 2 mM CaCl2, and 10% MPD was added to the reservoir with 2 uL added to the drop containing 4 uL of DNA stock
;
_exptl_crystal_grow.pdbx_pH_range   ? 
# 
_diffrn.ambient_environment              ? 
_diffrn.ambient_temp                     100 
_diffrn.ambient_temp_details             ? 
_diffrn.ambient_temp_esd                 ? 
_diffrn.crystal_id                       1 
_diffrn.crystal_support                  ? 
_diffrn.crystal_treatment                ? 
_diffrn.details                          ? 
_diffrn.id                               1 
_diffrn.ambient_pressure                 ? 
_diffrn.ambient_pressure_esd             ? 
_diffrn.ambient_pressure_gt              ? 
_diffrn.ambient_pressure_lt              ? 
_diffrn.ambient_temp_gt                  ? 
_diffrn.ambient_temp_lt                  ? 
_diffrn.pdbx_serial_crystal_experiment   N 
# 
_diffrn_detector.details                      ? 
_diffrn_detector.detector                     PIXEL 
_diffrn_detector.diffrn_id                    1 
_diffrn_detector.type                         'DECTRIS PILATUS3 6M' 
_diffrn_detector.area_resol_mean              ? 
_diffrn_detector.dtime                        ? 
_diffrn_detector.pdbx_frames_total            ? 
_diffrn_detector.pdbx_collection_time_total   ? 
_diffrn_detector.pdbx_collection_date         2018-08-15 
_diffrn_detector.pdbx_frequency               ? 
# 
_diffrn_radiation.collimation                      ? 
_diffrn_radiation.diffrn_id                        1 
_diffrn_radiation.filter_edge                      ? 
_diffrn_radiation.inhomogeneity                    ? 
_diffrn_radiation.monochromator                    ? 
_diffrn_radiation.polarisn_norm                    ? 
_diffrn_radiation.polarisn_ratio                   ? 
_diffrn_radiation.probe                            ? 
_diffrn_radiation.type                             ? 
_diffrn_radiation.xray_symbol                      ? 
_diffrn_radiation.wavelength_id                    1 
_diffrn_radiation.pdbx_monochromatic_or_laue_m_l   M 
_diffrn_radiation.pdbx_wavelength_list             ? 
_diffrn_radiation.pdbx_wavelength                  ? 
_diffrn_radiation.pdbx_diffrn_protocol             'SINGLE WAVELENGTH' 
_diffrn_radiation.pdbx_analyzer                    ? 
_diffrn_radiation.pdbx_scattering_type             x-ray 
# 
_diffrn_radiation_wavelength.id           1 
_diffrn_radiation_wavelength.wavelength   1 
_diffrn_radiation_wavelength.wt           1.0 
# 
_diffrn_source.current                     ? 
_diffrn_source.details                     ? 
_diffrn_source.diffrn_id                   1 
_diffrn_source.power                       ? 
_diffrn_source.size                        ? 
_diffrn_source.source                      SYNCHROTRON 
_diffrn_source.target                      ? 
_diffrn_source.type                        'ALS BEAMLINE 5.0.2' 
_diffrn_source.voltage                     ? 
_diffrn_source.take-off_angle              ? 
_diffrn_source.pdbx_wavelength_list        1 
_diffrn_source.pdbx_wavelength             ? 
_diffrn_source.pdbx_synchrotron_beamline   5.0.2 
_diffrn_source.pdbx_synchrotron_site       ALS 
# 
_reflns.B_iso_Wilson_estimate            96.920 
_reflns.entry_id                         7JNL 
_reflns.data_reduction_details           ? 
_reflns.data_reduction_method            ? 
_reflns.d_resolution_high                3.000 
_reflns.d_resolution_low                 50.000 
_reflns.details                          ? 
_reflns.limit_h_max                      ? 
_reflns.limit_h_min                      ? 
_reflns.limit_k_max                      ? 
_reflns.limit_k_min                      ? 
_reflns.limit_l_max                      ? 
_reflns.limit_l_min                      ? 
_reflns.number_all                       ? 
_reflns.number_obs                       4591 
_reflns.observed_criterion               ? 
_reflns.observed_criterion_F_max         ? 
_reflns.observed_criterion_F_min         ? 
_reflns.observed_criterion_I_max         ? 
_reflns.observed_criterion_I_min         ? 
_reflns.observed_criterion_sigma_F       ? 
_reflns.observed_criterion_sigma_I       ? 
_reflns.percent_possible_obs             96.300 
_reflns.R_free_details                   ? 
_reflns.Rmerge_F_all                     ? 
_reflns.Rmerge_F_obs                     ? 
_reflns.Friedel_coverage                 ? 
_reflns.number_gt                        ? 
_reflns.threshold_expression             ? 
_reflns.pdbx_redundancy                  9.700 
_reflns.pdbx_Rmerge_I_obs                0.072 
_reflns.pdbx_Rmerge_I_all                ? 
_reflns.pdbx_Rsym_value                  ? 
_reflns.pdbx_netI_over_av_sigmaI         ? 
_reflns.pdbx_netI_over_sigmaI            10.600 
_reflns.pdbx_res_netI_over_av_sigmaI_2   ? 
_reflns.pdbx_res_netI_over_sigmaI_2      ? 
_reflns.pdbx_chi_squared                 1.642 
_reflns.pdbx_scaling_rejects             ? 
_reflns.pdbx_d_res_high_opt              ? 
_reflns.pdbx_d_res_low_opt               ? 
_reflns.pdbx_d_res_opt_method            ? 
_reflns.phase_calculation_details        ? 
_reflns.pdbx_Rrim_I_all                  0.076 
_reflns.pdbx_Rpim_I_all                  0.024 
_reflns.pdbx_d_opt                       ? 
_reflns.pdbx_number_measured_all         ? 
_reflns.pdbx_diffrn_id                   1 
_reflns.pdbx_ordinal                     1 
_reflns.pdbx_CC_half                     1.00 
_reflns.pdbx_CC_star                     ? 
_reflns.pdbx_R_split                     ? 
# 
loop_
_reflns_shell.d_res_high 
_reflns_shell.d_res_low 
_reflns_shell.meanI_over_sigI_all 
_reflns_shell.meanI_over_sigI_obs 
_reflns_shell.number_measured_all 
_reflns_shell.number_measured_obs 
_reflns_shell.number_possible 
_reflns_shell.number_unique_all 
_reflns_shell.number_unique_obs 
_reflns_shell.percent_possible_all 
_reflns_shell.percent_possible_obs 
_reflns_shell.Rmerge_F_all 
_reflns_shell.Rmerge_F_obs 
_reflns_shell.Rmerge_I_all 
_reflns_shell.Rmerge_I_obs 
_reflns_shell.meanI_over_sigI_gt 
_reflns_shell.meanI_over_uI_all 
_reflns_shell.meanI_over_uI_gt 
_reflns_shell.number_measured_gt 
_reflns_shell.number_unique_gt 
_reflns_shell.percent_possible_gt 
_reflns_shell.Rmerge_F_gt 
_reflns_shell.Rmerge_I_gt 
_reflns_shell.pdbx_redundancy 
_reflns_shell.pdbx_Rsym_value 
_reflns_shell.pdbx_chi_squared 
_reflns_shell.pdbx_netI_over_sigmaI_all 
_reflns_shell.pdbx_netI_over_sigmaI_obs 
_reflns_shell.pdbx_Rrim_I_all 
_reflns_shell.pdbx_Rpim_I_all 
_reflns_shell.pdbx_rejects 
_reflns_shell.pdbx_ordinal 
_reflns_shell.pdbx_diffrn_id 
_reflns_shell.pdbx_CC_half 
_reflns_shell.pdbx_CC_star 
_reflns_shell.pdbx_R_split 
3.000 3.050  ? ? ? ? ? ? 166 70.300  ? ? ? ? 0.567 ? ? ? ? ? ? ? ? 8.400  ? 0.446 ? ? 0.601 0.195 ? 1  1 0.947 ? ? 
3.050 3.110  ? ? ? ? ? ? 181 80.100  ? ? ? ? 0.266 ? ? ? ? ? ? ? ? 7.700  ? 0.551 ? ? 0.282 0.091 ? 2  1 0.993 ? ? 
3.110 3.170  ? ? ? ? ? ? 234 89.000  ? ? ? ? 0.108 ? ? ? ? ? ? ? ? 7.300  ? 1.008 ? ? 0.114 0.037 ? 3  1 0.997 ? ? 
3.170 3.230  ? ? ? ? ? ? 203 89.000  ? ? ? ? 0.130 ? ? ? ? ? ? ? ? 7.500  ? 0.769 ? ? 0.139 0.047 ? 4  1 0.999 ? ? 
3.230 3.300  ? ? ? ? ? ? 233 97.500  ? ? ? ? 0.109 ? ? ? ? ? ? ? ? 8.000  ? 0.823 ? ? 0.116 0.038 ? 5  1 0.998 ? ? 
3.300 3.380  ? ? ? ? ? ? 238 100.000 ? ? ? ? 0.107 ? ? ? ? ? ? ? ? 8.400  ? 0.847 ? ? 0.114 0.038 ? 6  1 0.998 ? ? 
3.380 3.460  ? ? ? ? ? ? 231 100.000 ? ? ? ? 0.100 ? ? ? ? ? ? ? ? 9.800  ? 0.939 ? ? 0.105 0.032 ? 7  1 0.998 ? ? 
3.460 3.560  ? ? ? ? ? ? 233 100.000 ? ? ? ? 0.103 ? ? ? ? ? ? ? ? 10.200 ? 0.821 ? ? 0.108 0.033 ? 8  1 0.998 ? ? 
3.560 3.660  ? ? ? ? ? ? 249 100.000 ? ? ? ? 0.152 ? ? ? ? ? ? ? ? 10.300 ? 0.755 ? ? 0.160 0.049 ? 9  1 0.998 ? ? 
3.660 3.780  ? ? ? ? ? ? 235 100.000 ? ? ? ? 0.161 ? ? ? ? ? ? ? ? 10.300 ? 0.996 ? ? 0.170 0.052 ? 10 1 0.996 ? ? 
3.780 3.910  ? ? ? ? ? ? 244 100.000 ? ? ? ? 0.177 ? ? ? ? ? ? ? ? 10.000 ? 0.910 ? ? 0.187 0.060 ? 11 1 0.994 ? ? 
3.910 4.070  ? ? ? ? ? ? 241 100.000 ? ? ? ? 0.116 ? ? ? ? ? ? ? ? 10.000 ? 1.099 ? ? 0.122 0.038 ? 12 1 0.997 ? ? 
4.070 4.260  ? ? ? ? ? ? 237 100.000 ? ? ? ? 0.103 ? ? ? ? ? ? ? ? 10.200 ? 1.317 ? ? 0.108 0.034 ? 13 1 0.997 ? ? 
4.260 4.480  ? ? ? ? ? ? 237 100.000 ? ? ? ? 0.099 ? ? ? ? ? ? ? ? 10.800 ? 1.309 ? ? 0.103 0.031 ? 14 1 0.996 ? ? 
4.480 4.760  ? ? ? ? ? ? 241 100.000 ? ? ? ? 0.105 ? ? ? ? ? ? ? ? 10.800 ? 1.731 ? ? 0.110 0.034 ? 15 1 0.993 ? ? 
4.760 5.130  ? ? ? ? ? ? 242 100.000 ? ? ? ? 0.090 ? ? ? ? ? ? ? ? 10.300 ? 2.361 ? ? 0.095 0.030 ? 16 1 0.996 ? ? 
5.130 5.640  ? ? ? ? ? ? 234 100.000 ? ? ? ? 0.079 ? ? ? ? ? ? ? ? 10.200 ? 3.290 ? ? 0.084 0.026 ? 17 1 0.998 ? ? 
5.640 6.460  ? ? ? ? ? ? 230 100.000 ? ? ? ? 0.070 ? ? ? ? ? ? ? ? 11.000 ? 3.350 ? ? 0.073 0.022 ? 18 1 0.997 ? ? 
6.460 8.130  ? ? ? ? ? ? 241 100.000 ? ? ? ? 0.057 ? ? ? ? ? ? ? ? 10.300 ? 3.421 ? ? 0.060 0.019 ? 19 1 0.998 ? ? 
8.130 50.000 ? ? ? ? ? ? 241 100.000 ? ? ? ? 0.061 ? ? ? ? ? ? ? ? 10.400 ? 3.975 ? ? 0.064 0.021 ? 20 1 0.992 ? ? 
# 
_refine.aniso_B[1][1]                            ? 
_refine.aniso_B[1][2]                            ? 
_refine.aniso_B[1][3]                            ? 
_refine.aniso_B[2][2]                            ? 
_refine.aniso_B[2][3]                            ? 
_refine.aniso_B[3][3]                            ? 
_refine.B_iso_max                                177.480 
_refine.B_iso_mean                               89.4916 
_refine.B_iso_min                                57.440 
_refine.correlation_coeff_Fo_to_Fc               ? 
_refine.correlation_coeff_Fo_to_Fc_free          ? 
_refine.details                                  ? 
_refine.diff_density_max                         ? 
_refine.diff_density_max_esd                     ? 
_refine.diff_density_min                         ? 
_refine.diff_density_min_esd                     ? 
_refine.diff_density_rms                         ? 
_refine.diff_density_rms_esd                     ? 
_refine.entry_id                                 7JNL 
_refine.pdbx_refine_id                           'X-RAY DIFFRACTION' 
_refine.ls_abs_structure_details                 ? 
_refine.ls_abs_structure_Flack                   ? 
_refine.ls_abs_structure_Flack_esd               ? 
_refine.ls_abs_structure_Rogers                  ? 
_refine.ls_abs_structure_Rogers_esd              ? 
_refine.ls_d_res_high                            3.0050 
_refine.ls_d_res_low                             45.3270 
_refine.ls_extinction_coef                       ? 
_refine.ls_extinction_coef_esd                   ? 
_refine.ls_extinction_expression                 ? 
_refine.ls_extinction_method                     ? 
_refine.ls_goodness_of_fit_all                   ? 
_refine.ls_goodness_of_fit_all_esd               ? 
_refine.ls_goodness_of_fit_obs                   ? 
_refine.ls_goodness_of_fit_obs_esd               ? 
_refine.ls_hydrogen_treatment                    ? 
_refine.ls_matrix_type                           ? 
_refine.ls_number_constraints                    ? 
_refine.ls_number_parameters                     ? 
_refine.ls_number_reflns_all                     ? 
_refine.ls_number_reflns_obs                     4473 
_refine.ls_number_reflns_R_free                  451 
_refine.ls_number_reflns_R_work                  4022 
_refine.ls_number_restraints                     ? 
_refine.ls_percent_reflns_obs                    93.8500 
_refine.ls_percent_reflns_R_free                 10.0800 
_refine.ls_R_factor_all                          ? 
_refine.ls_R_factor_obs                          0.2372 
_refine.ls_R_factor_R_free                       0.2800 
_refine.ls_R_factor_R_free_error                 ? 
_refine.ls_R_factor_R_free_error_details         ? 
_refine.ls_R_factor_R_work                       0.2323 
_refine.ls_R_Fsqd_factor_obs                     ? 
_refine.ls_R_I_factor_obs                        ? 
_refine.ls_redundancy_reflns_all                 ? 
_refine.ls_redundancy_reflns_obs                 ? 
_refine.ls_restrained_S_all                      ? 
_refine.ls_restrained_S_obs                      ? 
_refine.ls_shift_over_esd_max                    ? 
_refine.ls_shift_over_esd_mean                   ? 
_refine.ls_structure_factor_coef                 ? 
_refine.ls_weighting_details                     ? 
_refine.ls_weighting_scheme                      ? 
_refine.ls_wR_factor_all                         ? 
_refine.ls_wR_factor_obs                         ? 
_refine.ls_wR_factor_R_free                      ? 
_refine.ls_wR_factor_R_work                      ? 
_refine.occupancy_max                            ? 
_refine.occupancy_min                            ? 
_refine.solvent_model_details                    'FLAT BULK SOLVENT MODEL' 
_refine.solvent_model_param_bsol                 ? 
_refine.solvent_model_param_ksol                 ? 
_refine.pdbx_R_complete                          ? 
_refine.ls_R_factor_gt                           ? 
_refine.ls_goodness_of_fit_gt                    ? 
_refine.ls_goodness_of_fit_ref                   ? 
_refine.ls_shift_over_su_max                     ? 
_refine.ls_shift_over_su_max_lt                  ? 
_refine.ls_shift_over_su_mean                    ? 
_refine.ls_shift_over_su_mean_lt                 ? 
_refine.pdbx_ls_sigma_I                          ? 
_refine.pdbx_ls_sigma_F                          2.050 
_refine.pdbx_ls_sigma_Fsqd                       ? 
_refine.pdbx_data_cutoff_high_absF               ? 
_refine.pdbx_data_cutoff_high_rms_absF           ? 
_refine.pdbx_data_cutoff_low_absF                ? 
_refine.pdbx_isotropic_thermal_model             ? 
_refine.pdbx_ls_cross_valid_method               THROUGHOUT 
_refine.pdbx_method_to_determine_struct          'MOLECULAR REPLACEMENT' 
_refine.pdbx_starting_model                      5VY6 
_refine.pdbx_stereochemistry_target_values       ML 
_refine.pdbx_R_Free_selection_details            ? 
_refine.pdbx_stereochem_target_val_spec_case     ? 
_refine.pdbx_overall_ESU_R                       ? 
_refine.pdbx_overall_ESU_R_Free                  ? 
_refine.pdbx_solvent_vdw_probe_radii             1.1100 
_refine.pdbx_solvent_ion_probe_radii             ? 
_refine.pdbx_solvent_shrinkage_radii             0.9000 
_refine.pdbx_real_space_R                        ? 
_refine.pdbx_density_correlation                 ? 
_refine.pdbx_pd_number_of_powder_patterns        ? 
_refine.pdbx_pd_number_of_points                 ? 
_refine.pdbx_pd_meas_number_of_points            ? 
_refine.pdbx_pd_proc_ls_prof_R_factor            ? 
_refine.pdbx_pd_proc_ls_prof_wR_factor           ? 
_refine.pdbx_pd_Marquardt_correlation_coeff      ? 
_refine.pdbx_pd_Fsqrd_R_factor                   ? 
_refine.pdbx_pd_ls_matrix_band_width             ? 
_refine.pdbx_overall_phase_error                 41.1500 
_refine.pdbx_overall_SU_R_free_Cruickshank_DPI   ? 
_refine.pdbx_overall_SU_R_free_Blow_DPI          ? 
_refine.pdbx_overall_SU_R_Blow_DPI               ? 
_refine.pdbx_TLS_residual_ADP_flag               ? 
_refine.pdbx_diffrn_id                           1 
_refine.overall_SU_B                             ? 
_refine.overall_SU_ML                            0.3400 
_refine.overall_SU_R_Cruickshank_DPI             ? 
_refine.overall_SU_R_free                        ? 
_refine.overall_FOM_free_R_set                   ? 
_refine.overall_FOM_work_R_set                   ? 
_refine.pdbx_average_fsc_overall                 ? 
_refine.pdbx_average_fsc_work                    ? 
_refine.pdbx_average_fsc_free                    ? 
# 
_refine_hist.pdbx_refine_id                   'X-RAY DIFFRACTION' 
_refine_hist.cycle_id                         final 
_refine_hist.details                          ? 
_refine_hist.d_res_high                       3.0050 
_refine_hist.d_res_low                        45.3270 
_refine_hist.number_atoms_solvent             0 
_refine_hist.number_atoms_total               862 
_refine_hist.number_reflns_all                ? 
_refine_hist.number_reflns_obs                ? 
_refine_hist.number_reflns_R_free             ? 
_refine_hist.number_reflns_R_work             ? 
_refine_hist.R_factor_all                     ? 
_refine_hist.R_factor_obs                     ? 
_refine_hist.R_factor_R_free                  ? 
_refine_hist.R_factor_R_work                  ? 
_refine_hist.pdbx_number_residues_total       42 
_refine_hist.pdbx_B_iso_mean_ligand           115.49 
_refine_hist.pdbx_B_iso_mean_solvent          ? 
_refine_hist.pdbx_number_atoms_protein        0 
_refine_hist.pdbx_number_atoms_nucleic_acid   858 
_refine_hist.pdbx_number_atoms_ligand         4 
_refine_hist.pdbx_number_atoms_lipid          ? 
_refine_hist.pdbx_number_atoms_carb           ? 
_refine_hist.pdbx_pseudo_atom_details         ? 
# 
loop_
_refine_ls_restr.pdbx_refine_id 
_refine_ls_restr.criterion 
_refine_ls_restr.dev_ideal 
_refine_ls_restr.dev_ideal_target 
_refine_ls_restr.number 
_refine_ls_restr.rejects 
_refine_ls_restr.type 
_refine_ls_restr.weight 
_refine_ls_restr.pdbx_restraint_function 
'X-RAY DIFFRACTION' ? 0.007  ? 960  ? f_bond_d           ? ? 
'X-RAY DIFFRACTION' ? 0.764  ? 1474 ? f_angle_d          ? ? 
'X-RAY DIFFRACTION' ? 0.039  ? 166  ? f_chiral_restr     ? ? 
'X-RAY DIFFRACTION' ? 0.004  ? 42   ? f_plane_restr      ? ? 
'X-RAY DIFFRACTION' ? 35.037 ? 406  ? f_dihedral_angle_d ? ? 
# 
loop_
_refine_ls_shell.pdbx_refine_id 
_refine_ls_shell.d_res_high 
_refine_ls_shell.d_res_low 
_refine_ls_shell.number_reflns_all 
_refine_ls_shell.number_reflns_obs 
_refine_ls_shell.number_reflns_R_free 
_refine_ls_shell.number_reflns_R_work 
_refine_ls_shell.percent_reflns_obs 
_refine_ls_shell.percent_reflns_R_free 
_refine_ls_shell.R_factor_all 
_refine_ls_shell.R_factor_obs 
_refine_ls_shell.R_factor_R_free 
_refine_ls_shell.R_factor_R_free_error 
_refine_ls_shell.R_factor_R_work 
_refine_ls_shell.redundancy_reflns_all 
_refine_ls_shell.redundancy_reflns_obs 
_refine_ls_shell.wR_factor_all 
_refine_ls_shell.wR_factor_obs 
_refine_ls_shell.wR_factor_R_free 
_refine_ls_shell.wR_factor_R_work 
_refine_ls_shell.pdbx_R_complete 
_refine_ls_shell.pdbx_total_number_of_bins_used 
_refine_ls_shell.pdbx_phase_error 
_refine_ls_shell.pdbx_fsc_work 
_refine_ls_shell.pdbx_fsc_free 
'X-RAY DIFFRACTION' 3.005  3.4394 . . 135 1186 83.0000 . . . 0.3752 0.0000 0.2981 . . . . . . . . . . . 
'X-RAY DIFFRACTION' 3.4394 4.3327 . . 154 1420 99.0000 . . . 0.3405 0.0000 0.3059 . . . . . . . . . . . 
'X-RAY DIFFRACTION' 4.3327 45.327 . . 162 1416 99.0000 . . . 0.2442 0.0000 0.1962 . . . . . . . . . . . 
# 
_struct.entry_id                     7JNL 
_struct.title                        
;Self-assembly of a 3D DNA crystal lattice (4x6 scramble duplex version) containing the J34 immobile Holliday junction with R3 symmetry
;
_struct.pdbx_model_details           ? 
_struct.pdbx_formula_weight          ? 
_struct.pdbx_formula_weight_method   ? 
_struct.pdbx_model_type_details      ? 
_struct.pdbx_CASP_flag               N 
# 
_struct_keywords.entry_id        7JNL 
_struct_keywords.text            
'Structural DNA nanotechnology, immobile Holliday junctions, 3D DNA self-assembly, designer DNA crystals, DNA' 
_struct_keywords.pdbx_keywords   DNA 
# 
loop_
_struct_asym.id 
_struct_asym.pdbx_blank_PDB_chainid_flag 
_struct_asym.pdbx_modified 
_struct_asym.entity_id 
_struct_asym.details 
A N N 1 ? 
B N N 2 ? 
C N N 3 ? 
D N N 4 ? 
E N N 5 ? 
F N N 6 ? 
G N N 6 ? 
H N N 5 ? 
# 
loop_
_struct_conn.id 
_struct_conn.conn_type_id 
_struct_conn.pdbx_leaving_atom_flag 
_struct_conn.pdbx_PDB_id 
_struct_conn.ptnr1_label_asym_id 
_struct_conn.ptnr1_label_comp_id 
_struct_conn.ptnr1_label_seq_id 
_struct_conn.ptnr1_label_atom_id 
_struct_conn.pdbx_ptnr1_label_alt_id 
_struct_conn.pdbx_ptnr1_PDB_ins_code 
_struct_conn.pdbx_ptnr1_standard_comp_id 
_struct_conn.ptnr1_symmetry 
_struct_conn.ptnr2_label_asym_id 
_struct_conn.ptnr2_label_comp_id 
_struct_conn.ptnr2_label_seq_id 
_struct_conn.ptnr2_label_atom_id 
_struct_conn.pdbx_ptnr2_label_alt_id 
_struct_conn.pdbx_ptnr2_PDB_ins_code 
_struct_conn.ptnr1_auth_asym_id 
_struct_conn.ptnr1_auth_comp_id 
_struct_conn.ptnr1_auth_seq_id 
_struct_conn.ptnr2_auth_asym_id 
_struct_conn.ptnr2_auth_comp_id 
_struct_conn.ptnr2_auth_seq_id 
_struct_conn.ptnr2_symmetry 
_struct_conn.pdbx_ptnr3_label_atom_id 
_struct_conn.pdbx_ptnr3_label_seq_id 
_struct_conn.pdbx_ptnr3_label_comp_id 
_struct_conn.pdbx_ptnr3_label_asym_id 
_struct_conn.pdbx_ptnr3_label_alt_id 
_struct_conn.pdbx_ptnr3_PDB_ins_code 
_struct_conn.details 
_struct_conn.pdbx_dist_value 
_struct_conn.pdbx_value_order 
_struct_conn.pdbx_role 
hydrog1  hydrog ? ? A DA 3  N1 ? ? ? 1_555 C DT 7 N3 ? ? B DA 9  D DT 42 1_555 ? ? ? ? ? ? WATSON-CRICK    ? ? ? 
hydrog2  hydrog ? ? A DA 3  N6 ? ? ? 1_555 C DT 7 O4 ? ? B DA 9  D DT 42 1_555 ? ? ? ? ? ? WATSON-CRICK    ? ? ? 
hydrog3  hydrog ? ? A DC 4  N3 ? ? ? 1_555 C DG 6 N1 ? ? B DC 10 D DG 41 1_555 ? ? ? ? ? ? WATSON-CRICK    ? ? ? 
hydrog4  hydrog ? ? A DC 4  N4 ? ? ? 1_555 C DG 6 O6 ? ? B DC 10 D DG 41 1_555 ? ? ? ? ? ? WATSON-CRICK    ? ? ? 
hydrog5  hydrog ? ? A DC 4  O2 ? ? ? 1_555 C DG 6 N2 ? ? B DC 10 D DG 41 1_555 ? ? ? ? ? ? WATSON-CRICK    ? ? ? 
hydrog6  hydrog ? ? A DG 5  N1 ? ? ? 1_555 C DC 5 N3 ? ? B DG 11 D DC 40 1_555 ? ? ? ? ? ? WATSON-CRICK    ? ? ? 
hydrog7  hydrog ? ? A DG 5  N2 ? ? ? 1_555 C DC 5 O2 ? ? B DG 11 D DC 40 1_555 ? ? ? ? ? ? WATSON-CRICK    ? ? ? 
hydrog8  hydrog ? ? A DG 5  O6 ? ? ? 1_555 C DC 5 N4 ? ? B DG 11 D DC 40 1_555 ? ? ? ? ? ? WATSON-CRICK    ? ? ? 
hydrog9  hydrog ? ? A DA 6  N1 ? ? ? 1_555 C DT 4 N3 ? ? B DA 12 D DT 39 1_555 ? ? ? ? ? ? WATSON-CRICK    ? ? ? 
hydrog10 hydrog ? ? A DA 6  N6 ? ? ? 1_555 C DT 4 O4 ? ? B DA 12 D DT 39 1_555 ? ? ? ? ? ? WATSON-CRICK    ? ? ? 
hydrog11 hydrog ? ? A DC 7  N3 ? ? ? 1_555 C DG 3 N1 ? ? B DC 13 D DG 38 1_555 ? ? ? ? ? ? WATSON-CRICK    ? ? ? 
hydrog12 hydrog ? ? A DC 7  N4 ? ? ? 1_555 C DG 3 O6 ? ? B DC 13 D DG 38 1_555 ? ? ? ? ? ? WATSON-CRICK    ? ? ? 
hydrog13 hydrog ? ? A DC 7  O2 ? ? ? 1_555 C DG 3 N2 ? ? B DC 13 D DG 38 1_555 ? ? ? ? ? ? WATSON-CRICK    ? ? ? 
hydrog14 hydrog ? ? A DA 8  N1 ? ? ? 1_555 C DT 2 N3 ? ? B DA 14 D DT 37 1_555 ? ? ? ? ? ? WATSON-CRICK    ? ? ? 
hydrog15 hydrog ? ? A DA 8  N6 ? ? ? 1_555 C DT 2 O4 ? ? B DA 14 D DT 37 1_555 ? ? ? ? ? ? WATSON-CRICK    ? ? ? 
hydrog16 hydrog ? ? A DA 9  N1 ? ? ? 1_555 C DT 1 N3 ? ? B DA 15 D DT 36 1_555 ? ? ? ? ? ? WATSON-CRICK    ? ? ? 
hydrog17 hydrog ? ? A DA 9  N6 ? ? ? 1_555 C DT 1 O4 ? ? B DA 15 D DT 36 1_555 ? ? ? ? ? ? WATSON-CRICK    ? ? ? 
hydrog18 hydrog ? ? A DA 10 N1 ? ? ? 1_555 D DT 6 N3 ? ? B DA 16 A DT 6  1_555 ? ? ? ? ? ? WATSON-CRICK    ? ? ? 
hydrog19 hydrog ? ? A DA 10 N6 ? ? ? 1_555 D DT 6 O4 ? ? B DA 16 A DT 6  1_555 ? ? ? ? ? ? WATSON-CRICK    ? ? ? 
hydrog20 hydrog ? ? A DG 11 N1 ? ? ? 1_555 D DC 5 N3 ? ? B DG 17 A DC 5  1_555 ? ? ? ? ? ? WATSON-CRICK    ? ? ? 
hydrog21 hydrog ? ? A DG 11 N2 ? ? ? 1_555 D DC 5 O2 ? ? B DG 17 A DC 5  1_555 ? ? ? ? ? ? WATSON-CRICK    ? ? ? 
hydrog22 hydrog ? ? A DG 11 O6 ? ? ? 1_555 D DC 5 N4 ? ? B DG 17 A DC 5  1_555 ? ? ? ? ? ? WATSON-CRICK    ? ? ? 
hydrog23 hydrog ? ? A DA 12 N1 ? ? ? 1_555 D DT 4 N3 ? ? B DA 18 A DT 4  1_555 ? ? ? ? ? ? WATSON-CRICK    ? ? ? 
hydrog24 hydrog ? ? A DA 12 N6 ? ? ? 1_555 D DT 4 O4 ? ? B DA 18 A DT 4  1_555 ? ? ? ? ? ? WATSON-CRICK    ? ? ? 
hydrog25 hydrog ? ? A DC 13 N3 ? ? ? 1_555 D DG 3 N1 ? ? B DC 19 A DG 3  1_555 ? ? ? ? ? ? WATSON-CRICK    ? ? ? 
hydrog26 hydrog ? ? A DC 13 N4 ? ? ? 1_555 D DG 3 O6 ? ? B DC 19 A DG 3  1_555 ? ? ? ? ? ? WATSON-CRICK    ? ? ? 
hydrog27 hydrog ? ? A DC 13 O2 ? ? ? 1_555 D DG 3 N2 ? ? B DC 19 A DG 3  1_555 ? ? ? ? ? ? WATSON-CRICK    ? ? ? 
hydrog28 hydrog ? ? A DG 14 N1 ? ? ? 1_555 D DC 2 N3 ? ? B DG 20 A DC 2  1_555 ? ? ? ? ? ? WATSON-CRICK    ? ? ? 
hydrog29 hydrog ? ? A DG 14 N2 ? ? ? 1_555 D DC 2 O2 ? ? B DG 20 A DC 2  1_555 ? ? ? ? ? ? WATSON-CRICK    ? ? ? 
hydrog30 hydrog ? ? A DG 14 O6 ? ? ? 1_555 D DC 2 N4 ? ? B DG 20 A DC 2  1_555 ? ? ? ? ? ? WATSON-CRICK    ? ? ? 
hydrog31 hydrog ? ? A DT 15 N3 ? ? ? 1_555 D DA 1 N1 ? ? B DT 21 A DA 1  1_555 ? ? ? ? ? ? WATSON-CRICK    ? ? ? 
hydrog32 hydrog ? ? A DT 15 O4 ? ? ? 1_555 D DA 1 N6 ? ? B DT 21 A DA 1  1_555 ? ? ? ? ? ? WATSON-CRICK    ? ? ? 
hydrog33 hydrog ? ? A DC 16 N3 ? ? ? 1_555 B DG 8 N1 ? ? B DC 22 C DG 35 1_555 ? ? ? ? ? ? WATSON-CRICK    ? ? ? 
hydrog34 hydrog ? ? A DC 16 N4 ? ? ? 1_555 B DG 8 O6 ? ? B DC 22 C DG 35 1_555 ? ? ? ? ? ? WATSON-CRICK    ? ? ? 
hydrog35 hydrog ? ? A DC 16 O2 ? ? ? 1_555 B DG 8 N2 ? ? B DC 22 C DG 35 1_555 ? ? ? ? ? ? WATSON-CRICK    ? ? ? 
hydrog36 hydrog ? ? A DG 17 N1 ? ? ? 1_555 B DC 7 N3 ? ? B DG 23 C DC 34 1_555 ? ? ? ? ? ? WATSON-CRICK    ? ? ? 
hydrog37 hydrog ? ? A DG 17 N2 ? ? ? 1_555 B DC 7 O2 ? ? B DG 23 C DC 34 1_555 ? ? ? ? ? ? WATSON-CRICK    ? ? ? 
hydrog38 hydrog ? ? A DG 17 O6 ? ? ? 1_555 B DC 7 N4 ? ? B DG 23 C DC 34 1_555 ? ? ? ? ? ? WATSON-CRICK    ? ? ? 
hydrog39 hydrog ? ? A DA 18 N1 ? ? ? 1_555 B DT 6 N3 ? ? B DA 24 C DT 33 1_555 ? ? ? ? ? ? WATSON-CRICK    ? ? ? 
hydrog40 hydrog ? ? A DA 18 N6 ? ? ? 1_555 B DT 6 O4 ? ? B DA 24 C DT 33 1_555 ? ? ? ? ? ? WATSON-CRICK    ? ? ? 
hydrog41 hydrog ? ? A DG 19 N1 ? ? ? 1_555 B DG 5 O6 ? ? B DG 25 C DG 32 1_555 ? ? ? ? ? ? 'DG-DG MISPAIR' ? ? ? 
hydrog42 hydrog ? ? A DT 20 N3 ? ? ? 1_555 B DA 4 N1 ? ? B DT 26 C DA 31 1_555 ? ? ? ? ? ? WATSON-CRICK    ? ? ? 
hydrog43 hydrog ? ? A DT 20 O4 ? ? ? 1_555 B DA 4 N6 ? ? B DT 26 C DA 31 1_555 ? ? ? ? ? ? WATSON-CRICK    ? ? ? 
hydrog44 hydrog ? ? A DC 21 N3 ? ? ? 1_555 B DG 3 N1 ? ? B DC 27 C DG 30 1_555 ? ? ? ? ? ? WATSON-CRICK    ? ? ? 
hydrog45 hydrog ? ? A DC 21 N4 ? ? ? 1_555 B DG 3 O6 ? ? B DC 27 C DG 30 1_555 ? ? ? ? ? ? WATSON-CRICK    ? ? ? 
hydrog46 hydrog ? ? A DC 21 O2 ? ? ? 1_555 B DG 3 N2 ? ? B DC 27 C DG 30 1_555 ? ? ? ? ? ? WATSON-CRICK    ? ? ? 
# 
_struct_conn_type.id          hydrog 
_struct_conn_type.criteria    ? 
_struct_conn_type.reference   ? 
# 
_atom_sites.entry_id                    7JNL 
_atom_sites.Cartn_transf_matrix[1][1]   ? 
_atom_sites.Cartn_transf_matrix[1][2]   ? 
_atom_sites.Cartn_transf_matrix[1][3]   ? 
_atom_sites.Cartn_transf_matrix[2][1]   ? 
_atom_sites.Cartn_transf_matrix[2][2]   ? 
_atom_sites.Cartn_transf_matrix[2][3]   ? 
_atom_sites.Cartn_transf_matrix[3][1]   ? 
_atom_sites.Cartn_transf_matrix[3][2]   ? 
_atom_sites.Cartn_transf_matrix[3][3]   ? 
_atom_sites.Cartn_transf_vector[1]      ? 
_atom_sites.Cartn_transf_vector[2]      ? 
_atom_sites.Cartn_transf_vector[3]      ? 
_atom_sites.fract_transf_matrix[1][1]   0.00332354 
_atom_sites.fract_transf_matrix[1][2]   -0.00668438 
_atom_sites.fract_transf_matrix[1][3]   -0.00713814 
_atom_sites.fract_transf_matrix[2][1]   0.00768697 
_atom_sites.fract_transf_matrix[2][2]   -0.00653130 
_atom_sites.fract_transf_matrix[2][3]   0.00222280 
_atom_sites.fract_transf_matrix[3][1]   -0.01297221 
_atom_sites.fract_transf_matrix[3][2]   -0.01313656 
_atom_sites.fract_transf_matrix[3][3]   0.00626159 
_atom_sites.fract_transf_vector[1]      0.350823 
_atom_sites.fract_transf_vector[2]      -0.068769 
_atom_sites.fract_transf_vector[3]      0.203378 
_atom_sites.solution_primary            ? 
_atom_sites.solution_secondary          ? 
_atom_sites.solution_hydrogens          ? 
_atom_sites.special_details             ? 
# 
loop_
_atom_type.symbol 
AS 
C  
MG 
N  
O  
P  
# 
loop_
_atom_site.group_PDB 
_atom_site.id 
_atom_site.type_symbol 
_atom_site.label_atom_id 
_atom_site.label_alt_id 
_atom_site.label_comp_id 
_atom_site.label_asym_id 
_atom_site.label_entity_id 
_atom_site.label_seq_id 
_atom_site.pdbx_PDB_ins_code 
_atom_site.Cartn_x 
_atom_site.Cartn_y 
_atom_site.Cartn_z 
_atom_site.occupancy 
_atom_site.B_iso_or_equiv 
_atom_site.pdbx_formal_charge 
_atom_site.auth_seq_id 
_atom_site.auth_comp_id 
_atom_site.auth_asym_id 
_atom_site.auth_atom_id 
_atom_site.pdbx_PDB_model_num 
ATOM   1   O  "O5'" . DG  A 1 1  ? 5.000   -31.855 -13.130 1.00 102.23 ? 7   DG  B "O5'" 1 
ATOM   2   C  "C5'" . DG  A 1 1  ? 6.236   -32.561 -13.045 1.00 104.98 ? 7   DG  B "C5'" 1 
ATOM   3   C  "C4'" . DG  A 1 1  ? 7.321   -31.848 -13.833 1.00 106.51 ? 7   DG  B "C4'" 1 
ATOM   4   O  "O4'" . DG  A 1 1  ? 6.884   -31.684 -15.213 1.00 102.51 ? 7   DG  B "O4'" 1 
ATOM   5   C  "C3'" . DG  A 1 1  ? 7.668   -30.447 -13.324 1.00 107.77 ? 7   DG  B "C3'" 1 
ATOM   6   O  "O3'" . DG  A 1 1  ? 9.072   -30.201 -13.446 1.00 111.45 ? 7   DG  B "O3'" 1 
ATOM   7   C  "C2'" . DG  A 1 1  ? 6.855   -29.540 -14.237 1.00 102.91 ? 7   DG  B "C2'" 1 
ATOM   8   C  "C1'" . DG  A 1 1  ? 6.873   -30.310 -15.554 1.00 95.78  ? 7   DG  B "C1'" 1 
ATOM   9   N  N9    . DG  A 1 1  ? 5.702   -30.041 -16.380 1.00 81.64  ? 7   DG  B N9    1 
ATOM   10  C  C8    . DG  A 1 1  ? 4.399   -30.360 -16.087 1.00 81.96  ? 7   DG  B C8    1 
ATOM   11  N  N7    . DG  A 1 1  ? 3.552   -29.983 -17.004 1.00 78.96  ? 7   DG  B N7    1 
ATOM   12  C  C5    . DG  A 1 1  ? 4.341   -29.367 -17.962 1.00 77.76  ? 7   DG  B C5    1 
ATOM   13  C  C6    . DG  A 1 1  ? 3.975   -28.762 -19.186 1.00 77.32  ? 7   DG  B C6    1 
ATOM   14  O  O6    . DG  A 1 1  ? 2.842   -28.653 -19.673 1.00 74.55  ? 7   DG  B O6    1 
ATOM   15  N  N1    . DG  A 1 1  ? 5.085   -28.254 -19.866 1.00 76.38  ? 7   DG  B N1    1 
ATOM   16  C  C2    . DG  A 1 1  ? 6.384   -28.322 -19.412 1.00 80.20  ? 7   DG  B C2    1 
ATOM   17  N  N2    . DG  A 1 1  ? 7.320   -27.775 -20.204 1.00 82.08  ? 7   DG  B N2    1 
ATOM   18  N  N3    . DG  A 1 1  ? 6.741   -28.890 -18.260 1.00 81.74  ? 7   DG  B N3    1 
ATOM   19  C  C4    . DG  A 1 1  ? 5.670   -29.390 -17.592 1.00 80.49  ? 7   DG  B C4    1 
ATOM   20  P  P     . DA  A 1 2  ? 9.776   -29.076 -12.537 1.00 124.34 ? 8   DA  B P     1 
ATOM   21  O  OP1   . DA  A 1 2  ? 10.917  -29.709 -11.837 1.00 120.16 ? 8   DA  B OP1   1 
ATOM   22  O  OP2   . DA  A 1 2  ? 8.710   -28.409 -11.750 1.00 119.22 ? 8   DA  B OP2   1 
ATOM   23  O  "O5'" . DA  A 1 2  ? 10.339  -28.011 -13.595 1.00 114.96 ? 8   DA  B "O5'" 1 
ATOM   24  C  "C5'" . DA  A 1 2  ? 11.502  -28.311 -14.365 1.00 111.82 ? 8   DA  B "C5'" 1 
ATOM   25  C  "C4'" . DA  A 1 2  ? 11.647  -27.341 -15.528 1.00 116.43 ? 8   DA  B "C4'" 1 
ATOM   26  O  "O4'" . DA  A 1 2  ? 10.435  -27.351 -16.327 1.00 110.56 ? 8   DA  B "O4'" 1 
ATOM   27  C  "C3'" . DA  A 1 2  ? 11.868  -25.881 -15.133 1.00 120.45 ? 8   DA  B "C3'" 1 
ATOM   28  O  "O3'" . DA  A 1 2  ? 12.739  -25.255 -16.064 1.00 126.41 ? 8   DA  B "O3'" 1 
ATOM   29  C  "C2'" . DA  A 1 2  ? 10.463  -25.296 -15.211 1.00 111.41 ? 8   DA  B "C2'" 1 
ATOM   30  C  "C1'" . DA  A 1 2  ? 9.912   -26.039 -16.411 1.00 103.76 ? 8   DA  B "C1'" 1 
ATOM   31  N  N9    . DA  A 1 2  ? 8.461   -26.124 -16.419 1.00 98.80  ? 8   DA  B N9    1 
ATOM   32  C  C8    . DA  A 1 2  ? 7.663   -26.672 -15.457 1.00 95.91  ? 8   DA  B C8    1 
ATOM   33  N  N7    . DA  A 1 2  ? 6.379   -26.613 -15.733 1.00 90.29  ? 8   DA  B N7    1 
ATOM   34  C  C5    . DA  A 1 2  ? 6.335   -25.976 -16.961 1.00 85.90  ? 8   DA  B C5    1 
ATOM   35  C  C6    . DA  A 1 2  ? 5.267   -25.610 -17.799 1.00 85.09  ? 8   DA  B C6    1 
ATOM   36  N  N6    . DA  A 1 2  ? 3.981   -25.848 -17.502 1.00 81.34  ? 8   DA  B N6    1 
ATOM   37  N  N1    . DA  A 1 2  ? 5.571   -24.984 -18.959 1.00 86.82  ? 8   DA  B N1    1 
ATOM   38  C  C2    . DA  A 1 2  ? 6.860   -24.749 -19.251 1.00 89.25  ? 8   DA  B C2    1 
ATOM   39  N  N3    . DA  A 1 2  ? 7.947   -25.047 -18.542 1.00 89.03  ? 8   DA  B N3    1 
ATOM   40  C  C4    . DA  A 1 2  ? 7.611   -25.667 -17.398 1.00 91.30  ? 8   DA  B C4    1 
ATOM   41  P  P     . DA  A 1 3  ? 13.174  -23.722 -15.856 1.00 133.82 ? 9   DA  B P     1 
ATOM   42  O  OP1   . DA  A 1 3  ? 14.572  -23.589 -16.333 1.00 132.68 ? 9   DA  B OP1   1 
ATOM   43  O  OP2   . DA  A 1 3  ? 12.808  -23.318 -14.478 1.00 124.62 ? 9   DA  B OP2   1 
ATOM   44  O  "O5'" . DA  A 1 3  ? 12.228  -22.911 -16.852 1.00 115.07 ? 9   DA  B "O5'" 1 
ATOM   45  C  "C5'" . DA  A 1 3  ? 12.714  -22.524 -18.125 1.00 116.49 ? 9   DA  B "C5'" 1 
ATOM   46  C  "C4'" . DA  A 1 3  ? 11.804  -21.482 -18.743 1.00 114.15 ? 9   DA  B "C4'" 1 
ATOM   47  O  "O4'" . DA  A 1 3  ? 10.482  -22.032 -18.879 1.00 108.66 ? 9   DA  B "O4'" 1 
ATOM   48  C  "C3'" . DA  A 1 3  ? 11.632  -20.219 -17.911 1.00 113.65 ? 9   DA  B "C3'" 1 
ATOM   49  O  "O3'" . DA  A 1 3  ? 12.584  -19.214 -18.320 1.00 115.48 ? 9   DA  B "O3'" 1 
ATOM   50  C  "C2'" . DA  A 1 3  ? 10.180  -19.787 -18.163 1.00 102.93 ? 9   DA  B "C2'" 1 
ATOM   51  C  "C1'" . DA  A 1 3  ? 9.519   -21.006 -18.808 1.00 96.37  ? 9   DA  B "C1'" 1 
ATOM   52  N  N9    . DA  A 1 3  ? 8.382   -21.517 -18.055 1.00 92.98  ? 9   DA  B N9    1 
ATOM   53  C  C8    . DA  A 1 3  ? 8.425   -22.204 -16.874 1.00 94.32  ? 9   DA  B C8    1 
ATOM   54  N  N7    . DA  A 1 3  ? 7.245   -22.556 -16.422 1.00 91.01  ? 9   DA  B N7    1 
ATOM   55  C  C5    . DA  A 1 3  ? 6.366   -22.074 -17.375 1.00 86.91  ? 9   DA  B C5    1 
ATOM   56  C  C6    . DA  A 1 3  ? 4.961   -22.127 -17.480 1.00 88.16  ? 9   DA  B C6    1 
ATOM   57  N  N6    . DA  A 1 3  ? 4.176   -22.713 -16.566 1.00 87.68  ? 9   DA  B N6    1 
ATOM   58  N  N1    . DA  A 1 3  ? 4.393   -21.546 -18.564 1.00 87.89  ? 9   DA  B N1    1 
ATOM   59  C  C2    . DA  A 1 3  ? 5.188   -20.957 -19.475 1.00 88.15  ? 9   DA  B C2    1 
ATOM   60  N  N3    . DA  A 1 3  ? 6.518   -20.846 -19.481 1.00 86.15  ? 9   DA  B N3    1 
ATOM   61  C  C4    . DA  A 1 3  ? 7.050   -21.433 -18.394 1.00 87.78  ? 9   DA  B C4    1 
ATOM   62  P  P     . DC  A 1 4  ? 12.421  -18.400 -19.704 1.00 114.30 ? 10  DC  B P     1 
ATOM   63  O  OP1   . DC  A 1 4  ? 11.981  -19.313 -20.779 1.00 121.09 ? 10  DC  B OP1   1 
ATOM   64  O  OP2   . DC  A 1 4  ? 13.659  -17.613 -19.892 1.00 105.80 ? 10  DC  B OP2   1 
ATOM   65  O  "O5'" . DC  A 1 4  ? 11.221  -17.381 -19.440 1.00 102.93 ? 10  DC  B "O5'" 1 
ATOM   66  C  "C5'" . DC  A 1 4  ? 11.141  -16.196 -20.188 1.00 108.85 ? 10  DC  B "C5'" 1 
ATOM   67  C  "C4'" . DC  A 1 4  ? 9.699   -15.854 -20.504 1.00 109.42 ? 10  DC  B "C4'" 1 
ATOM   68  O  "O4'" . DC  A 1 4  ? 8.844   -16.972 -20.202 1.00 103.07 ? 10  DC  B "O4'" 1 
ATOM   69  C  "C3'" . DC  A 1 4  ? 9.098   -14.732 -19.685 1.00 108.78 ? 10  DC  B "C3'" 1 
ATOM   70  O  "O3'" . DC  A 1 4  ? 9.552   -13.444 -20.168 1.00 109.66 ? 10  DC  B "O3'" 1 
ATOM   71  C  "C2'" . DC  A 1 4  ? 7.597   -14.964 -19.902 1.00 102.14 ? 10  DC  B "C2'" 1 
ATOM   72  C  "C1'" . DC  A 1 4  ? 7.511   -16.486 -20.081 1.00 98.62  ? 10  DC  B "C1'" 1 
ATOM   73  N  N1    . DC  A 1 4  ? 6.832   -17.200 -18.956 1.00 93.85  ? 10  DC  B N1    1 
ATOM   74  C  C2    . DC  A 1 4  ? 5.439   -17.348 -18.966 1.00 91.20  ? 10  DC  B C2    1 
ATOM   75  O  O2    . DC  A 1 4  ? 4.790   -16.870 -19.904 1.00 95.51  ? 10  DC  B O2    1 
ATOM   76  N  N3    . DC  A 1 4  ? 4.841   -18.008 -17.944 1.00 83.12  ? 10  DC  B N3    1 
ATOM   77  C  C4    . DC  A 1 4  ? 5.578   -18.508 -16.949 1.00 85.29  ? 10  DC  B C4    1 
ATOM   78  N  N4    . DC  A 1 4  ? 4.945   -19.154 -15.962 1.00 88.99  ? 10  DC  B N4    1 
ATOM   79  C  C5    . DC  A 1 4  ? 6.994   -18.372 -16.922 1.00 86.54  ? 10  DC  B C5    1 
ATOM   80  C  C6    . DC  A 1 4  ? 7.571   -17.715 -17.934 1.00 94.51  ? 10  DC  B C6    1 
ATOM   81  P  P     . DG  A 1 5  ? 8.944   -12.764 -21.500 1.00 123.67 ? 11  DG  B P     1 
ATOM   82  O  OP1   . DG  A 1 5  ? 8.801   -13.782 -22.568 1.00 118.03 ? 11  DG  B OP1   1 
ATOM   83  O  OP2   . DG  A 1 5  ? 9.774   -11.567 -21.768 1.00 120.97 ? 11  DG  B OP2   1 
ATOM   84  O  "O5'" . DG  A 1 5  ? 7.490   -12.244 -21.056 1.00 113.29 ? 11  DG  B "O5'" 1 
ATOM   85  C  "C5'" . DG  A 1 5  ? 6.451   -12.135 -22.022 1.00 110.77 ? 11  DG  B "C5'" 1 
ATOM   86  C  "C4'" . DG  A 1 5  ? 5.077   -12.118 -21.364 1.00 110.93 ? 11  DG  B "C4'" 1 
ATOM   87  O  "O4'" . DG  A 1 5  ? 4.982   -13.177 -20.371 1.00 105.55 ? 11  DG  B "O4'" 1 
ATOM   88  C  "C3'" . DG  A 1 5  ? 4.710   -10.818 -20.631 1.00 109.08 ? 11  DG  B "C3'" 1 
ATOM   89  O  "O3'" . DG  A 1 5  ? 3.392   -10.435 -20.988 1.00 110.98 ? 11  DG  B "O3'" 1 
ATOM   90  C  "C2'" . DG  A 1 5  ? 4.789   -11.215 -19.157 1.00 104.73 ? 11  DG  B "C2'" 1 
ATOM   91  C  "C1'" . DG  A 1 5  ? 4.337   -12.661 -19.234 1.00 103.29 ? 11  DG  B "C1'" 1 
ATOM   92  N  N9    . DG  A 1 5  ? 4.713   -13.461 -18.076 1.00 95.90  ? 11  DG  B N9    1 
ATOM   93  C  C8    . DG  A 1 5  ? 5.974   -13.649 -17.571 1.00 94.33  ? 11  DG  B C8    1 
ATOM   94  N  N7    . DG  A 1 5  ? 6.006   -14.423 -16.523 1.00 90.75  ? 11  DG  B N7    1 
ATOM   95  C  C5    . DG  A 1 5  ? 4.675   -14.756 -16.309 1.00 89.61  ? 11  DG  B C5    1 
ATOM   96  C  C6    . DG  A 1 5  ? 4.094   -15.567 -15.312 1.00 88.85  ? 11  DG  B C6    1 
ATOM   97  O  O6    . DG  A 1 5  ? 4.661   -16.167 -14.386 1.00 89.24  ? 11  DG  B O6    1 
ATOM   98  N  N1    . DG  A 1 5  ? 2.705   -15.643 -15.456 1.00 86.06  ? 11  DG  B N1    1 
ATOM   99  C  C2    . DG  A 1 5  ? 1.981   -15.016 -16.444 1.00 89.58  ? 11  DG  B C2    1 
ATOM   100 N  N2    . DG  A 1 5  ? 0.650   -15.203 -16.423 1.00 90.86  ? 11  DG  B N2    1 
ATOM   101 N  N3    . DG  A 1 5  ? 2.521   -14.256 -17.387 1.00 87.69  ? 11  DG  B N3    1 
ATOM   102 C  C4    . DG  A 1 5  ? 3.866   -14.170 -17.255 1.00 90.48  ? 11  DG  B C4    1 
ATOM   103 P  P     . DA  A 1 6  ? 2.872   -8.937  -20.725 1.00 119.75 ? 12  DA  B P     1 
ATOM   104 O  OP1   . DA  A 1 6  ? 2.883   -8.223  -22.021 1.00 118.37 ? 12  DA  B OP1   1 
ATOM   105 O  OP2   . DA  A 1 6  ? 3.626   -8.383  -19.578 1.00 117.56 ? 12  DA  B OP2   1 
ATOM   106 O  "O5'" . DA  A 1 6  ? 1.346   -9.138  -20.281 1.00 110.11 ? 12  DA  B "O5'" 1 
ATOM   107 C  "C5'" . DA  A 1 6  ? 0.862   -10.437 -19.962 1.00 102.06 ? 12  DA  B "C5'" 1 
ATOM   108 C  "C4'" . DA  A 1 6  ? -0.280  -10.351 -18.972 1.00 106.10 ? 12  DA  B "C4'" 1 
ATOM   109 O  "O4'" . DA  A 1 6  ? 0.012   -11.217 -17.844 1.00 103.92 ? 12  DA  B "O4'" 1 
ATOM   110 C  "C3'" . DA  A 1 6  ? -0.480  -8.970  -18.360 1.00 111.83 ? 12  DA  B "C3'" 1 
ATOM   111 O  "O3'" . DA  A 1 6  ? -1.813  -8.847  -17.833 1.00 117.08 ? 12  DA  B "O3'" 1 
ATOM   112 C  "C2'" . DA  A 1 6  ? 0.543   -9.009  -17.241 1.00 107.85 ? 12  DA  B "C2'" 1 
ATOM   113 C  "C1'" . DA  A 1 6  ? 0.316   -10.419 -16.713 1.00 103.95 ? 12  DA  B "C1'" 1 
ATOM   114 N  N9    . DA  A 1 6  ? 1.485   -10.969 -16.045 1.00 96.63  ? 12  DA  B N9    1 
ATOM   115 C  C8    . DA  A 1 6  ? 2.795   -10.678 -16.306 1.00 96.99  ? 12  DA  B C8    1 
ATOM   116 N  N7    . DA  A 1 6  ? 3.644   -11.313 -15.533 1.00 94.06  ? 12  DA  B N7    1 
ATOM   117 C  C5    . DA  A 1 6  ? 2.833   -12.065 -14.702 1.00 89.16  ? 12  DA  B C5    1 
ATOM   118 C  C6    . DA  A 1 6  ? 3.120   -12.957 -13.653 1.00 83.58  ? 12  DA  B C6    1 
ATOM   119 N  N6    . DA  A 1 6  ? 4.361   -13.247 -13.258 1.00 84.45  ? 12  DA  B N6    1 
ATOM   120 N  N1    . DA  A 1 6  ? 2.075   -13.542 -13.028 1.00 87.45  ? 12  DA  B N1    1 
ATOM   121 C  C2    . DA  A 1 6  ? 0.830   -13.247 -13.431 1.00 92.12  ? 12  DA  B C2    1 
ATOM   122 N  N3    . DA  A 1 6  ? 0.436   -12.422 -14.404 1.00 92.17  ? 12  DA  B N3    1 
ATOM   123 C  C4    . DA  A 1 6  ? 1.498   -11.860 -15.003 1.00 92.61  ? 12  DA  B C4    1 
ATOM   124 P  P     . DC  A 1 7  ? -2.638  -7.468  -17.978 1.00 127.43 ? 13  DC  B P     1 
ATOM   125 O  OP1   . DC  A 1 7  ? -4.071  -7.767  -17.750 1.00 120.63 ? 13  DC  B OP1   1 
ATOM   126 O  OP2   . DC  A 1 7  ? -2.223  -6.812  -19.237 1.00 122.35 ? 13  DC  B OP2   1 
ATOM   127 O  "O5'" . DC  A 1 7  ? -2.095  -6.543  -16.789 1.00 119.87 ? 13  DC  B "O5'" 1 
ATOM   128 C  "C5'" . DC  A 1 7  ? -1.659  -7.123  -15.569 1.00 112.05 ? 13  DC  B "C5'" 1 
ATOM   129 C  "C4'" . DC  A 1 7  ? -2.744  -7.976  -14.951 1.00 111.18 ? 13  DC  B "C4'" 1 
ATOM   130 O  "O4'" . DC  A 1 7  ? -2.162  -9.211  -14.470 1.00 108.75 ? 13  DC  B "O4'" 1 
ATOM   131 C  "C3'" . DC  A 1 7  ? -3.400  -7.351  -13.741 1.00 109.62 ? 13  DC  B "C3'" 1 
ATOM   132 O  "O3'" . DC  A 1 7  ? -4.684  -7.891  -13.545 1.00 114.54 ? 13  DC  B "O3'" 1 
ATOM   133 C  "C2'" . DC  A 1 7  ? -2.452  -7.757  -12.624 1.00 107.22 ? 13  DC  B "C2'" 1 
ATOM   134 C  "C1'" . DC  A 1 7  ? -2.030  -9.159  -13.058 1.00 105.99 ? 13  DC  B "C1'" 1 
ATOM   135 N  N1    . DC  A 1 7  ? -0.620  -9.469  -12.696 1.00 99.83  ? 13  DC  B N1    1 
ATOM   136 C  C2    . DC  A 1 7  ? -0.351  -10.421 -11.701 1.00 96.04  ? 13  DC  B C2    1 
ATOM   137 O  O2    . DC  A 1 7  ? -1.297  -11.004 -11.152 1.00 96.09  ? 13  DC  B O2    1 
ATOM   138 N  N3    . DC  A 1 7  ? 0.944   -10.679 -11.373 1.00 92.11  ? 13  DC  B N3    1 
ATOM   139 C  C4    . DC  A 1 7  ? 1.937   -10.023 -11.991 1.00 89.25  ? 13  DC  B C4    1 
ATOM   140 N  N4    . DC  A 1 7  ? 3.192   -10.308 -11.640 1.00 85.56  ? 13  DC  B N4    1 
ATOM   141 C  C5    . DC  A 1 7  ? 1.681   -9.045  -12.999 1.00 90.35  ? 13  DC  B C5    1 
ATOM   142 C  C6    . DC  A 1 7  ? 0.402   -8.801  -13.313 1.00 98.10  ? 13  DC  B C6    1 
ATOM   143 P  P     . DA  A 1 8  ? -5.506  -7.505  -12.221 1.00 129.70 ? 14  DA  B P     1 
ATOM   144 O  OP1   . DA  A 1 8  ? -6.946  -7.762  -12.476 1.00 126.15 ? 14  DA  B OP1   1 
ATOM   145 O  OP2   . DA  A 1 8  ? -5.055  -6.157  -11.796 1.00 118.37 ? 14  DA  B OP2   1 
ATOM   146 O  "O5'" . DA  A 1 8  ? -4.977  -8.550  -11.136 1.00 109.66 ? 14  DA  B "O5'" 1 
ATOM   147 C  "C5'" . DA  A 1 8  ? -4.902  -8.176  -9.785  1.00 103.77 ? 14  DA  B "C5'" 1 
ATOM   148 C  "C4'" . DA  A 1 8  ? -4.555  -9.372  -8.933  1.00 100.51 ? 14  DA  B "C4'" 1 
ATOM   149 O  "O4'" . DA  A 1 8  ? -3.176  -9.756  -9.180  1.00 100.36 ? 14  DA  B "O4'" 1 
ATOM   150 C  "C3'" . DA  A 1 8  ? -4.651  -9.130  -7.442  1.00 94.87  ? 14  DA  B "C3'" 1 
ATOM   151 O  "O3'" . DA  A 1 8  ? -4.970  -10.338 -6.791  1.00 96.20  ? 14  DA  B "O3'" 1 
ATOM   152 C  "C2'" . DA  A 1 8  ? -3.241  -8.665  -7.096  1.00 98.14  ? 14  DA  B "C2'" 1 
ATOM   153 C  "C1'" . DA  A 1 8  ? -2.404  -9.551  -8.010  1.00 95.80  ? 14  DA  B "C1'" 1 
ATOM   154 N  N9    . DA  A 1 8  ? -1.132  -8.954  -8.405  1.00 91.76  ? 14  DA  B N9    1 
ATOM   155 C  C8    . DA  A 1 8  ? -0.934  -7.985  -9.350  1.00 94.06  ? 14  DA  B C8    1 
ATOM   156 N  N7    . DA  A 1 8  ? 0.325   -7.642  -9.503  1.00 90.16  ? 14  DA  B N7    1 
ATOM   157 C  C5    . DA  A 1 8  ? 1.001   -8.447  -8.600  1.00 86.42  ? 14  DA  B C5    1 
ATOM   158 C  C6    . DA  A 1 8  ? 2.369   -8.570  -8.276  1.00 84.51  ? 14  DA  B C6    1 
ATOM   159 N  N6    . DA  A 1 8  ? 3.335   -7.846  -8.857  1.00 81.83  ? 14  DA  B N6    1 
ATOM   160 N  N1    . DA  A 1 8  ? 2.706   -9.474  -7.325  1.00 84.91  ? 14  DA  B N1    1 
ATOM   161 C  C2    . DA  A 1 8  ? 1.734   -10.194 -6.746  1.00 87.07  ? 14  DA  B C2    1 
ATOM   162 N  N3    . DA  A 1 8  ? 0.419   -10.165 -6.971  1.00 86.85  ? 14  DA  B N3    1 
ATOM   163 C  C4    . DA  A 1 8  ? 0.117   -9.265  -7.916  1.00 86.79  ? 14  DA  B C4    1 
ATOM   164 P  P     . DA  A 1 9  ? -5.383  -10.324 -5.242  1.00 112.57 ? 15  DA  B P     1 
ATOM   165 O  OP1   . DA  A 1 9  ? -6.187  -11.540 -4.975  1.00 110.48 ? 15  DA  B OP1   1 
ATOM   166 O  OP2   . DA  A 1 9  ? -5.923  -8.978  -4.948  1.00 105.08 ? 15  DA  B OP2   1 
ATOM   167 O  "O5'" . DA  A 1 9  ? -3.994  -10.461 -4.464  1.00 98.71  ? 15  DA  B "O5'" 1 
ATOM   168 C  "C5'" . DA  A 1 9  ? -3.979  -10.390 -3.058  1.00 98.03  ? 15  DA  B "C5'" 1 
ATOM   169 C  "C4'" . DA  A 1 9  ? -2.777  -11.116 -2.497  1.00 96.27  ? 15  DA  B "C4'" 1 
ATOM   170 O  "O4'" . DA  A 1 9  ? -1.630  -10.858 -3.342  1.00 97.48  ? 15  DA  B "O4'" 1 
ATOM   171 C  "C3'" . DA  A 1 9  ? -2.366  -10.663 -1.110  1.00 93.58  ? 15  DA  B "C3'" 1 
ATOM   172 O  "O3'" . DA  A 1 9  ? -1.699  -11.707 -0.433  1.00 97.54  ? 15  DA  B "O3'" 1 
ATOM   173 C  "C2'" . DA  A 1 9  ? -1.423  -9.504  -1.418  1.00 99.87  ? 15  DA  B "C2'" 1 
ATOM   174 C  "C1'" . DA  A 1 9  ? -0.707  -10.016 -2.667  1.00 96.62  ? 15  DA  B "C1'" 1 
ATOM   175 N  N9    . DA  A 1 9  ? -0.298  -8.954  -3.591  1.00 89.43  ? 15  DA  B N9    1 
ATOM   176 C  C8    . DA  A 1 9  ? -1.123  -8.145  -4.321  1.00 93.15  ? 15  DA  B C8    1 
ATOM   177 N  N7    . DA  A 1 9  ? -0.488  -7.281  -5.079  1.00 93.66  ? 15  DA  B N7    1 
ATOM   178 C  C5    . DA  A 1 9  ? 0.849   -7.543  -4.835  1.00 89.88  ? 15  DA  B C5    1 
ATOM   179 C  C6    . DA  A 1 9  ? 2.031   -6.970  -5.343  1.00 82.75  ? 15  DA  B C6    1 
ATOM   180 N  N6    . DA  A 1 9  ? 2.037   -5.968  -6.227  1.00 80.19  ? 15  DA  B N6    1 
ATOM   181 N  N1    . DA  A 1 9  ? 3.209   -7.463  -4.898  1.00 80.81  ? 15  DA  B N1    1 
ATOM   182 C  C2    . DA  A 1 9  ? 3.190   -8.468  -4.009  1.00 86.25  ? 15  DA  B C2    1 
ATOM   183 N  N3    . DA  A 1 9  ? 2.138   -9.087  -3.459  1.00 91.46  ? 15  DA  B N3    1 
ATOM   184 C  C4    . DA  A 1 9  ? 0.986   -8.576  -3.923  1.00 87.63  ? 15  DA  B C4    1 
ATOM   185 P  P     . DA  A 1 10 ? -1.344  -11.539 1.127   1.00 115.96 ? 16  DA  B P     1 
ATOM   186 O  OP1   . DA  A 1 10 ? -1.016  -12.873 1.687   1.00 110.99 ? 16  DA  B OP1   1 
ATOM   187 O  OP2   . DA  A 1 10 ? -2.425  -10.729 1.731   1.00 110.09 ? 16  DA  B OP2   1 
ATOM   188 O  "O5'" . DA  A 1 10 ? -0.020  -10.645 1.118   1.00 101.27 ? 16  DA  B "O5'" 1 
ATOM   189 C  "C5'" . DA  A 1 10 ? 1.138   -11.117 0.457   1.00 96.20  ? 16  DA  B "C5'" 1 
ATOM   190 C  "C4'" . DA  A 1 10 ? 2.370   -10.816 1.278   1.00 98.48  ? 16  DA  B "C4'" 1 
ATOM   191 O  "O4'" . DA  A 1 10 ? 3.219   -9.897  0.553   1.00 104.05 ? 16  DA  B "O4'" 1 
ATOM   192 C  "C3'" . DA  A 1 10 ? 2.098   -10.135 2.602   1.00 95.91  ? 16  DA  B "C3'" 1 
ATOM   193 O  "O3'" . DA  A 1 10 ? 3.158   -10.414 3.505   1.00 97.19  ? 16  DA  B "O3'" 1 
ATOM   194 C  "C2'" . DA  A 1 10 ? 2.050   -8.653  2.208   1.00 98.24  ? 16  DA  B "C2'" 1 
ATOM   195 C  "C1'" . DA  A 1 10 ? 3.063   -8.580  1.060   1.00 96.10  ? 16  DA  B "C1'" 1 
ATOM   196 N  N9    . DA  A 1 10 ? 2.656   -7.712  -0.053  1.00 89.22  ? 16  DA  B N9    1 
ATOM   197 C  C8    . DA  A 1 10 ? 1.407   -7.603  -0.607  1.00 88.79  ? 16  DA  B C8    1 
ATOM   198 N  N7    . DA  A 1 10 ? 1.340   -6.749  -1.605  1.00 84.36  ? 16  DA  B N7    1 
ATOM   199 C  C5    . DA  A 1 10 ? 2.638   -6.271  -1.722  1.00 86.77  ? 16  DA  B C5    1 
ATOM   200 C  C6    . DA  A 1 10 ? 3.241   -5.340  -2.603  1.00 81.39  ? 16  DA  B C6    1 
ATOM   201 N  N6    . DA  A 1 10 ? 2.573   -4.692  -3.568  1.00 75.18  ? 16  DA  B N6    1 
ATOM   202 N  N1    . DA  A 1 10 ? 4.562   -5.097  -2.448  1.00 75.98  ? 16  DA  B N1    1 
ATOM   203 C  C2    . DA  A 1 10 ? 5.228   -5.741  -1.478  1.00 78.24  ? 16  DA  B C2    1 
ATOM   204 N  N3    . DA  A 1 10 ? 4.777   -6.635  -0.597  1.00 85.00  ? 16  DA  B N3    1 
ATOM   205 C  C4    . DA  A 1 10 ? 3.461   -6.860  -0.775  1.00 86.54  ? 16  DA  B C4    1 
ATOM   206 P  P     . DG  A 1 11 ? 3.151   -9.773  4.977   1.00 106.94 ? 17  DG  B P     1 
ATOM   207 O  OP1   . DG  A 1 11 ? 3.852   -10.702 5.896   1.00 101.43 ? 17  DG  B OP1   1 
ATOM   208 O  OP2   . DG  A 1 11 ? 1.756   -9.363  5.259   1.00 93.93  ? 17  DG  B OP2   1 
ATOM   209 O  "O5'" . DG  A 1 11 ? 4.029   -8.447  4.812   1.00 102.60 ? 17  DG  B "O5'" 1 
ATOM   210 C  "C5'" . DG  A 1 11 ? 5.392   -8.550  4.444   1.00 99.34  ? 17  DG  B "C5'" 1 
ATOM   211 C  "C4'" . DG  A 1 11 ? 6.052   -7.186  4.441   1.00 97.59  ? 17  DG  B "C4'" 1 
ATOM   212 O  "O4'" . DG  A 1 11 ? 5.677   -6.455  3.245   1.00 98.96  ? 17  DG  B "O4'" 1 
ATOM   213 C  "C3'" . DG  A 1 11 ? 5.695   -6.291  5.623   1.00 95.99  ? 17  DG  B "C3'" 1 
ATOM   214 O  "O3'" . DG  A 1 11 ? 6.877   -5.706  6.120   1.00 101.00 ? 17  DG  B "O3'" 1 
ATOM   215 C  "C2'" . DG  A 1 11 ? 4.752   -5.246  5.014   1.00 89.52  ? 17  DG  B "C2'" 1 
ATOM   216 C  "C1'" . DG  A 1 11 ? 5.272   -5.150  3.585   1.00 89.03  ? 17  DG  B "C1'" 1 
ATOM   217 N  N9    . DG  A 1 11 ? 4.262   -4.737  2.609   1.00 81.97  ? 17  DG  B N9    1 
ATOM   218 C  C8    . DG  A 1 11 ? 2.961   -5.169  2.543   1.00 83.28  ? 17  DG  B C8    1 
ATOM   219 N  N7    . DG  A 1 11 ? 2.288   -4.653  1.550   1.00 84.29  ? 17  DG  B N7    1 
ATOM   220 C  C5    . DG  A 1 11 ? 3.207   -3.832  0.901   1.00 81.03  ? 17  DG  B C5    1 
ATOM   221 C  C6    . DG  A 1 11 ? 3.051   -3.011  -0.252  1.00 77.13  ? 17  DG  B C6    1 
ATOM   222 O  O6    . DG  A 1 11 ? 2.036   -2.845  -0.949  1.00 73.61  ? 17  DG  B O6    1 
ATOM   223 N  N1    . DG  A 1 11 ? 4.228   -2.339  -0.573  1.00 71.99  ? 17  DG  B N1    1 
ATOM   224 C  C2    . DG  A 1 11 ? 5.406   -2.445  0.126   1.00 76.08  ? 17  DG  B C2    1 
ATOM   225 N  N2    . DG  A 1 11 ? 6.438   -1.719  -0.338  1.00 74.59  ? 17  DG  B N2    1 
ATOM   226 N  N3    . DG  A 1 11 ? 5.568   -3.215  1.206   1.00 79.19  ? 17  DG  B N3    1 
ATOM   227 C  C4    . DG  A 1 11 ? 4.430   -3.876  1.535   1.00 77.95  ? 17  DG  B C4    1 
ATOM   228 P  P     . DA  A 1 12 ? 7.019   -5.346  7.677   1.00 109.49 ? 18  DA  B P     1 
ATOM   229 O  OP1   . DA  A 1 12 ? 8.140   -6.133  8.237   1.00 103.25 ? 18  DA  B OP1   1 
ATOM   230 O  OP2   . DA  A 1 12 ? 5.670   -5.388  8.290   1.00 100.79 ? 18  DA  B OP2   1 
ATOM   231 O  "O5'" . DA  A 1 12 ? 7.452   -3.825  7.633   1.00 103.02 ? 18  DA  B "O5'" 1 
ATOM   232 C  "C5'" . DA  A 1 12 ? 6.924   -3.020  6.623   1.00 97.29  ? 18  DA  B "C5'" 1 
ATOM   233 C  "C4'" . DA  A 1 12 ? 8.002   -2.187  5.989   1.00 90.25  ? 18  DA  B "C4'" 1 
ATOM   234 O  "O4'" . DA  A 1 12 ? 7.668   -1.976  4.601   1.00 87.08  ? 18  DA  B "O4'" 1 
ATOM   235 C  "C3'" . DA  A 1 12 ? 8.107   -0.802  6.582   1.00 85.43  ? 18  DA  B "C3'" 1 
ATOM   236 O  "O3'" . DA  A 1 12 ? 9.377   -0.256  6.334   1.00 92.44  ? 18  DA  B "O3'" 1 
ATOM   237 C  "C2'" . DA  A 1 12 ? 7.005   -0.051  5.838   1.00 85.18  ? 18  DA  B "C2'" 1 
ATOM   238 C  "C1'" . DA  A 1 12 ? 6.978   -0.748  4.469   1.00 83.69  ? 18  DA  B "C1'" 1 
ATOM   239 N  N9    . DA  A 1 12 ? 5.622   -1.004  3.976   1.00 79.45  ? 18  DA  B N9    1 
ATOM   240 C  C8    . DA  A 1 12 ? 4.700   -1.886  4.479   1.00 81.84  ? 18  DA  B C8    1 
ATOM   241 N  N7    . DA  A 1 12 ? 3.550   -1.882  3.833   1.00 76.46  ? 18  DA  B N7    1 
ATOM   242 C  C5    . DA  A 1 12 ? 3.730   -0.928  2.845   1.00 75.26  ? 18  DA  B C5    1 
ATOM   243 C  C6    . DA  A 1 12 ? 2.888   -0.440  1.823   1.00 74.93  ? 18  DA  B C6    1 
ATOM   244 N  N6    . DA  A 1 12 ? 1.640   -0.874  1.622   1.00 75.92  ? 18  DA  B N6    1 
ATOM   245 N  N1    . DA  A 1 12 ? 3.386   0.519   1.009   1.00 73.26  ? 18  DA  B N1    1 
ATOM   246 C  C2    . DA  A 1 12 ? 4.638   0.954   1.213   1.00 76.03  ? 18  DA  B C2    1 
ATOM   247 N  N3    . DA  A 1 12 ? 5.518   0.574   2.137   1.00 75.38  ? 18  DA  B N3    1 
ATOM   248 C  C4    . DA  A 1 12 ? 5.003   -0.379  2.924   1.00 75.42  ? 18  DA  B C4    1 
ATOM   249 P  P     . DC  A 1 13 ? 9.884   0.999   7.197   1.00 101.50 ? 19  DC  B P     1 
ATOM   250 O  OP1   . DC  A 1 13 ? 11.355  1.118   7.033   1.00 95.32  ? 19  DC  B OP1   1 
ATOM   251 O  OP2   . DC  A 1 13 ? 9.280   0.873   8.544   1.00 92.23  ? 19  DC  B OP2   1 
ATOM   252 O  "O5'" . DC  A 1 13 ? 9.195   2.243   6.479   1.00 90.94  ? 19  DC  B "O5'" 1 
ATOM   253 C  "C5'" . DC  A 1 13 ? 9.365   2.420   5.091   1.00 86.75  ? 19  DC  B "C5'" 1 
ATOM   254 C  "C4'" . DC  A 1 13 ? 8.427   3.490   4.567   1.00 86.92  ? 19  DC  B "C4'" 1 
ATOM   255 O  "O4'" . DC  A 1 13 ? 7.185   2.900   4.140   1.00 84.01  ? 19  DC  B "O4'" 1 
ATOM   256 C  "C3'" . DC  A 1 13 ? 8.045   4.583   5.575   1.00 77.78  ? 19  DC  B "C3'" 1 
ATOM   257 O  "O3'" . DC  A 1 13 ? 8.637   5.815   5.176   1.00 85.32  ? 19  DC  B "O3'" 1 
ATOM   258 C  "C2'" . DC  A 1 13 ? 6.507   4.635   5.510   1.00 77.27  ? 19  DC  B "C2'" 1 
ATOM   259 C  "C1'" . DC  A 1 13 ? 6.216   3.904   4.205   1.00 79.55  ? 19  DC  B "C1'" 1 
ATOM   260 N  N1    . DC  A 1 13 ? 4.854   3.276   4.130   1.00 73.62  ? 19  DC  B N1    1 
ATOM   261 C  C2    . DC  A 1 13 ? 3.914   3.781   3.222   1.00 72.48  ? 19  DC  B C2    1 
ATOM   262 O  O2    . DC  A 1 13 ? 4.225   4.740   2.504   1.00 73.77  ? 19  DC  B O2    1 
ATOM   263 N  N3    . DC  A 1 13 ? 2.686   3.208   3.160   1.00 69.11  ? 19  DC  B N3    1 
ATOM   264 C  C4    . DC  A 1 13 ? 2.390   2.179   3.950   1.00 66.76  ? 19  DC  B C4    1 
ATOM   265 N  N4    . DC  A 1 13 ? 1.171   1.647   3.847   1.00 68.18  ? 19  DC  B N4    1 
ATOM   266 C  C5    . DC  A 1 13 ? 3.334   1.650   4.882   1.00 67.21  ? 19  DC  B C5    1 
ATOM   267 C  C6    . DC  A 1 13 ? 4.542   2.221   4.936   1.00 68.96  ? 19  DC  B C6    1 
ATOM   268 P  P     . DG  A 1 14 ? 8.503   7.137   6.083   1.00 94.27  ? 20  DG  B P     1 
ATOM   269 O  OP1   . DG  A 1 14 ? 9.833   7.795   6.046   1.00 84.06  ? 20  DG  B OP1   1 
ATOM   270 O  OP2   . DG  A 1 14 ? 7.919   6.782   7.399   1.00 81.46  ? 20  DG  B OP2   1 
ATOM   271 O  "O5'" . DG  A 1 14 ? 7.461   8.039   5.256   1.00 82.87  ? 20  DG  B "O5'" 1 
ATOM   272 C  "C5'" . DG  A 1 14 ? 7.786   8.414   3.915   1.00 85.25  ? 20  DG  B "C5'" 1 
ATOM   273 C  "C4'" . DG  A 1 14 ? 6.544   8.755   3.106   1.00 84.58  ? 20  DG  B "C4'" 1 
ATOM   274 O  "O4'" . DG  A 1 14 ? 5.589   7.668   3.194   1.00 80.07  ? 20  DG  B "O4'" 1 
ATOM   275 C  "C3'" . DG  A 1 14 ? 5.797   10.020  3.555   1.00 89.10  ? 20  DG  B "C3'" 1 
ATOM   276 O  "O3'" . DG  A 1 14 ? 5.664   10.943  2.471   1.00 100.27 ? 20  DG  B "O3'" 1 
ATOM   277 C  "C2'" . DG  A 1 14 ? 4.434   9.500   3.998   1.00 82.60  ? 20  DG  B "C2'" 1 
ATOM   278 C  "C1'" . DG  A 1 14 ? 4.304   8.223   3.195   1.00 76.56  ? 20  DG  B "C1'" 1 
ATOM   279 N  N9    . DG  A 1 14 ? 3.376   7.292   3.809   1.00 72.34  ? 20  DG  B N9    1 
ATOM   280 C  C8    . DG  A 1 14 ? 3.589   6.530   4.931   1.00 69.92  ? 20  DG  B C8    1 
ATOM   281 N  N7    . DG  A 1 14 ? 2.555   5.812   5.271   1.00 68.40  ? 20  DG  B N7    1 
ATOM   282 C  C5    . DG  A 1 14 ? 1.594   6.132   4.321   1.00 66.76  ? 20  DG  B C5    1 
ATOM   283 C  C6    . DG  A 1 14 ? 0.272   5.663   4.177   1.00 66.48  ? 20  DG  B C6    1 
ATOM   284 O  O6    . DG  A 1 14 ? -0.327  4.845   4.887   1.00 65.53  ? 20  DG  B O6    1 
ATOM   285 N  N1    . DG  A 1 14 ? -0.362  6.233   3.074   1.00 68.05  ? 20  DG  B N1    1 
ATOM   286 C  C2    . DG  A 1 14 ? 0.217   7.149   2.221   1.00 70.50  ? 20  DG  B C2    1 
ATOM   287 N  N2    . DG  A 1 14 ? -0.549  7.598   1.213   1.00 70.60  ? 20  DG  B N2    1 
ATOM   288 N  N3    . DG  A 1 14 ? 1.458   7.599   2.352   1.00 68.11  ? 20  DG  B N3    1 
ATOM   289 C  C4    . DG  A 1 14 ? 2.081   7.046   3.418   1.00 67.82  ? 20  DG  B C4    1 
ATOM   290 P  P     . DT  A 1 15 ? 5.346   12.500  2.759   1.00 108.42 ? 21  DT  B P     1 
ATOM   291 O  OP1   . DT  A 1 15 ? 4.923   13.144  1.487   1.00 93.82  ? 21  DT  B OP1   1 
ATOM   292 O  OP2   . DT  A 1 15 ? 6.494   13.037  3.525   1.00 102.42 ? 21  DT  B OP2   1 
ATOM   293 O  "O5'" . DT  A 1 15 ? 4.096   12.477  3.756   1.00 85.34  ? 21  DT  B "O5'" 1 
ATOM   294 C  "C5'" . DT  A 1 15 ? 3.001   13.350  3.541   1.00 91.03  ? 21  DT  B "C5'" 1 
ATOM   295 C  "C4'" . DT  A 1 15 ? 1.994   12.742  2.577   1.00 88.57  ? 21  DT  B "C4'" 1 
ATOM   296 O  "O4'" . DT  A 1 15 ? 1.781   11.351  2.917   1.00 82.53  ? 21  DT  B "O4'" 1 
ATOM   297 C  "C3'" . DT  A 1 15 ? 0.630   13.421  2.592   1.00 88.67  ? 21  DT  B "C3'" 1 
ATOM   298 O  "O3'" . DT  A 1 15 ? 0.348   14.002  1.327   1.00 96.29  ? 21  DT  B "O3'" 1 
ATOM   299 C  "C2'" . DT  A 1 15 ? -0.369  12.315  2.944   1.00 85.51  ? 21  DT  B "C2'" 1 
ATOM   300 C  "C1'" . DT  A 1 15 ? 0.420   11.019  2.831   1.00 74.55  ? 21  DT  B "C1'" 1 
ATOM   301 N  N1    . DT  A 1 15 ? 0.122   10.083  3.945   1.00 69.80  ? 21  DT  B N1    1 
ATOM   302 C  C2    . DT  A 1 15 ? -1.126  9.493   4.031   1.00 69.25  ? 21  DT  B C2    1 
ATOM   303 O  O2    . DT  A 1 15 ? -2.024  9.688   3.233   1.00 69.65  ? 21  DT  B O2    1 
ATOM   304 N  N3    . DT  A 1 15 ? -1.289  8.663   5.112   1.00 67.15  ? 21  DT  B N3    1 
ATOM   305 C  C4    . DT  A 1 15 ? -0.352  8.367   6.089   1.00 68.08  ? 21  DT  B C4    1 
ATOM   306 O  O4    . DT  A 1 15 ? -0.587  7.609   7.025   1.00 61.91  ? 21  DT  B O4    1 
ATOM   307 C  C5    . DT  A 1 15 ? 0.927   9.019   5.934   1.00 71.20  ? 21  DT  B C5    1 
ATOM   308 C  C7    . DT  A 1 15 ? 2.018   8.775   6.929   1.00 64.33  ? 21  DT  B C7    1 
ATOM   309 C  C6    . DT  A 1 15 ? 1.096   9.839   4.886   1.00 70.10  ? 21  DT  B C6    1 
ATOM   310 P  P     . DC  A 1 16 ? -0.680  15.234  1.225   1.00 103.94 ? 22  DC  B P     1 
ATOM   311 O  OP1   . DC  A 1 16 ? -0.755  15.660  -0.197  1.00 97.62  ? 22  DC  B OP1   1 
ATOM   312 O  OP2   . DC  A 1 16 ? -0.299  16.202  2.280   1.00 97.22  ? 22  DC  B OP2   1 
ATOM   313 O  "O5'" . DC  A 1 16 ? -2.082  14.589  1.635   1.00 90.06  ? 22  DC  B "O5'" 1 
ATOM   314 C  "C5'" . DC  A 1 16 ? -2.676  13.593  0.808   1.00 88.23  ? 22  DC  B "C5'" 1 
ATOM   315 C  "C4'" . DC  A 1 16 ? -4.093  13.331  1.261   1.00 91.76  ? 22  DC  B "C4'" 1 
ATOM   316 O  "O4'" . DC  A 1 16 ? -4.107  12.237  2.210   1.00 90.45  ? 22  DC  B "O4'" 1 
ATOM   317 C  "C3'" . DC  A 1 16 ? -4.744  14.520  1.962   1.00 95.12  ? 22  DC  B "C3'" 1 
ATOM   318 O  "O3'" . DC  A 1 16 ? -6.004  14.790  1.397   1.00 99.62  ? 22  DC  B "O3'" 1 
ATOM   319 C  "C2'" . DC  A 1 16 ? -4.859  14.088  3.424   1.00 93.57  ? 22  DC  B "C2'" 1 
ATOM   320 C  "C1'" . DC  A 1 16 ? -4.911  12.575  3.319   1.00 87.80  ? 22  DC  B "C1'" 1 
ATOM   321 N  N1    . DC  A 1 16 ? -4.350  11.884  4.518   1.00 77.14  ? 22  DC  B N1    1 
ATOM   322 C  C2    . DC  A 1 16 ? -5.152  11.015  5.262   1.00 73.59  ? 22  DC  B C2    1 
ATOM   323 O  O2    . DC  A 1 16 ? -6.326  10.836  4.914   1.00 77.09  ? 22  DC  B O2    1 
ATOM   324 N  N3    . DC  A 1 16 ? -4.616  10.392  6.345   1.00 68.12  ? 22  DC  B N3    1 
ATOM   325 C  C4    . DC  A 1 16 ? -3.341  10.619  6.681   1.00 68.78  ? 22  DC  B C4    1 
ATOM   326 N  N4    . DC  A 1 16 ? -2.848  9.993   7.752   1.00 63.52  ? 22  DC  B N4    1 
ATOM   327 C  C5    . DC  A 1 16 ? -2.517  11.506  5.936   1.00 75.17  ? 22  DC  B C5    1 
ATOM   328 C  C6    . DC  A 1 16 ? -3.056  12.105  4.873   1.00 75.08  ? 22  DC  B C6    1 
ATOM   329 P  P     . DG  A 1 17 ? -6.789  16.122  1.828   1.00 109.19 ? 23  DG  B P     1 
ATOM   330 O  OP1   . DG  A 1 17 ? -7.482  16.658  0.630   1.00 104.64 ? 23  DG  B OP1   1 
ATOM   331 O  OP2   . DG  A 1 17 ? -5.849  16.962  2.612   1.00 100.31 ? 23  DG  B OP2   1 
ATOM   332 O  "O5'" . DG  A 1 17 ? -7.883  15.587  2.844   1.00 98.94  ? 23  DG  B "O5'" 1 
ATOM   333 C  "C5'" . DG  A 1 17 ? -8.764  14.562  2.439   1.00 96.78  ? 23  DG  B "C5'" 1 
ATOM   334 C  "C4'" . DG  A 1 17 ? -9.734  14.239  3.550   1.00 97.37  ? 23  DG  B "C4'" 1 
ATOM   335 O  "O4'" . DG  A 1 17 ? -9.056  13.465  4.576   1.00 91.44  ? 23  DG  B "O4'" 1 
ATOM   336 C  "C3'" . DG  A 1 17 ? -10.308 15.457  4.266   1.00 99.96  ? 23  DG  B "C3'" 1 
ATOM   337 O  "O3'" . DG  A 1 17 ? -11.612 15.169  4.685   1.00 102.38 ? 23  DG  B "O3'" 1 
ATOM   338 C  "C2'" . DG  A 1 17 ? -9.372  15.610  5.458   1.00 91.71  ? 23  DG  B "C2'" 1 
ATOM   339 C  "C1'" . DG  A 1 17 ? -9.114  14.153  5.807   1.00 90.09  ? 23  DG  B "C1'" 1 
ATOM   340 N  N9    . DG  A 1 17 ? -7.857  13.948  6.505   1.00 85.47  ? 23  DG  B N9    1 
ATOM   341 C  C8    . DG  A 1 17 ? -6.651  14.533  6.214   1.00 85.80  ? 23  DG  B C8    1 
ATOM   342 N  N7    . DG  A 1 17 ? -5.688  14.160  7.011   1.00 79.34  ? 23  DG  B N7    1 
ATOM   343 C  C5    . DG  A 1 17 ? -6.297  13.271  7.886   1.00 73.87  ? 23  DG  B C5    1 
ATOM   344 C  C6    . DG  A 1 17 ? -5.748  12.541  8.965   1.00 73.80  ? 23  DG  B C6    1 
ATOM   345 O  O6    . DG  A 1 17 ? -4.579  12.543  9.373   1.00 79.13  ? 23  DG  B O6    1 
ATOM   346 N  N1    . DG  A 1 17 ? -6.704  11.751  9.597   1.00 68.31  ? 23  DG  B N1    1 
ATOM   347 C  C2    . DG  A 1 17 ? -8.025  11.675  9.228   1.00 73.51  ? 23  DG  B C2    1 
ATOM   348 N  N2    . DG  A 1 17 ? -8.800  10.852  9.956   1.00 69.98  ? 23  DG  B N2    1 
ATOM   349 N  N3    . DG  A 1 17 ? -8.554  12.356  8.212   1.00 74.23  ? 23  DG  B N3    1 
ATOM   350 C  C4    . DG  A 1 17 ? -7.632  13.127  7.590   1.00 75.57  ? 23  DG  B C4    1 
ATOM   351 P  P     . DA  A 1 18 ? -12.580 16.337  5.205   1.00 106.65 ? 24  DA  B P     1 
ATOM   352 O  OP1   . DA  A 1 18 ? -13.043 17.109  4.028   1.00 106.92 ? 24  DA  B OP1   1 
ATOM   353 O  OP2   . DA  A 1 18 ? -11.931 17.040  6.334   1.00 98.62  ? 24  DA  B OP2   1 
ATOM   354 O  "O5'" . DA  A 1 18 ? -13.810 15.532  5.814   1.00 100.78 ? 24  DA  B "O5'" 1 
ATOM   355 C  "C5'" . DA  A 1 18 ? -14.361 15.946  7.026   1.00 97.95  ? 24  DA  B "C5'" 1 
ATOM   356 C  "C4'" . DA  A 1 18 ? -13.895 15.075  8.174   1.00 97.44  ? 24  DA  B "C4'" 1 
ATOM   357 O  "O4'" . DA  A 1 18 ? -12.463 14.910  8.150   1.00 97.99  ? 24  DA  B "O4'" 1 
ATOM   358 C  "C3'" . DA  A 1 18 ? -14.206 15.660  9.543   1.00 94.94  ? 24  DA  B "C3'" 1 
ATOM   359 O  "O3'" . DA  A 1 18 ? -15.247 14.950  10.129  1.00 97.07  ? 24  DA  B "O3'" 1 
ATOM   360 C  "C2'" . DA  A 1 18 ? -12.904 15.523  10.347  1.00 88.87  ? 24  DA  B "C2'" 1 
ATOM   361 C  "C1'" . DA  A 1 18 ? -12.054 14.631  9.466   1.00 91.03  ? 24  DA  B "C1'" 1 
ATOM   362 N  N9    . DA  A 1 18 ? -10.619 14.879  9.588   1.00 86.96  ? 24  DA  B N9    1 
ATOM   363 C  C8    . DA  A 1 18 ? -9.830  15.590  8.729   1.00 90.40  ? 24  DA  B C8    1 
ATOM   364 N  N7    . DA  A 1 18 ? -8.563  15.639  9.082   1.00 86.17  ? 24  DA  B N7    1 
ATOM   365 C  C5    . DA  A 1 18 ? -8.518  14.913  10.257  1.00 78.72  ? 24  DA  B C5    1 
ATOM   366 C  C6    . DA  A 1 18 ? -7.462  14.588  11.126  1.00 73.57  ? 24  DA  B C6    1 
ATOM   367 N  N6    . DA  A 1 18 ? -6.198  14.987  10.930  1.00 71.35  ? 24  DA  B N6    1 
ATOM   368 N  N1    . DA  A 1 18 ? -7.755  13.842  12.213  1.00 70.43  ? 24  DA  B N1    1 
ATOM   369 C  C2    . DA  A 1 18 ? -9.023  13.451  12.404  1.00 71.85  ? 24  DA  B C2    1 
ATOM   370 N  N3    . DA  A 1 18 ? -10.101 13.693  11.657  1.00 75.05  ? 24  DA  B N3    1 
ATOM   371 C  C4    . DA  A 1 18 ? -9.776  14.434  10.587  1.00 81.07  ? 24  DA  B C4    1 
ATOM   372 P  P     . DG  A 1 19 ? -15.944 15.553  11.434  1.00 105.64 ? 25  DG  B P     1 
ATOM   373 O  OP1   . DG  A 1 19 ? -17.221 14.837  11.670  1.00 114.34 ? 25  DG  B OP1   1 
ATOM   374 O  OP2   . DG  A 1 19 ? -15.923 17.023  11.265  1.00 100.69 ? 25  DG  B OP2   1 
ATOM   375 O  "O5'" . DG  A 1 19 ? -14.919 15.195  12.597  1.00 90.22  ? 25  DG  B "O5'" 1 
ATOM   376 C  "C5'" . DG  A 1 19 ? -15.392 14.876  13.877  1.00 96.92  ? 25  DG  B "C5'" 1 
ATOM   377 C  "C4'" . DG  A 1 19 ? -14.219 14.679  14.800  1.00 102.27 ? 25  DG  B "C4'" 1 
ATOM   378 O  "O4'" . DG  A 1 19 ? -12.997 14.807  14.023  1.00 94.94  ? 25  DG  B "O4'" 1 
ATOM   379 C  "C3'" . DG  A 1 19 ? -14.107 15.709  15.942  1.00 100.38 ? 25  DG  B "C3'" 1 
ATOM   380 O  "O3'" . DG  A 1 19 ? -13.899 15.043  17.189  1.00 98.37  ? 25  DG  B "O3'" 1 
ATOM   381 C  "C2'" . DG  A 1 19 ? -12.889 16.539  15.545  1.00 95.21  ? 25  DG  B "C2'" 1 
ATOM   382 C  "C1'" . DG  A 1 19 ? -12.072 15.493  14.813  1.00 92.03  ? 25  DG  B "C1'" 1 
ATOM   383 N  N9    . DG  A 1 19 ? -11.022 16.051  13.984  1.00 82.00  ? 25  DG  B N9    1 
ATOM   384 C  C8    . DG  A 1 19 ? -11.144 16.707  12.785  1.00 86.58  ? 25  DG  B C8    1 
ATOM   385 N  N7    . DG  A 1 19 ? -9.997  17.107  12.299  1.00 82.60  ? 25  DG  B N7    1 
ATOM   386 C  C5    . DG  A 1 19 ? -9.072  16.698  13.253  1.00 72.92  ? 25  DG  B C5    1 
ATOM   387 C  C6    . DG  A 1 19 ? -7.665  16.848  13.294  1.00 71.96  ? 25  DG  B C6    1 
ATOM   388 O  O6    . DG  A 1 19 ? -6.920  17.387  12.461  1.00 76.11  ? 25  DG  B O6    1 
ATOM   389 N  N1    . DG  A 1 19 ? -7.128  16.276  14.447  1.00 64.95  ? 25  DG  B N1    1 
ATOM   390 C  C2    . DG  A 1 19 ? -7.873  15.646  15.423  1.00 74.85  ? 25  DG  B C2    1 
ATOM   391 N  N2    . DG  A 1 19 ? -7.212  15.156  16.468  1.00 73.74  ? 25  DG  B N2    1 
ATOM   392 N  N3    . DG  A 1 19 ? -9.177  15.511  15.386  1.00 75.46  ? 25  DG  B N3    1 
ATOM   393 C  C4    . DG  A 1 19 ? -9.704  16.055  14.285  1.00 72.55  ? 25  DG  B C4    1 
ATOM   394 P  P     . DT  A 1 20 ? -13.555 15.887  18.515  1.00 114.17 ? 26  DT  B P     1 
ATOM   395 O  OP1   . DT  A 1 20 ? -13.891 15.036  19.684  1.00 110.27 ? 26  DT  B OP1   1 
ATOM   396 O  OP2   . DT  A 1 20 ? -14.160 17.230  18.369  1.00 112.07 ? 26  DT  B OP2   1 
ATOM   397 O  "O5'" . DT  A 1 20 ? -11.968 16.068  18.458  1.00 96.06  ? 26  DT  B "O5'" 1 
ATOM   398 C  "C5'" . DT  A 1 20 ? -11.140 14.927  18.519  1.00 90.60  ? 26  DT  B "C5'" 1 
ATOM   399 C  "C4'" . DT  A 1 20 ? -10.271 14.932  19.768  1.00 94.15  ? 26  DT  B "C4'" 1 
ATOM   400 O  "O4'" . DT  A 1 20 ? -8.934  15.378  19.429  1.00 91.44  ? 26  DT  B "O4'" 1 
ATOM   401 C  "C3'" . DT  A 1 20 ? -10.728 15.850  20.889  1.00 100.40 ? 26  DT  B "C3'" 1 
ATOM   402 O  "O3'" . DT  A 1 20 ? -10.274 15.327  22.146  1.00 108.74 ? 26  DT  B "O3'" 1 
ATOM   403 C  "C2'" . DT  A 1 20 ? -10.040 17.171  20.531  1.00 92.91  ? 26  DT  B "C2'" 1 
ATOM   404 C  "C1'" . DT  A 1 20 ? -8.726  16.702  19.891  1.00 88.99  ? 26  DT  B "C1'" 1 
ATOM   405 N  N1    . DT  A 1 20 ? -8.289  17.543  18.725  1.00 76.43  ? 26  DT  B N1    1 
ATOM   406 C  C2    . DT  A 1 20 ? -6.943  17.804  18.549  1.00 73.52  ? 26  DT  B C2    1 
ATOM   407 O  O2    . DT  A 1 20 ? -6.072  17.387  19.299  1.00 72.86  ? 26  DT  B O2    1 
ATOM   408 N  N3    . DT  A 1 20 ? -6.651  18.577  17.454  1.00 66.77  ? 26  DT  B N3    1 
ATOM   409 C  C4    . DT  A 1 20 ? -7.543  19.100  16.541  1.00 67.42  ? 26  DT  B C4    1 
ATOM   410 O  O4    . DT  A 1 20 ? -7.181  19.781  15.588  1.00 66.82  ? 26  DT  B O4    1 
ATOM   411 C  C5    . DT  A 1 20 ? -8.935  18.790  16.781  1.00 70.30  ? 26  DT  B C5    1 
ATOM   412 C  C7    . DT  A 1 20 ? -9.991  19.307  15.848  1.00 67.70  ? 26  DT  B C7    1 
ATOM   413 C  C6    . DT  A 1 20 ? -9.236  18.031  17.849  1.00 68.55  ? 26  DT  B C6    1 
ATOM   414 P  P     . DC  A 1 21 ? -10.284 16.234  23.475  1.00 107.15 ? 27  DC  B P     1 
ATOM   415 O  OP1   . DC  A 1 21 ? -10.195 15.317  24.635  1.00 96.62  ? 27  DC  B OP1   1 
ATOM   416 O  OP2   . DC  A 1 21 ? -11.426 17.169  23.368  1.00 105.25 ? 27  DC  B OP2   1 
ATOM   417 O  "O5'" . DC  A 1 21 ? -8.920  17.078  23.392  1.00 93.38  ? 27  DC  B "O5'" 1 
ATOM   418 C  "C5'" . DC  A 1 21 ? -7.674  16.449  23.671  1.00 88.68  ? 27  DC  B "C5'" 1 
ATOM   419 C  "C4'" . DC  A 1 21 ? -6.555  17.476  23.717  1.00 98.23  ? 27  DC  B "C4'" 1 
ATOM   420 O  "O4'" . DC  A 1 21 ? -6.304  17.977  22.392  1.00 93.64  ? 27  DC  B "O4'" 1 
ATOM   421 C  "C3'" . DC  A 1 21 ? -6.857  18.704  24.567  1.00 97.28  ? 27  DC  B "C3'" 1 
ATOM   422 O  "O3'" . DC  A 1 21 ? -6.265  18.554  25.854  1.00 104.23 ? 27  DC  B "O3'" 1 
ATOM   423 C  "C2'" . DC  A 1 21 ? -6.232  19.882  23.795  1.00 86.91  ? 27  DC  B "C2'" 1 
ATOM   424 C  "C1'" . DC  A 1 21 ? -5.757  19.271  22.476  1.00 82.17  ? 27  DC  B "C1'" 1 
ATOM   425 N  N1    . DC  A 1 21 ? -6.205  20.028  21.285  1.00 72.93  ? 27  DC  B N1    1 
ATOM   426 C  C2    . DC  A 1 21 ? -5.256  20.634  20.455  1.00 76.89  ? 27  DC  B C2    1 
ATOM   427 O  O2    . DC  A 1 21 ? -4.049  20.532  20.738  1.00 79.79  ? 27  DC  B O2    1 
ATOM   428 N  N3    . DC  A 1 21 ? -5.686  21.316  19.358  1.00 69.45  ? 27  DC  B N3    1 
ATOM   429 C  C4    . DC  A 1 21 ? -6.993  21.399  19.090  1.00 71.28  ? 27  DC  B C4    1 
ATOM   430 N  N4    . DC  A 1 21 ? -7.369  22.082  17.999  1.00 68.90  ? 27  DC  B N4    1 
ATOM   431 C  C5    . DC  A 1 21 ? -7.973  20.787  19.930  1.00 72.28  ? 27  DC  B C5    1 
ATOM   432 C  C6    . DC  A 1 21 ? -7.536  20.118  21.004  1.00 74.66  ? 27  DC  B C6    1 
ATOM   433 O  "O5'" . DT  B 2 1  ? -9.801  31.121  14.651  1.00 108.30 ? 28  DT  C "O5'" 1 
ATOM   434 C  "C5'" . DT  B 2 1  ? -9.407  32.294  13.946  1.00 108.20 ? 28  DT  C "C5'" 1 
ATOM   435 C  "C4'" . DT  B 2 1  ? -7.931  32.242  13.603  1.00 110.80 ? 28  DT  C "C4'" 1 
ATOM   436 O  "O4'" . DT  B 2 1  ? -7.160  32.038  14.818  1.00 106.56 ? 28  DT  C "O4'" 1 
ATOM   437 C  "C3'" . DT  B 2 1  ? -7.530  31.118  12.652  1.00 108.68 ? 28  DT  C "C3'" 1 
ATOM   438 O  "O3'" . DT  B 2 1  ? -6.520  31.577  11.758  1.00 113.01 ? 28  DT  C "O3'" 1 
ATOM   439 C  "C2'" . DT  B 2 1  ? -7.012  30.031  13.594  1.00 104.67 ? 28  DT  C "C2'" 1 
ATOM   440 C  "C1'" . DT  B 2 1  ? -6.397  30.851  14.720  1.00 99.55  ? 28  DT  C "C1'" 1 
ATOM   441 N  N1    . DT  B 2 1  ? -6.431  30.166  16.051  1.00 94.04  ? 28  DT  C N1    1 
ATOM   442 C  C2    . DT  B 2 1  ? -5.251  29.970  16.735  1.00 92.53  ? 28  DT  C C2    1 
ATOM   443 O  O2    . DT  B 2 1  ? -4.164  30.326  16.309  1.00 93.29  ? 28  DT  C O2    1 
ATOM   444 N  N3    . DT  B 2 1  ? -5.387  29.337  17.948  1.00 89.18  ? 28  DT  C N3    1 
ATOM   445 C  C4    . DT  B 2 1  ? -6.563  28.889  18.533  1.00 89.72  ? 28  DT  C C4    1 
ATOM   446 O  O4    . DT  B 2 1  ? -6.587  28.328  19.631  1.00 80.95  ? 28  DT  C O4    1 
ATOM   447 C  C5    . DT  B 2 1  ? -7.764  29.128  17.761  1.00 89.31  ? 28  DT  C C5    1 
ATOM   448 C  C7    . DT  B 2 1  ? -9.094  28.688  18.286  1.00 83.74  ? 28  DT  C C7    1 
ATOM   449 C  C6    . DT  B 2 1  ? -7.641  29.749  16.573  1.00 90.95  ? 28  DT  C C6    1 
ATOM   450 P  P     . DC  B 2 2  ? -5.794  30.556  10.753  1.00 122.92 ? 29  DC  C P     1 
ATOM   451 O  OP1   . DC  B 2 2  ? -5.149  31.345  9.673   1.00 117.92 ? 29  DC  C OP1   1 
ATOM   452 O  OP2   . DC  B 2 2  ? -6.757  29.481  10.419  1.00 118.42 ? 29  DC  C OP2   1 
ATOM   453 O  "O5'" . DC  B 2 2  ? -4.647  29.910  11.650  1.00 112.88 ? 29  DC  C "O5'" 1 
ATOM   454 C  "C5'" . DC  B 2 2  ? -3.759  28.986  11.088  1.00 106.83 ? 29  DC  C "C5'" 1 
ATOM   455 C  "C4'" . DC  B 2 2  ? -2.454  28.987  11.849  1.00 109.37 ? 29  DC  C "C4'" 1 
ATOM   456 O  "O4'" . DC  B 2 2  ? -2.729  29.021  13.277  1.00 104.38 ? 29  DC  C "O4'" 1 
ATOM   457 C  "C3'" . DC  B 2 2  ? -1.598  27.760  11.611  1.00 110.90 ? 29  DC  C "C3'" 1 
ATOM   458 O  "O3'" . DC  B 2 2  ? -0.224  28.090  11.666  1.00 117.69 ? 29  DC  C "O3'" 1 
ATOM   459 C  "C2'" . DC  B 2 2  ? -2.005  26.835  12.748  1.00 107.11 ? 29  DC  C "C2'" 1 
ATOM   460 C  "C1'" . DC  B 2 2  ? -2.326  27.809  13.881  1.00 99.62  ? 29  DC  C "C1'" 1 
ATOM   461 N  N1    . DC  B 2 2  ? -3.431  27.324  14.769  1.00 92.64  ? 29  DC  C N1    1 
ATOM   462 C  C2    . DC  B 2 2  ? -3.127  26.816  16.047  1.00 89.93  ? 29  DC  C C2    1 
ATOM   463 O  O2    . DC  B 2 2  ? -1.944  26.794  16.431  1.00 86.32  ? 29  DC  C O2    1 
ATOM   464 N  N3    . DC  B 2 2  ? -4.145  26.368  16.833  1.00 85.03  ? 29  DC  C N3    1 
ATOM   465 C  C4    . DC  B 2 2  ? -5.407  26.413  16.387  1.00 83.16  ? 29  DC  C C4    1 
ATOM   466 N  N4    . DC  B 2 2  ? -6.373  25.962  17.196  1.00 77.61  ? 29  DC  C N4    1 
ATOM   467 C  C5    . DC  B 2 2  ? -5.731  26.920  15.090  1.00 82.65  ? 29  DC  C C5    1 
ATOM   468 C  C6    . DC  B 2 2  ? -4.724  27.356  14.324  1.00 87.83  ? 29  DC  C C6    1 
ATOM   469 P  P     . DG  B 2 3  ? 0.860   27.055  11.083  1.00 133.05 ? 30  DG  C P     1 
ATOM   470 O  OP1   . DG  B 2 3  ? 2.134   27.783  10.876  1.00 134.60 ? 30  DG  C OP1   1 
ATOM   471 O  OP2   . DG  B 2 3  ? 0.213   26.333  9.959   1.00 121.28 ? 30  DG  C OP2   1 
ATOM   472 O  "O5'" . DG  B 2 3  ? 1.069   26.013  12.277  1.00 118.36 ? 30  DG  C "O5'" 1 
ATOM   473 C  "C5'" . DG  B 2 3  ? 1.523   26.468  13.548  1.00 111.89 ? 30  DG  C "C5'" 1 
ATOM   474 C  "C4'" . DG  B 2 3  ? 1.730   25.299  14.493  1.00 109.76 ? 30  DG  C "C4'" 1 
ATOM   475 O  "O4'" . DG  B 2 3  ? 0.516   25.067  15.265  1.00 105.23 ? 30  DG  C "O4'" 1 
ATOM   476 C  "C3'" . DG  B 2 3  ? 2.036   23.967  13.813  1.00 109.86 ? 30  DG  C "C3'" 1 
ATOM   477 O  "O3'" . DG  B 2 3  ? 2.897   23.211  14.636  1.00 111.04 ? 30  DG  C "O3'" 1 
ATOM   478 C  "C2'" . DG  B 2 3  ? 0.659   23.324  13.740  1.00 102.05 ? 30  DG  C "C2'" 1 
ATOM   479 C  "C1'" . DG  B 2 3  ? 0.121   23.723  15.099  1.00 92.09  ? 30  DG  C "C1'" 1 
ATOM   480 N  N9    . DG  B 2 3  ? -1.328  23.632  15.205  1.00 84.31  ? 30  DG  C N9    1 
ATOM   481 C  C8    . DG  B 2 3  ? -2.259  24.080  14.302  1.00 81.88  ? 30  DG  C C8    1 
ATOM   482 N  N7    . DG  B 2 3  ? -3.491  23.855  14.666  1.00 76.72  ? 30  DG  C N7    1 
ATOM   483 C  C5    . DG  B 2 3  ? -3.366  23.206  15.886  1.00 75.64  ? 30  DG  C C5    1 
ATOM   484 C  C6    . DG  B 2 3  ? -4.359  22.713  16.756  1.00 73.43  ? 30  DG  C C6    1 
ATOM   485 O  O6    . DG  B 2 3  ? -5.589  22.756  16.611  1.00 73.08  ? 30  DG  C O6    1 
ATOM   486 N  N1    . DG  B 2 3  ? -3.803  22.121  17.894  1.00 71.47  ? 30  DG  C N1    1 
ATOM   487 C  C2    . DG  B 2 3  ? -2.449  22.021  18.151  1.00 74.71  ? 30  DG  C C2    1 
ATOM   488 N  N2    . DG  B 2 3  ? -2.095  21.419  19.301  1.00 75.13  ? 30  DG  C N2    1 
ATOM   489 N  N3    . DG  B 2 3  ? -1.509  22.480  17.338  1.00 75.29  ? 30  DG  C N3    1 
ATOM   490 C  C4    . DG  B 2 3  ? -2.039  23.058  16.230  1.00 79.15  ? 30  DG  C C4    1 
ATOM   491 P  P     . DA  B 2 4  ? 3.661   21.928  14.044  1.00 119.36 ? 31  DA  C P     1 
ATOM   492 O  OP1   . DA  B 2 4  ? 4.780   22.430  13.213  1.00 115.81 ? 31  DA  C OP1   1 
ATOM   493 O  OP2   . DA  B 2 4  ? 2.656   21.030  13.431  1.00 108.06 ? 31  DA  C OP2   1 
ATOM   494 O  "O5'" . DA  B 2 4  ? 4.243   21.216  15.352  1.00 108.72 ? 31  DA  C "O5'" 1 
ATOM   495 C  "C5'" . DA  B 2 4  ? 3.586   21.398  16.596  1.00 107.75 ? 31  DA  C "C5'" 1 
ATOM   496 C  "C4'" . DA  B 2 4  ? 2.858   20.132  17.009  1.00 105.87 ? 31  DA  C "C4'" 1 
ATOM   497 O  "O4'" . DA  B 2 4  ? 1.419   20.332  16.924  1.00 101.33 ? 31  DA  C "O4'" 1 
ATOM   498 C  "C3'" . DA  B 2 4  ? 3.160   18.904  16.146  1.00 104.82 ? 31  DA  C "C3'" 1 
ATOM   499 O  "O3'" . DA  B 2 4  ? 3.356   17.786  16.973  1.00 105.46 ? 31  DA  C "O3'" 1 
ATOM   500 C  "C2'" . DA  B 2 4  ? 1.893   18.743  15.316  1.00 94.36  ? 31  DA  C "C2'" 1 
ATOM   501 C  "C1'" . DA  B 2 4  ? 0.856   19.199  16.316  1.00 89.21  ? 31  DA  C "C1'" 1 
ATOM   502 N  N9    . DA  B 2 4  ? -0.406  19.560  15.703  1.00 81.02  ? 31  DA  C N9    1 
ATOM   503 C  C8    . DA  B 2 4  ? -0.592  20.274  14.553  1.00 82.04  ? 31  DA  C C8    1 
ATOM   504 N  N7    . DA  B 2 4  ? -1.853  20.433  14.223  1.00 76.77  ? 31  DA  C N7    1 
ATOM   505 C  C5    . DA  B 2 4  ? -2.541  19.766  15.226  1.00 75.28  ? 31  DA  C C5    1 
ATOM   506 C  C6    . DA  B 2 4  ? -3.914  19.562  15.461  1.00 71.44  ? 31  DA  C C6    1 
ATOM   507 N  N6    . DA  B 2 4  ? -4.876  20.034  14.659  1.00 71.91  ? 31  DA  C N6    1 
ATOM   508 N  N1    . DA  B 2 4  ? -4.262  18.849  16.560  1.00 70.10  ? 31  DA  C N1    1 
ATOM   509 C  C2    . DA  B 2 4  ? -3.293  18.379  17.364  1.00 70.39  ? 31  DA  C C2    1 
ATOM   510 N  N3    . DA  B 2 4  ? -1.971  18.507  17.244  1.00 72.80  ? 31  DA  C N3    1 
ATOM   511 C  C4    . DA  B 2 4  ? -1.660  19.219  16.143  1.00 78.93  ? 31  DA  C C4    1 
ATOM   512 P  P     . DG  B 2 5  ? 4.631   16.839  16.752  1.00 117.42 ? 32  DG  C P     1 
ATOM   513 O  OP1   . DG  B 2 5  ? 5.816   17.548  17.289  1.00 117.64 ? 32  DG  C OP1   1 
ATOM   514 O  OP2   . DG  B 2 5  ? 4.627   16.396  15.336  1.00 109.37 ? 32  DG  C OP2   1 
ATOM   515 O  "O5'" . DG  B 2 5  ? 4.314   15.565  17.667  1.00 107.52 ? 32  DG  C "O5'" 1 
ATOM   516 C  "C5'" . DG  B 2 5  ? 3.586   14.469  17.125  1.00 105.62 ? 32  DG  C "C5'" 1 
ATOM   517 C  "C4'" . DG  B 2 5  ? 2.177   14.429  17.676  1.00 102.11 ? 32  DG  C "C4'" 1 
ATOM   518 O  "O4'" . DG  B 2 5  ? 1.368   15.387  16.977  1.00 94.43  ? 32  DG  C "O4'" 1 
ATOM   519 C  "C3'" . DG  B 2 5  ? 1.456   13.096  17.476  1.00 97.39  ? 32  DG  C "C3'" 1 
ATOM   520 O  "O3'" . DG  B 2 5  ? 1.545   12.309  18.647  1.00 105.63 ? 32  DG  C "O3'" 1 
ATOM   521 C  "C2'" . DG  B 2 5  ? 0.006   13.486  17.192  1.00 86.40  ? 32  DG  C "C2'" 1 
ATOM   522 C  "C1'" . DG  B 2 5  ? 0.036   15.009  17.160  1.00 86.48  ? 32  DG  C "C1'" 1 
ATOM   523 N  N9    . DG  B 2 5  ? -0.797  15.548  16.101  1.00 80.12  ? 32  DG  C N9    1 
ATOM   524 C  C8    . DG  B 2 5  ? -0.423  16.265  14.983  1.00 82.72  ? 32  DG  C C8    1 
ATOM   525 N  N7    . DG  B 2 5  ? -1.443  16.594  14.221  1.00 75.56  ? 32  DG  C N7    1 
ATOM   526 C  C5    . DG  B 2 5  ? -2.542  16.046  14.882  1.00 71.41  ? 32  DG  C C5    1 
ATOM   527 C  C6    . DG  B 2 5  ? -3.917  16.063  14.556  1.00 71.44  ? 32  DG  C C6    1 
ATOM   528 O  O6    . DG  B 2 5  ? -4.472  16.584  13.576  1.00 71.83  ? 32  DG  C O6    1 
ATOM   529 N  N1    . DG  B 2 5  ? -4.673  15.380  15.517  1.00 69.58  ? 32  DG  C N1    1 
ATOM   530 C  C2    . DG  B 2 5  ? -4.156  14.769  16.644  1.00 71.60  ? 32  DG  C C2    1 
ATOM   531 N  N2    . DG  B 2 5  ? -5.020  14.155  17.470  1.00 70.77  ? 32  DG  C N2    1 
ATOM   532 N  N3    . DG  B 2 5  ? -2.883  14.756  16.944  1.00 69.01  ? 32  DG  C N3    1 
ATOM   533 C  C4    . DG  B 2 5  ? -2.141  15.403  16.029  1.00 71.48  ? 32  DG  C C4    1 
ATOM   534 P  P     . DT  B 2 6  ? 0.863   10.852  18.694  1.00 107.45 ? 33  DT  C P     1 
ATOM   535 O  OP1   . DT  B 2 6  ? 1.426   10.108  19.848  1.00 104.31 ? 33  DT  C OP1   1 
ATOM   536 O  OP2   . DT  B 2 6  ? 0.930   10.280  17.331  1.00 103.45 ? 33  DT  C OP2   1 
ATOM   537 O  "O5'" . DT  B 2 6  ? -0.672  11.145  19.011  1.00 90.63  ? 33  DT  C "O5'" 1 
ATOM   538 C  "C5'" . DT  B 2 6  ? -1.488  10.106  19.470  1.00 86.33  ? 33  DT  C "C5'" 1 
ATOM   539 C  "C4'" . DT  B 2 6  ? -2.812  10.098  18.736  1.00 82.73  ? 33  DT  C "C4'" 1 
ATOM   540 O  "O4'" . DT  B 2 6  ? -2.817  11.061  17.657  1.00 80.42  ? 33  DT  C "O4'" 1 
ATOM   541 C  "C3'" . DT  B 2 6  ? -3.175  8.767   18.071  1.00 81.48  ? 33  DT  C "C3'" 1 
ATOM   542 O  "O3'" . DT  B 2 6  ? -4.165  8.115   18.831  1.00 80.52  ? 33  DT  C "O3'" 1 
ATOM   543 C  "C2'" . DT  B 2 6  ? -3.707  9.173   16.680  1.00 81.24  ? 33  DT  C "C2'" 1 
ATOM   544 C  "C1'" . DT  B 2 6  ? -3.881  10.679  16.835  1.00 75.62  ? 33  DT  C "C1'" 1 
ATOM   545 N  N1    . DT  B 2 6  ? -3.874  11.456  15.549  1.00 66.74  ? 33  DT  C N1    1 
ATOM   546 C  C2    . DT  B 2 6  ? -5.074  11.704  14.937  1.00 66.76  ? 33  DT  C C2    1 
ATOM   547 O  O2    . DT  B 2 6  ? -6.130  11.318  15.389  1.00 70.82  ? 33  DT  C O2    1 
ATOM   548 N  N3    . DT  B 2 6  ? -4.998  12.417  13.769  1.00 66.76  ? 33  DT  C N3    1 
ATOM   549 C  C4    . DT  B 2 6  ? -3.856  12.907  13.165  1.00 70.64  ? 33  DT  C C4    1 
ATOM   550 O  O4    . DT  B 2 6  ? -3.889  13.545  12.113  1.00 70.48  ? 33  DT  C O4    1 
ATOM   551 C  C5    . DT  B 2 6  ? -2.619  12.613  13.860  1.00 70.59  ? 33  DT  C C5    1 
ATOM   552 C  C7    . DT  B 2 6  ? -1.311  13.093  13.301  1.00 70.25  ? 33  DT  C C7    1 
ATOM   553 C  C6    . DT  B 2 6  ? -2.687  11.907  15.008  1.00 71.01  ? 33  DT  C C6    1 
ATOM   554 P  P     . DC  B 2 7  ? -4.554  6.597   18.499  1.00 87.24  ? 34  DC  C P     1 
ATOM   555 O  OP1   . DC  B 2 7  ? -5.138  6.018   19.732  1.00 88.71  ? 34  DC  C OP1   1 
ATOM   556 O  OP2   . DC  B 2 7  ? -3.369  5.960   17.872  1.00 85.81  ? 34  DC  C OP2   1 
ATOM   557 O  "O5'" . DC  B 2 7  ? -5.694  6.735   17.386  1.00 75.01  ? 34  DC  C "O5'" 1 
ATOM   558 C  "C5'" . DC  B 2 7  ? -6.809  7.566   17.635  1.00 68.30  ? 34  DC  C "C5'" 1 
ATOM   559 C  "C4'" . DC  B 2 7  ? -7.870  7.404   16.558  1.00 74.57  ? 34  DC  C "C4'" 1 
ATOM   560 O  "O4'" . DC  B 2 7  ? -7.601  8.304   15.450  1.00 73.87  ? 34  DC  C "O4'" 1 
ATOM   561 C  "C3'" . DC  B 2 7  ? -7.983  6.019   15.936  1.00 78.00  ? 34  DC  C "C3'" 1 
ATOM   562 O  "O3'" . DC  B 2 7  ? -9.338  5.794   15.611  1.00 77.88  ? 34  DC  C "O3'" 1 
ATOM   563 C  "C2'" . DC  B 2 7  ? -7.140  6.169   14.670  1.00 74.65  ? 34  DC  C "C2'" 1 
ATOM   564 C  "C1'" . DC  B 2 7  ? -7.564  7.564   14.246  1.00 72.56  ? 34  DC  C "C1'" 1 
ATOM   565 N  N1    . DC  B 2 7  ? -6.625  8.267   13.310  1.00 65.01  ? 34  DC  C N1    1 
ATOM   566 C  C2    . DC  B 2 7  ? -7.140  8.905   12.172  1.00 65.43  ? 34  DC  C C2    1 
ATOM   567 O  O2    . DC  B 2 7  ? -8.356  8.849   11.948  1.00 70.24  ? 34  DC  C O2    1 
ATOM   568 N  N3    . DC  B 2 7  ? -6.290  9.564   11.348  1.00 61.77  ? 34  DC  C N3    1 
ATOM   569 C  C4    . DC  B 2 7  ? -4.988  9.608   11.625  1.00 65.47  ? 34  DC  C C4    1 
ATOM   570 N  N4    . DC  B 2 7  ? -4.194  10.267  10.779  1.00 66.65  ? 34  DC  C N4    1 
ATOM   571 C  C5    . DC  B 2 7  ? -4.442  8.970   12.784  1.00 64.91  ? 34  DC  C C5    1 
ATOM   572 C  C6    . DC  B 2 7  ? -5.291  8.326   13.594  1.00 62.13  ? 34  DC  C C6    1 
ATOM   573 P  P     . DG  B 2 8  ? -9.961  4.314   15.624  1.00 82.76  ? 35  DG  C P     1 
ATOM   574 O  OP1   . DG  B 2 8  ? -10.971 4.267   16.703  1.00 92.35  ? 35  DG  C OP1   1 
ATOM   575 O  OP2   . DG  B 2 8  ? -8.848  3.346   15.633  1.00 73.84  ? 35  DG  C OP2   1 
ATOM   576 O  "O5'" . DG  B 2 8  ? -10.661 4.181   14.198  1.00 67.68  ? 35  DG  C "O5'" 1 
ATOM   577 C  "C5'" . DG  B 2 8  ? -9.845  4.012   13.066  1.00 75.81  ? 35  DG  C "C5'" 1 
ATOM   578 C  "C4'" . DG  B 2 8  ? -10.359 4.818   11.898  1.00 75.60  ? 35  DG  C "C4'" 1 
ATOM   579 O  "O4'" . DG  B 2 8  ? -9.385  5.836   11.550  1.00 69.60  ? 35  DG  C "O4'" 1 
ATOM   580 C  "C3'" . DG  B 2 8  ? -10.551 4.016   10.624  1.00 74.65  ? 35  DG  C "C3'" 1 
ATOM   581 O  "O3'" . DG  B 2 8  ? -11.546 4.630   9.834   1.00 78.47  ? 35  DG  C "O3'" 1 
ATOM   582 C  "C2'" . DG  B 2 8  ? -9.187  4.125   9.976   1.00 70.45  ? 35  DG  C "C2'" 1 
ATOM   583 C  "C1'" . DG  B 2 8  ? -8.901  5.587   10.238  1.00 63.91  ? 35  DG  C "C1'" 1 
ATOM   584 N  N9    . DG  B 2 8  ? -7.494  5.905   10.205  1.00 59.54  ? 35  DG  C N9    1 
ATOM   585 C  C8    . DG  B 2 8  ? -6.531  5.437   11.061  1.00 64.14  ? 35  DG  C C8    1 
ATOM   586 N  N7    . DG  B 2 8  ? -5.342  5.892   10.804  1.00 60.55  ? 35  DG  C N7    1 
ATOM   587 C  C5    . DG  B 2 8  ? -5.534  6.720   9.706   1.00 60.64  ? 35  DG  C C5    1 
ATOM   588 C  C6    . DG  B 2 8  ? -4.598  7.493   8.993   1.00 61.67  ? 35  DG  C C6    1 
ATOM   589 O  O6    . DG  B 2 8  ? -3.379  7.589   9.194   1.00 64.01  ? 35  DG  C O6    1 
ATOM   590 N  N1    . DG  B 2 8  ? -5.197  8.186   7.939   1.00 57.44  ? 35  DG  C N1    1 
ATOM   591 C  C2    . DG  B 2 8  ? -6.536  8.144   7.637   1.00 62.96  ? 35  DG  C C2    1 
ATOM   592 N  N2    . DG  B 2 8  ? -6.934  8.885   6.592   1.00 64.21  ? 35  DG  C N2    1 
ATOM   593 N  N3    . DG  B 2 8  ? -7.430  7.413   8.307   1.00 60.78  ? 35  DG  C N3    1 
ATOM   594 C  C4    . DG  B 2 8  ? -6.854  6.734   9.325   1.00 57.92  ? 35  DG  C C4    1 
ATOM   595 P  P     . DT  C 3 1  ? 12.019  -6.436  -8.448  1.00 81.33  ? 36  DT  D P     1 
ATOM   596 O  OP1   . DT  C 3 1  ? 11.000  -5.578  -9.091  1.00 75.13  ? 36  DT  D OP1   1 
ATOM   597 O  OP2   . DT  C 3 1  ? 13.200  -6.898  -9.216  1.00 79.52  ? 36  DT  D OP2   1 
ATOM   598 O  "O5'" . DT  C 3 1  ? 12.544  -5.707  -7.129  1.00 81.37  ? 36  DT  D "O5'" 1 
ATOM   599 C  "C5'" . DT  C 3 1  ? 13.167  -6.467  -6.093  1.00 81.10  ? 36  DT  D "C5'" 1 
ATOM   600 C  "C4'" . DT  C 3 1  ? 12.148  -6.945  -5.067  1.00 83.64  ? 36  DT  D "C4'" 1 
ATOM   601 O  "O4'" . DT  C 3 1  ? 10.925  -6.190  -5.177  1.00 79.62  ? 36  DT  D "O4'" 1 
ATOM   602 C  "C3'" . DT  C 3 1  ? 11.681  -8.372  -5.238  1.00 81.89  ? 36  DT  D "C3'" 1 
ATOM   603 O  "O3'" . DT  C 3 1  ? 12.628  -9.269  -4.679  1.00 90.62  ? 36  DT  D "O3'" 1 
ATOM   604 C  "C2'" . DT  C 3 1  ? 10.362  -8.379  -4.452  1.00 78.88  ? 36  DT  D "C2'" 1 
ATOM   605 C  "C1'" . DT  C 3 1  ? 9.917   -6.906  -4.490  1.00 72.33  ? 36  DT  D "C1'" 1 
ATOM   606 N  N1    . DT  C 3 1  ? 8.590   -6.668  -5.160  1.00 71.84  ? 36  DT  D N1    1 
ATOM   607 C  C2    . DT  C 3 1  ? 7.440   -7.178  -4.593  1.00 73.83  ? 36  DT  D C2    1 
ATOM   608 O  O2    . DT  C 3 1  ? 7.433   -7.836  -3.569  1.00 76.55  ? 36  DT  D O2    1 
ATOM   609 N  N3    . DT  C 3 1  ? 6.284   -6.888  -5.278  1.00 70.91  ? 36  DT  D N3    1 
ATOM   610 C  C4    . DT  C 3 1  ? 6.170   -6.152  -6.442  1.00 70.00  ? 36  DT  D C4    1 
ATOM   611 O  O4    . DT  C 3 1  ? 5.088   -5.946  -6.988  1.00 65.16  ? 36  DT  D O4    1 
ATOM   612 C  C5    . DT  C 3 1  ? 7.416   -5.643  -6.975  1.00 65.97  ? 36  DT  D C5    1 
ATOM   613 C  C7    . DT  C 3 1  ? 7.423   -4.829  -8.229  1.00 69.02  ? 36  DT  D C7    1 
ATOM   614 C  C6    . DT  C 3 1  ? 8.545   -5.922  -6.315  1.00 70.84  ? 36  DT  D C6    1 
ATOM   615 P  P     . DT  C 3 2  ? 12.682  -10.791 -5.188  1.00 94.86  ? 37  DT  D P     1 
ATOM   616 O  OP1   . DT  C 3 2  ? 13.886  -11.419 -4.590  1.00 81.63  ? 37  DT  D OP1   1 
ATOM   617 O  OP2   . DT  C 3 2  ? 12.486  -10.802 -6.656  1.00 83.56  ? 37  DT  D OP2   1 
ATOM   618 O  "O5'" . DT  C 3 2  ? 11.380  -11.443 -4.539  1.00 85.76  ? 37  DT  D "O5'" 1 
ATOM   619 C  "C5'" . DT  C 3 2  ? 11.348  -11.728 -3.151  1.00 87.22  ? 37  DT  D "C5'" 1 
ATOM   620 C  "C4'" . DT  C 3 2  ? 9.968   -12.195 -2.753  1.00 89.38  ? 37  DT  D "C4'" 1 
ATOM   621 O  "O4'" . DT  C 3 2  ? 8.985   -11.297 -3.338  1.00 82.58  ? 37  DT  D "O4'" 1 
ATOM   622 C  "C3'" . DT  C 3 2  ? 9.596   -13.595 -3.252  1.00 93.02  ? 37  DT  D "C3'" 1 
ATOM   623 O  "O3'" . DT  C 3 2  ? 8.746   -14.241 -2.295  1.00 100.37 ? 37  DT  D "O3'" 1 
ATOM   624 C  "C2'" . DT  C 3 2  ? 8.848   -13.283 -4.538  1.00 87.81  ? 37  DT  D "C2'" 1 
ATOM   625 C  "C1'" . DT  C 3 2  ? 8.087   -12.039 -4.124  1.00 80.86  ? 37  DT  D "C1'" 1 
ATOM   626 N  N1    . DT  C 3 2  ? 7.658   -11.210 -5.267  1.00 74.06  ? 37  DT  D N1    1 
ATOM   627 C  C2    . DT  C 3 2  ? 6.319   -11.064 -5.515  1.00 79.29  ? 37  DT  D C2    1 
ATOM   628 O  O2    . DT  C 3 2  ? 5.453   -11.574 -4.826  1.00 81.73  ? 37  DT  D O2    1 
ATOM   629 N  N3    . DT  C 3 2  ? 6.020   -10.290 -6.601  1.00 75.67  ? 37  DT  D N3    1 
ATOM   630 C  C4    . DT  C 3 2  ? 6.915   -9.666  -7.448  1.00 71.39  ? 37  DT  D C4    1 
ATOM   631 O  O4    . DT  C 3 2  ? 6.552   -8.986  -8.403  1.00 70.46  ? 37  DT  D O4    1 
ATOM   632 C  C5    . DT  C 3 2  ? 8.305   -9.871  -7.135  1.00 74.64  ? 37  DT  D C5    1 
ATOM   633 C  C7    . DT  C 3 2  ? 9.371   -9.241  -7.985  1.00 77.26  ? 37  DT  D C7    1 
ATOM   634 C  C6    . DT  C 3 2  ? 8.606   -10.632 -6.075  1.00 74.06  ? 37  DT  D C6    1 
ATOM   635 P  P     . DG  C 3 3  ? 8.418   -15.816 -2.398  1.00 103.37 ? 38  DG  D P     1 
ATOM   636 O  OP1   . DG  C 3 3  ? 8.886   -16.454 -1.144  1.00 100.09 ? 38  DG  D OP1   1 
ATOM   637 O  OP2   . DG  C 3 3  ? 8.920   -16.322 -3.695  1.00 106.27 ? 38  DG  D OP2   1 
ATOM   638 O  "O5'" . DG  C 3 3  ? 6.822   -15.863 -2.453  1.00 84.97  ? 38  DG  D "O5'" 1 
ATOM   639 C  "C5'" . DG  C 3 3  ? 6.145   -15.042 -3.380  1.00 85.94  ? 38  DG  D "C5'" 1 
ATOM   640 C  "C4'" . DG  C 3 3  ? 4.652   -15.185 -3.234  1.00 89.38  ? 38  DG  D "C4'" 1 
ATOM   641 O  "O4'" . DG  C 3 3  ? 3.996   -14.231 -4.103  1.00 84.41  ? 38  DG  D "O4'" 1 
ATOM   642 C  "C3'" . DG  C 3 3  ? 4.111   -16.526 -3.663  1.00 97.26  ? 38  DG  D "C3'" 1 
ATOM   643 O  "O3'" . DG  C 3 3  ? 2.844   -16.746 -3.052  1.00 103.81 ? 38  DG  D "O3'" 1 
ATOM   644 C  "C2'" . DG  C 3 3  ? 3.989   -16.338 -5.176  1.00 90.89  ? 38  DG  D "C2'" 1 
ATOM   645 C  "C1'" . DG  C 3 3  ? 3.536   -14.882 -5.276  1.00 85.32  ? 38  DG  D "C1'" 1 
ATOM   646 N  N9    . DG  C 3 3  ? 4.086   -14.172 -6.427  1.00 86.40  ? 38  DG  D N9    1 
ATOM   647 C  C8    . DG  C 3 3  ? 5.414   -13.974 -6.713  1.00 82.59  ? 38  DG  D C8    1 
ATOM   648 N  N7    . DG  C 3 3  ? 5.617   -13.288 -7.804  1.00 78.86  ? 38  DG  D N7    1 
ATOM   649 C  C5    . DG  C 3 3  ? 4.341   -13.007 -8.274  1.00 79.82  ? 38  DG  D C5    1 
ATOM   650 C  C6    . DG  C 3 3  ? 3.935   -12.292 -9.428  1.00 80.70  ? 38  DG  D C6    1 
ATOM   651 O  O6    . DG  C 3 3  ? 4.644   -11.750 -10.284 1.00 78.78  ? 38  DG  D O6    1 
ATOM   652 N  N1    . DG  C 3 3  ? 2.548   -12.237 -9.540  1.00 83.09  ? 38  DG  D N1    1 
ATOM   653 C  C2    . DG  C 3 3  ? 1.663   -12.805 -8.653  1.00 86.68  ? 38  DG  D C2    1 
ATOM   654 N  N2    . DG  C 3 3  ? 0.358   -12.641 -8.930  1.00 87.38  ? 38  DG  D N2    1 
ATOM   655 N  N3    . DG  C 3 3  ? 2.030   -13.481 -7.564  1.00 83.46  ? 38  DG  D N3    1 
ATOM   656 C  C4    . DG  C 3 3  ? 3.382   -13.542 -7.441  1.00 84.10  ? 38  DG  D C4    1 
ATOM   657 P  P     . DT  C 3 4  ? 2.305   -18.243 -2.830  1.00 107.46 ? 39  DT  D P     1 
ATOM   658 O  OP1   . DT  C 3 4  ? 1.914   -18.383 -1.406  1.00 111.20 ? 39  DT  D OP1   1 
ATOM   659 O  OP2   . DT  C 3 4  ? 3.308   -19.168 -3.407  1.00 101.20 ? 39  DT  D OP2   1 
ATOM   660 O  "O5'" . DT  C 3 4  ? 1.005   -18.311 -3.753  1.00 94.67  ? 39  DT  D "O5'" 1 
ATOM   661 C  "C5'" . DT  C 3 4  ? 1.147   -18.293 -5.154  1.00 95.87  ? 39  DT  D "C5'" 1 
ATOM   662 C  "C4'" . DT  C 3 4  ? -0.125  -17.813 -5.811  1.00 100.72 ? 39  DT  D "C4'" 1 
ATOM   663 O  "O4'" . DT  C 3 4  ? 0.177   -16.696 -6.688  1.00 96.02  ? 39  DT  D "O4'" 1 
ATOM   664 C  "C3'" . DT  C 3 4  ? -0.821  -18.851 -6.683  1.00 109.10 ? 39  DT  D "C3'" 1 
ATOM   665 O  "O3'" . DT  C 3 4  ? -2.228  -18.655 -6.639  1.00 117.18 ? 39  DT  D "O3'" 1 
ATOM   666 C  "C2'" . DT  C 3 4  ? -0.259  -18.546 -8.064  1.00 104.34 ? 39  DT  D "C2'" 1 
ATOM   667 C  "C1'" . DT  C 3 4  ? -0.160  -17.029 -8.021  1.00 97.81  ? 39  DT  D "C1'" 1 
ATOM   668 N  N1    . DT  C 3 4  ? 0.891   -16.478 -8.923  1.00 95.84  ? 39  DT  D N1    1 
ATOM   669 C  C2    . DT  C 3 4  ? 0.519   -15.699 -9.997  1.00 97.80  ? 39  DT  D C2    1 
ATOM   670 O  O2    . DT  C 3 4  ? -0.644  -15.432 -10.259 1.00 98.47  ? 39  DT  D O2    1 
ATOM   671 N  N3    . DT  C 3 4  ? 1.565   -15.241 -10.764 1.00 89.23  ? 39  DT  D N3    1 
ATOM   672 C  C4    . DT  C 3 4  ? 2.914   -15.477 -10.563 1.00 86.71  ? 39  DT  D C4    1 
ATOM   673 O  O4    . DT  C 3 4  ? 3.779   -15.021 -11.303 1.00 85.50  ? 39  DT  D O4    1 
ATOM   674 C  C5    . DT  C 3 4  ? 3.233   -16.299 -9.418  1.00 89.32  ? 39  DT  D C5    1 
ATOM   675 C  C7    . DT  C 3 4  ? 4.663   -16.626 -9.099  1.00 85.92  ? 39  DT  D C7    1 
ATOM   676 C  C6    . DT  C 3 4  ? 2.218   -16.754 -8.664  1.00 91.62  ? 39  DT  D C6    1 
ATOM   677 P  P     . DC  C 3 5  ? -3.219  -19.914 -6.501  1.00 126.05 ? 40  DC  D P     1 
ATOM   678 O  OP1   . DC  C 3 5  ? -4.126  -19.666 -5.357  1.00 126.92 ? 40  DC  D OP1   1 
ATOM   679 O  OP2   . DC  C 3 5  ? -2.374  -21.131 -6.515  1.00 121.01 ? 40  DC  D OP2   1 
ATOM   680 O  "O5'" . DC  C 3 5  ? -4.066  -19.887 -7.859  1.00 120.13 ? 40  DC  D "O5'" 1 
ATOM   681 C  "C5'" . DC  C 3 5  ? -3.462  -20.310 -9.072  1.00 116.08 ? 40  DC  D "C5'" 1 
ATOM   682 C  "C4'" . DC  C 3 5  ? -3.799  -19.360 -10.203 1.00 115.03 ? 40  DC  D "C4'" 1 
ATOM   683 O  "O4'" . DC  C 3 5  ? -2.685  -18.488 -10.429 1.00 113.14 ? 40  DC  D "O4'" 1 
ATOM   684 C  "C3'" . DC  C 3 5  ? -4.064  -20.035 -11.542 1.00 120.78 ? 40  DC  D "C3'" 1 
ATOM   685 O  "O3'" . DC  C 3 5  ? -5.477  -20.262 -11.682 1.00 134.52 ? 40  DC  D "O3'" 1 
ATOM   686 C  "C2'" . DC  C 3 5  ? -3.528  -19.040 -12.587 1.00 113.34 ? 40  DC  D "C2'" 1 
ATOM   687 C  "C1'" . DC  C 3 5  ? -2.680  -18.059 -11.777 1.00 112.69 ? 40  DC  D "C1'" 1 
ATOM   688 N  N1    . DC  C 3 5  ? -1.242  -17.942 -12.229 1.00 105.75 ? 40  DC  D N1    1 
ATOM   689 C  C2    . DC  C 3 5  ? -0.917  -17.174 -13.362 1.00 100.85 ? 40  DC  D C2    1 
ATOM   690 O  O2    . DC  C 3 5  ? -1.823  -16.623 -14.003 1.00 100.87 ? 40  DC  D O2    1 
ATOM   691 N  N3    . DC  C 3 5  ? 0.390   -17.067 -13.728 1.00 97.37  ? 40  DC  D N3    1 
ATOM   692 C  C4    . DC  C 3 5  ? 1.340   -17.677 -13.008 1.00 98.33  ? 40  DC  D C4    1 
ATOM   693 N  N4    . DC  C 3 5  ? 2.611   -17.546 -13.401 1.00 91.34  ? 40  DC  D N4    1 
ATOM   694 C  C5    . DC  C 3 5  ? 1.025   -18.451 -11.853 1.00 99.82  ? 40  DC  D C5    1 
ATOM   695 C  C6    . DC  C 3 5  ? -0.260  -18.551 -11.503 1.00 101.55 ? 40  DC  D C6    1 
ATOM   696 P  P     . DG  C 3 6  ? -6.165  -20.432 -13.130 1.00 141.38 ? 41  DG  D P     1 
ATOM   697 O  OP1   . DG  C 3 6  ? -6.436  -19.069 -13.649 1.00 125.58 ? 41  DG  D OP1   1 
ATOM   698 O  OP2   . DG  C 3 6  ? -7.298  -21.374 -12.976 1.00 136.53 ? 41  DG  D OP2   1 
ATOM   699 O  "O5'" . DG  C 3 6  ? -5.058  -21.191 -14.006 1.00 128.71 ? 41  DG  D "O5'" 1 
ATOM   700 C  "C5'" . DG  C 3 6  ? -5.306  -21.477 -15.368 1.00 124.61 ? 41  DG  D "C5'" 1 
ATOM   701 C  "C4'" . DG  C 3 6  ? -5.293  -20.206 -16.188 1.00 122.58 ? 41  DG  D "C4'" 1 
ATOM   702 O  "O4'" . DG  C 3 6  ? -4.198  -19.367 -15.744 1.00 116.66 ? 41  DG  D "O4'" 1 
ATOM   703 C  "C3'" . DG  C 3 6  ? -5.091  -20.415 -17.677 1.00 120.98 ? 41  DG  D "C3'" 1 
ATOM   704 O  "O3'" . DG  C 3 6  ? -5.805  -19.437 -18.427 1.00 127.36 ? 41  DG  D "O3'" 1 
ATOM   705 C  "C2'" . DG  C 3 6  ? -3.583  -20.276 -17.851 1.00 114.48 ? 41  DG  D "C2'" 1 
ATOM   706 C  "C1'" . DG  C 3 6  ? -3.162  -19.354 -16.707 1.00 110.82 ? 41  DG  D "C1'" 1 
ATOM   707 N  N9    . DG  C 3 6  ? -1.911  -19.771 -16.061 1.00 107.52 ? 41  DG  D N9    1 
ATOM   708 C  C8    . DG  C 3 6  ? -1.777  -20.571 -14.949 1.00 108.64 ? 41  DG  D C8    1 
ATOM   709 N  N7    . DG  C 3 6  ? -0.533  -20.779 -14.599 1.00 102.42 ? 41  DG  D N7    1 
ATOM   710 C  C5    . DG  C 3 6  ? 0.208   -20.079 -15.545 1.00 99.15  ? 41  DG  D C5    1 
ATOM   711 C  C6    . DG  C 3 6  ? 1.614   -19.936 -15.679 1.00 95.79  ? 41  DG  D C6    1 
ATOM   712 O  O6    . DG  C 3 6  ? 2.506   -20.418 -14.967 1.00 95.94  ? 41  DG  D O6    1 
ATOM   713 N  N1    . DG  C 3 6  ? 1.951   -19.140 -16.775 1.00 91.23  ? 41  DG  D N1    1 
ATOM   714 C  C2    . DG  C 3 6  ? 1.046   -18.557 -17.637 1.00 95.76  ? 41  DG  D C2    1 
ATOM   715 N  N2    . DG  C 3 6  ? 1.563   -17.823 -18.640 1.00 90.31  ? 41  DG  D N2    1 
ATOM   716 N  N3    . DG  C 3 6  ? -0.277  -18.681 -17.522 1.00 96.36  ? 41  DG  D N3    1 
ATOM   717 C  C4    . DG  C 3 6  ? -0.622  -19.454 -16.456 1.00 101.49 ? 41  DG  D C4    1 
ATOM   718 P  P     . DT  C 3 7  ? -6.235  -19.753 -19.945 1.00 135.14 ? 42  DT  D P     1 
ATOM   719 O  OP1   . DT  C 3 7  ? -7.151  -18.688 -20.415 1.00 129.25 ? 42  DT  D OP1   1 
ATOM   720 O  OP2   . DT  C 3 7  ? -6.702  -21.157 -19.968 1.00 137.87 ? 42  DT  D OP2   1 
ATOM   721 O  "O5'" . DT  C 3 7  ? -4.855  -19.667 -20.761 1.00 120.42 ? 42  DT  D "O5'" 1 
ATOM   722 C  "C5'" . DT  C 3 7  ? -4.122  -18.440 -20.802 1.00 116.63 ? 42  DT  D "C5'" 1 
ATOM   723 C  "C4'" . DT  C 3 7  ? -2.854  -18.587 -21.633 1.00 117.43 ? 42  DT  D "C4'" 1 
ATOM   724 O  "O4'" . DT  C 3 7  ? -1.736  -18.974 -20.782 1.00 114.35 ? 42  DT  D "O4'" 1 
ATOM   725 C  "C3'" . DT  C 3 7  ? -2.925  -19.635 -22.748 1.00 117.34 ? 42  DT  D "C3'" 1 
ATOM   726 O  "O3'" . DT  C 3 7  ? -2.414  -19.088 -23.960 1.00 114.45 ? 42  DT  D "O3'" 1 
ATOM   727 C  "C2'" . DT  C 3 7  ? -2.044  -20.773 -22.224 1.00 110.85 ? 42  DT  D "C2'" 1 
ATOM   728 C  "C1'" . DT  C 3 7  ? -1.011  -20.009 -21.414 1.00 106.22 ? 42  DT  D "C1'" 1 
ATOM   729 N  N1    . DT  C 3 7  ? -0.325  -20.830 -20.352 1.00 99.71  ? 42  DT  D N1    1 
ATOM   730 C  C2    . DT  C 3 7  ? 1.050   -20.823 -20.272 1.00 98.13  ? 42  DT  D C2    1 
ATOM   731 O  O2    . DT  C 3 7  ? 1.763   -20.187 -21.032 1.00 96.46  ? 42  DT  D O2    1 
ATOM   732 N  N3    . DT  C 3 7  ? 1.568   -21.596 -19.261 1.00 95.22  ? 42  DT  D N3    1 
ATOM   733 C  C4    . DT  C 3 7  ? 0.860   -22.355 -18.341 1.00 94.61  ? 42  DT  D C4    1 
ATOM   734 O  O4    . DT  C 3 7  ? 1.412   -23.018 -17.467 1.00 96.86  ? 42  DT  D O4    1 
ATOM   735 C  C5    . DT  C 3 7  ? -0.572  -22.314 -18.481 1.00 93.88  ? 42  DT  D C5    1 
ATOM   736 C  C7    . DT  C 3 7  ? -1.443  -23.099 -17.546 1.00 96.80  ? 42  DT  D C7    1 
ATOM   737 C  C6    . DT  C 3 7  ? -1.085  -21.568 -19.471 1.00 98.27  ? 42  DT  D C6    1 
ATOM   738 P  P     . DA  D 4 1  ? -8.268  -0.578  6.553   1.00 86.07  ? 1   DA  A P     1 
ATOM   739 O  OP1   . DA  D 4 1  ? -9.178  -1.224  7.526   1.00 84.08  ? 1   DA  A OP1   1 
ATOM   740 O  OP2   . DA  D 4 1  ? -6.824  -0.882  6.565   1.00 80.08  ? 1   DA  A OP2   1 
ATOM   741 O  "O5'" . DA  D 4 1  ? -8.359  0.993   6.805   1.00 81.05  ? 1   DA  A "O5'" 1 
ATOM   742 C  "C5'" . DA  D 4 1  ? -9.616  1.647   6.770   1.00 79.76  ? 1   DA  A "C5'" 1 
ATOM   743 C  "C4'" . DA  D 4 1  ? -9.494  2.976   6.065   1.00 76.48  ? 1   DA  A "C4'" 1 
ATOM   744 O  "O4'" . DA  D 4 1  ? -8.758  3.877   6.901   1.00 67.38  ? 1   DA  A "O4'" 1 
ATOM   745 C  "C3'" . DA  D 4 1  ? -8.697  2.923   4.783   1.00 72.44  ? 1   DA  A "C3'" 1 
ATOM   746 O  "O3'" . DA  D 4 1  ? -9.534  2.573   3.732   1.00 76.14  ? 1   DA  A "O3'" 1 
ATOM   747 C  "C2'" . DA  D 4 1  ? -8.203  4.353   4.642   1.00 68.97  ? 1   DA  A "C2'" 1 
ATOM   748 C  "C1'" . DA  D 4 1  ? -8.030  4.778   6.098   1.00 63.36  ? 1   DA  A "C1'" 1 
ATOM   749 N  N9    . DA  D 4 1  ? -6.664  4.772   6.570   1.00 63.97  ? 1   DA  A N9    1 
ATOM   750 C  C8    . DA  D 4 1  ? -6.154  4.017   7.589   1.00 63.92  ? 1   DA  A C8    1 
ATOM   751 N  N7    . DA  D 4 1  ? -4.884  4.235   7.826   1.00 59.00  ? 1   DA  A N7    1 
ATOM   752 C  C5    . DA  D 4 1  ? -4.541  5.199   6.895   1.00 61.56  ? 1   DA  A C5    1 
ATOM   753 C  C6    . DA  D 4 1  ? -3.337  5.859   6.628   1.00 60.13  ? 1   DA  A C6    1 
ATOM   754 N  N6    . DA  D 4 1  ? -2.213  5.624   7.307   1.00 65.89  ? 1   DA  A N6    1 
ATOM   755 N  N1    . DA  D 4 1  ? -3.332  6.774   5.642   1.00 62.76  ? 1   DA  A N1    1 
ATOM   756 C  C2    . DA  D 4 1  ? -4.464  7.002   4.968   1.00 65.52  ? 1   DA  A C2    1 
ATOM   757 N  N3    . DA  D 4 1  ? -5.660  6.444   5.127   1.00 63.40  ? 1   DA  A N3    1 
ATOM   758 C  C4    . DA  D 4 1  ? -5.627  5.544   6.117   1.00 64.06  ? 1   DA  A C4    1 
ATOM   759 P  P     . DC  D 4 2  ? -8.957  1.660   2.551   1.00 86.12  ? 2   DC  A P     1 
ATOM   760 O  OP1   . DC  D 4 2  ? -10.119 1.094   1.821   1.00 91.28  ? 2   DC  A OP1   1 
ATOM   761 O  OP2   . DC  D 4 2  ? -7.905  0.804   3.157   1.00 71.50  ? 2   DC  A OP2   1 
ATOM   762 O  "O5'" . DC  D 4 2  ? -8.273  2.711   1.575   1.00 80.13  ? 2   DC  A "O5'" 1 
ATOM   763 C  "C5'" . DC  D 4 2  ? -9.033  3.803   1.108   1.00 81.44  ? 2   DC  A "C5'" 1 
ATOM   764 C  "C4'" . DC  D 4 2  ? -8.142  4.797   0.411   1.00 82.49  ? 2   DC  A "C4'" 1 
ATOM   765 O  "O4'" . DC  D 4 2  ? -7.118  5.228   1.338   1.00 75.16  ? 2   DC  A "O4'" 1 
ATOM   766 C  "C3'" . DC  D 4 2  ? -7.413  4.236   -0.803  1.00 78.09  ? 2   DC  A "C3'" 1 
ATOM   767 O  "O3'" . DC  D 4 2  ? -7.345  5.211   -1.816  1.00 83.45  ? 2   DC  A "O3'" 1 
ATOM   768 C  "C2'" . DC  D 4 2  ? -6.037  3.899   -0.254  1.00 78.52  ? 2   DC  A "C2'" 1 
ATOM   769 C  "C1'" . DC  D 4 2  ? -5.847  4.982   0.791   1.00 76.59  ? 2   DC  A "C1'" 1 
ATOM   770 N  N1    . DC  D 4 2  ? -4.953  4.562   1.881   1.00 72.71  ? 2   DC  A N1    1 
ATOM   771 C  C2    . DC  D 4 2  ? -3.685  5.148   2.005   1.00 70.34  ? 2   DC  A C2    1 
ATOM   772 O  O2    . DC  D 4 2  ? -3.339  6.025   1.204   1.00 69.21  ? 2   DC  A O2    1 
ATOM   773 N  N3    . DC  D 4 2  ? -2.874  4.736   3.005   1.00 69.52  ? 2   DC  A N3    1 
ATOM   774 C  C4    . DC  D 4 2  ? -3.289  3.787   3.853   1.00 68.27  ? 2   DC  A C4    1 
ATOM   775 N  N4    . DC  D 4 2  ? -2.452  3.411   4.828   1.00 64.82  ? 2   DC  A N4    1 
ATOM   776 C  C5    . DC  D 4 2  ? -4.572  3.177   3.733   1.00 64.97  ? 2   DC  A C5    1 
ATOM   777 C  C6    . DC  D 4 2  ? -5.360  3.589   2.739   1.00 66.62  ? 2   DC  A C6    1 
ATOM   778 P  P     . DG  D 4 3  ? -6.425  4.977   -3.113  1.00 96.44  ? 3   DG  A P     1 
ATOM   779 O  OP1   . DG  D 4 3  ? -7.021  5.792   -4.201  1.00 97.64  ? 3   DG  A OP1   1 
ATOM   780 O  OP2   . DG  D 4 3  ? -6.224  3.520   -3.305  1.00 91.47  ? 3   DG  A OP2   1 
ATOM   781 O  "O5'" . DG  D 4 3  ? -5.021  5.635   -2.710  1.00 88.84  ? 3   DG  A "O5'" 1 
ATOM   782 C  "C5'" . DG  D 4 3  ? -4.772  7.009   -3.013  1.00 89.93  ? 3   DG  A "C5'" 1 
ATOM   783 C  "C4'" . DG  D 4 3  ? -3.322  7.224   -3.414  1.00 92.12  ? 3   DG  A "C4'" 1 
ATOM   784 O  "O4'" . DG  D 4 3  ? -2.453  6.835   -2.318  1.00 85.95  ? 3   DG  A "O4'" 1 
ATOM   785 C  "C3'" . DG  D 4 3  ? -2.856  6.419   -4.625  1.00 95.27  ? 3   DG  A "C3'" 1 
ATOM   786 O  "O3'" . DG  D 4 3  ? -1.896  7.168   -5.373  1.00 103.20 ? 3   DG  A "O3'" 1 
ATOM   787 C  "C2'" . DG  D 4 3  ? -2.242  5.170   -3.993  1.00 86.85  ? 3   DG  A "C2'" 1 
ATOM   788 C  "C1'" . DG  D 4 3  ? -1.683  5.701   -2.676  1.00 80.32  ? 3   DG  A "C1'" 1 
ATOM   789 N  N9    . DG  D 4 3  ? -1.770  4.731   -1.591  1.00 79.16  ? 3   DG  A N9    1 
ATOM   790 C  C8    . DG  D 4 3  ? -2.841  3.921   -1.290  1.00 77.52  ? 3   DG  A C8    1 
ATOM   791 N  N7    . DG  D 4 3  ? -2.634  3.146   -0.255  1.00 72.69  ? 3   DG  A N7    1 
ATOM   792 C  C5    . DG  D 4 3  ? -1.345  3.467   0.155   1.00 69.00  ? 3   DG  A C5    1 
ATOM   793 C  C6    . DG  D 4 3  ? -0.580  2.958   1.223   1.00 68.64  ? 3   DG  A C6    1 
ATOM   794 O  O6    . DG  D 4 3  ? -0.896  2.092   2.043   1.00 74.94  ? 3   DG  A O6    1 
ATOM   795 N  N1    . DG  D 4 3  ? 0.673   3.558   1.294   1.00 69.64  ? 3   DG  A N1    1 
ATOM   796 C  C2    . DG  D 4 3  ? 1.130   4.525   0.433   1.00 68.98  ? 3   DG  A C2    1 
ATOM   797 N  N2    . DG  D 4 3  ? 2.367   4.981   0.658   1.00 69.10  ? 3   DG  A N2    1 
ATOM   798 N  N3    . DG  D 4 3  ? 0.423   5.011   -0.579  1.00 68.90  ? 3   DG  A N3    1 
ATOM   799 C  C4    . DG  D 4 3  ? -0.799  4.439   -0.657  1.00 73.49  ? 3   DG  A C4    1 
ATOM   800 P  P     . DT  D 4 4  ? -1.038  6.472   -6.545  1.00 105.11 ? 4   DT  A P     1 
ATOM   801 O  OP1   . DT  D 4 4  ? -0.747  7.505   -7.568  1.00 102.26 ? 4   DT  A OP1   1 
ATOM   802 O  OP2   . DT  D 4 4  ? -1.733  5.237   -6.974  1.00 103.79 ? 4   DT  A OP2   1 
ATOM   803 O  "O5'" . DT  D 4 4  ? 0.332   6.078   -5.814  1.00 93.30  ? 4   DT  A "O5'" 1 
ATOM   804 C  "C5'" . DT  D 4 4  ? 1.004   7.050   -5.021  1.00 89.99  ? 4   DT  A "C5'" 1 
ATOM   805 C  "C4'" . DT  D 4 4  ? 2.434   6.630   -4.749  1.00 87.20  ? 4   DT  A "C4'" 1 
ATOM   806 O  "O4'" . DT  D 4 4  ? 2.475   5.792   -3.563  1.00 77.52  ? 4   DT  A "O4'" 1 
ATOM   807 C  "C3'" . DT  D 4 4  ? 3.097   5.826   -5.868  1.00 92.87  ? 4   DT  A "C3'" 1 
ATOM   808 O  "O3'" . DT  D 4 4  ? 4.446   6.287   -6.072  1.00 94.33  ? 4   DT  A "O3'" 1 
ATOM   809 C  "C2'" . DT  D 4 4  ? 3.052   4.391   -5.334  1.00 86.36  ? 4   DT  A "C2'" 1 
ATOM   810 C  "C1'" . DT  D 4 4  ? 3.209   4.626   -3.842  1.00 76.72  ? 4   DT  A "C1'" 1 
ATOM   811 N  N1    . DT  D 4 4  ? 2.677   3.515   -2.988  1.00 77.44  ? 4   DT  A N1    1 
ATOM   812 C  C2    . DT  D 4 4  ? 3.482   2.987   -2.010  1.00 75.11  ? 4   DT  A C2    1 
ATOM   813 O  O2    . DT  D 4 4  ? 4.616   3.376   -1.802  1.00 77.42  ? 4   DT  A O2    1 
ATOM   814 N  N3    . DT  D 4 4  ? 2.911   1.980   -1.276  1.00 70.14  ? 4   DT  A N3    1 
ATOM   815 C  C4    . DT  D 4 4  ? 1.641   1.461   -1.420  1.00 75.01  ? 4   DT  A C4    1 
ATOM   816 O  O4    . DT  D 4 4  ? 1.216   0.556   -0.704  1.00 77.87  ? 4   DT  A O4    1 
ATOM   817 C  C5    . DT  D 4 4  ? 0.843   2.057   -2.464  1.00 71.08  ? 4   DT  A C5    1 
ATOM   818 C  C7    . DT  D 4 4  ? -0.555  1.571   -2.712  1.00 65.39  ? 4   DT  A C7    1 
ATOM   819 C  C6    . DT  D 4 4  ? 1.392   3.046   -3.189  1.00 75.66  ? 4   DT  A C6    1 
ATOM   820 P  P     . DC  D 4 5  ? 5.320   5.753   -7.319  1.00 94.09  ? 5   DC  A P     1 
ATOM   821 O  OP1   . DC  D 4 5  ? 6.097   6.901   -7.852  1.00 86.28  ? 5   DC  A OP1   1 
ATOM   822 O  OP2   . DC  D 4 5  ? 4.431   4.991   -8.223  1.00 88.58  ? 5   DC  A OP2   1 
ATOM   823 O  "O5'" . DC  D 4 5  ? 6.330   4.714   -6.647  1.00 81.57  ? 5   DC  A "O5'" 1 
ATOM   824 C  "C5'" . DC  D 4 5  ? 7.317   5.197   -5.763  1.00 83.62  ? 5   DC  A "C5'" 1 
ATOM   825 C  "C4'" . DC  D 4 5  ? 7.893   4.081   -4.925  1.00 78.61  ? 5   DC  A "C4'" 1 
ATOM   826 O  "O4'" . DC  D 4 5  ? 6.822   3.315   -4.323  1.00 84.08  ? 5   DC  A "O4'" 1 
ATOM   827 C  "C3'" . DC  D 4 5  ? 8.754   3.066   -5.686  1.00 75.56  ? 5   DC  A "C3'" 1 
ATOM   828 O  "O3'" . DC  D 4 5  ? 9.975   2.877   -4.985  1.00 80.25  ? 5   DC  A "O3'" 1 
ATOM   829 C  "C2'" . DC  D 4 5  ? 7.896   1.795   -5.667  1.00 78.48  ? 5   DC  A "C2'" 1 
ATOM   830 C  "C1'" . DC  D 4 5  ? 7.218   1.970   -4.327  1.00 78.55  ? 5   DC  A "C1'" 1 
ATOM   831 N  N1    . DC  D 4 5  ? 6.028   1.101   -4.073  1.00 71.88  ? 5   DC  A N1    1 
ATOM   832 C  C2    . DC  D 4 5  ? 6.097   0.135   -3.059  1.00 74.35  ? 5   DC  A C2    1 
ATOM   833 O  O2    . DC  D 4 5  ? 7.157   0.002   -2.424  1.00 77.35  ? 5   DC  A O2    1 
ATOM   834 N  N3    . DC  D 4 5  ? 5.009   -0.635  -2.806  1.00 72.12  ? 5   DC  A N3    1 
ATOM   835 C  C4    . DC  D 4 5  ? 3.887   -0.458  -3.506  1.00 72.61  ? 5   DC  A C4    1 
ATOM   836 N  N4    . DC  D 4 5  ? 2.844   -1.243  -3.219  1.00 67.55  ? 5   DC  A N4    1 
ATOM   837 C  C5    . DC  D 4 5  ? 3.790   0.532   -4.538  1.00 75.17  ? 5   DC  A C5    1 
ATOM   838 C  C6    . DC  D 4 5  ? 4.874   1.287   -4.780  1.00 71.27  ? 5   DC  A C6    1 
ATOM   839 P  P     . DT  D 4 6  ? 11.289  2.408   -5.778  1.00 83.71  ? 6   DT  A P     1 
ATOM   840 O  OP1   . DT  D 4 6  ? 12.482  3.005   -5.133  1.00 71.56  ? 6   DT  A OP1   1 
ATOM   841 O  OP2   . DT  D 4 6  ? 10.994  2.651   -7.211  1.00 65.18  ? 6   DT  A OP2   1 
ATOM   842 O  "O5'" . DT  D 4 6  ? 11.376  0.844   -5.481  1.00 71.52  ? 6   DT  A "O5'" 1 
ATOM   843 C  "C5'" . DT  D 4 6  ? 11.842  0.416   -4.232  1.00 70.58  ? 6   DT  A "C5'" 1 
ATOM   844 C  "C4'" . DT  D 4 6  ? 11.567  -1.056  -4.039  1.00 76.52  ? 6   DT  A "C4'" 1 
ATOM   845 O  "O4'" . DT  D 4 6  ? 10.179  -1.263  -3.767  1.00 76.60  ? 6   DT  A "O4'" 1 
ATOM   846 C  "C3'" . DT  D 4 6  ? 11.803  -1.906  -5.256  1.00 78.23  ? 6   DT  A "C3'" 1 
ATOM   847 O  "O3'" . DT  D 4 6  ? 13.159  -2.227  -5.336  1.00 70.51  ? 6   DT  A "O3'" 1 
ATOM   848 C  "C2'" . DT  D 4 6  ? 10.943  -3.145  -4.972  1.00 71.61  ? 6   DT  A "C2'" 1 
ATOM   849 C  "C1'" . DT  D 4 6  ? 9.908   -2.627  -3.969  1.00 72.92  ? 6   DT  A "C1'" 1 
ATOM   850 N  N1    . DT  D 4 6  ? 8.500   -2.769  -4.422  1.00 75.39  ? 6   DT  A N1    1 
ATOM   851 C  C2    . DT  D 4 6  ? 7.694   -3.676  -3.788  1.00 71.48  ? 6   DT  A C2    1 
ATOM   852 O  O2    . DT  D 4 6  ? 8.080   -4.378  -2.879  1.00 75.41  ? 6   DT  A O2    1 
ATOM   853 N  N3    . DT  D 4 6  ? 6.412   -3.733  -4.260  1.00 68.94  ? 6   DT  A N3    1 
ATOM   854 C  C4    . DT  D 4 6  ? 5.866   -2.980  -5.284  1.00 71.76  ? 6   DT  A C4    1 
ATOM   855 O  O4    . DT  D 4 6  ? 4.696   -3.099  -5.640  1.00 74.57  ? 6   DT  A O4    1 
ATOM   856 C  C5    . DT  D 4 6  ? 6.763   -2.041  -5.906  1.00 67.83  ? 6   DT  A C5    1 
ATOM   857 C  C7    . DT  D 4 6  ? 6.280   -1.170  -7.023  1.00 66.09  ? 6   DT  A C7    1 
ATOM   858 C  C6    . DT  D 4 6  ? 8.027   -1.980  -5.450  1.00 72.85  ? 6   DT  A C6    1 
HETATM 859 AS AS    . CAC E 5 .  ? -1.227  -3.480  -0.366  1.00 177.48 ? 101 CAC B AS    1 
HETATM 860 MG MG    . MG  F 6 .  ? 7.646   -8.777  -0.144  1.00 70.71  ? 102 MG  B MG    1 
HETATM 861 MG MG    . MG  G 6 .  ? 7.702   -15.954 -12.343 1.00 89.96  ? 103 MG  B MG    1 
HETATM 862 AS AS    . CAC H 5 .  ? -1.077  4.848   11.818  1.00 123.80 ? 101 CAC C AS    1 
# 
loop_
_pdbx_poly_seq_scheme.asym_id 
_pdbx_poly_seq_scheme.entity_id 
_pdbx_poly_seq_scheme.seq_id 
_pdbx_poly_seq_scheme.mon_id 
_pdbx_poly_seq_scheme.ndb_seq_num 
_pdbx_poly_seq_scheme.pdb_seq_num 
_pdbx_poly_seq_scheme.auth_seq_num 
_pdbx_poly_seq_scheme.pdb_mon_id 
_pdbx_poly_seq_scheme.auth_mon_id 
_pdbx_poly_seq_scheme.pdb_strand_id 
_pdbx_poly_seq_scheme.pdb_ins_code 
_pdbx_poly_seq_scheme.hetero 
A 1 1  DG 1  7  7  DG DG B . n 
A 1 2  DA 2  8  8  DA DA B . n 
A 1 3  DA 3  9  9  DA DA B . n 
A 1 4  DC 4  10 10 DC DC B . n 
A 1 5  DG 5  11 11 DG DG B . n 
A 1 6  DA 6  12 12 DA DA B . n 
A 1 7  DC 7  13 13 DC DC B . n 
A 1 8  DA 8  14 14 DA DA B . n 
A 1 9  DA 9  15 15 DA DA B . n 
A 1 10 DA 10 16 16 DA DA B . n 
A 1 11 DG 11 17 17 DG DG B . n 
A 1 12 DA 12 18 18 DA DA B . n 
A 1 13 DC 13 19 19 DC DC B . n 
A 1 14 DG 14 20 20 DG DG B . n 
A 1 15 DT 15 21 21 DT DT B . n 
A 1 16 DC 16 22 22 DC DC B . n 
A 1 17 DG 17 23 23 DG DG B . n 
A 1 18 DA 18 24 24 DA DA B . n 
A 1 19 DG 19 25 25 DG DG B . n 
A 1 20 DT 20 26 26 DT DT B . n 
A 1 21 DC 21 27 27 DC DC B . n 
B 2 1  DT 1  28 28 DT DT C . n 
B 2 2  DC 2  29 29 DC DC C . n 
B 2 3  DG 3  30 30 DG DG C . n 
B 2 4  DA 4  31 31 DA DA C . n 
B 2 5  DG 5  32 32 DG DG C . n 
B 2 6  DT 6  33 33 DT DT C . n 
B 2 7  DC 7  34 34 DC DC C . n 
B 2 8  DG 8  35 35 DG DG C . n 
C 3 1  DT 1  36 36 DT DT D . n 
C 3 2  DT 2  37 37 DT DT D . n 
C 3 3  DG 3  38 38 DG DG D . n 
C 3 4  DT 4  39 39 DT DT D . n 
C 3 5  DC 5  40 40 DC DC D . n 
C 3 6  DG 6  41 41 DG DG D . n 
C 3 7  DT 7  42 42 DT DT D . n 
D 4 1  DA 1  1  1  DA DA A . n 
D 4 2  DC 2  2  2  DC DC A . n 
D 4 3  DG 3  3  3  DG DG A . n 
D 4 4  DT 4  4  4  DT DT A . n 
D 4 5  DC 5  5  5  DC DC A . n 
D 4 6  DT 6  6  6  DT DT A . n 
# 
loop_
_pdbx_nonpoly_scheme.asym_id 
_pdbx_nonpoly_scheme.entity_id 
_pdbx_nonpoly_scheme.mon_id 
_pdbx_nonpoly_scheme.ndb_seq_num 
_pdbx_nonpoly_scheme.pdb_seq_num 
_pdbx_nonpoly_scheme.auth_seq_num 
_pdbx_nonpoly_scheme.pdb_mon_id 
_pdbx_nonpoly_scheme.auth_mon_id 
_pdbx_nonpoly_scheme.pdb_strand_id 
_pdbx_nonpoly_scheme.pdb_ins_code 
E 5 CAC 1 101 1 CAC AS B . 
F 6 MG  1 102 1 MG  MG B . 
G 6 MG  1 103 2 MG  MG B . 
H 5 CAC 1 101 2 CAC AS C . 
# 
_pdbx_struct_assembly.id                   1 
_pdbx_struct_assembly.details              author_and_software_defined_assembly 
_pdbx_struct_assembly.method_details       PISA 
_pdbx_struct_assembly.oligomeric_details   tetrameric 
_pdbx_struct_assembly.oligomeric_count     4 
# 
_pdbx_struct_assembly_gen.assembly_id       1 
_pdbx_struct_assembly_gen.oper_expression   1 
_pdbx_struct_assembly_gen.asym_id_list      A,B,C,D,E,F,G,H 
# 
loop_
_pdbx_struct_assembly_prop.biol_id 
_pdbx_struct_assembly_prop.type 
_pdbx_struct_assembly_prop.value 
_pdbx_struct_assembly_prop.details 
1 'ABSA (A^2)' 2610 ? 
1 MORE         -25  ? 
1 'SSA (A^2)'  7910 ? 
# 
_pdbx_struct_oper_list.id                   1 
_pdbx_struct_oper_list.type                 'identity operation' 
_pdbx_struct_oper_list.name                 1_555 
_pdbx_struct_oper_list.symmetry_operation   x,y,z 
_pdbx_struct_oper_list.matrix[1][1]         1.0000000000 
_pdbx_struct_oper_list.matrix[1][2]         0.0000000000 
_pdbx_struct_oper_list.matrix[1][3]         0.0000000000 
_pdbx_struct_oper_list.vector[1]            0.0000000000 
_pdbx_struct_oper_list.matrix[2][1]         0.0000000000 
_pdbx_struct_oper_list.matrix[2][2]         1.0000000000 
_pdbx_struct_oper_list.matrix[2][3]         0.0000000000 
_pdbx_struct_oper_list.vector[2]            0.0000000000 
_pdbx_struct_oper_list.matrix[3][1]         0.0000000000 
_pdbx_struct_oper_list.matrix[3][2]         0.0000000000 
_pdbx_struct_oper_list.matrix[3][3]         1.0000000000 
_pdbx_struct_oper_list.vector[3]            0.0000000000 
# 
loop_
_pdbx_audit_revision_history.ordinal 
_pdbx_audit_revision_history.data_content_type 
_pdbx_audit_revision_history.major_revision 
_pdbx_audit_revision_history.minor_revision 
_pdbx_audit_revision_history.revision_date 
1 'Structure model' 1 0 2021-07-14 
2 'Structure model' 1 1 2022-07-06 
3 'Structure model' 1 2 2023-10-18 
# 
_pdbx_audit_revision_details.ordinal             1 
_pdbx_audit_revision_details.revision_ordinal    1 
_pdbx_audit_revision_details.data_content_type   'Structure model' 
_pdbx_audit_revision_details.provider            repository 
_pdbx_audit_revision_details.type                'Initial release' 
_pdbx_audit_revision_details.description         ? 
_pdbx_audit_revision_details.details             ? 
# 
loop_
_pdbx_audit_revision_group.ordinal 
_pdbx_audit_revision_group.revision_ordinal 
_pdbx_audit_revision_group.data_content_type 
_pdbx_audit_revision_group.group 
1 2 'Structure model' 'Database references'    
2 3 'Structure model' 'Data collection'        
3 3 'Structure model' 'Refinement description' 
# 
loop_
_pdbx_audit_revision_category.ordinal 
_pdbx_audit_revision_category.revision_ordinal 
_pdbx_audit_revision_category.data_content_type 
_pdbx_audit_revision_category.category 
1 2 'Structure model' citation                      
2 2 'Structure model' citation_author               
3 2 'Structure model' database_2                    
4 3 'Structure model' chem_comp_atom                
5 3 'Structure model' chem_comp_bond                
6 3 'Structure model' pdbx_initial_refinement_model 
# 
loop_
_pdbx_audit_revision_item.ordinal 
_pdbx_audit_revision_item.revision_ordinal 
_pdbx_audit_revision_item.data_content_type 
_pdbx_audit_revision_item.item 
1  2 'Structure model' '_citation.country'                   
2  2 'Structure model' '_citation.journal_abbrev'            
3  2 'Structure model' '_citation.journal_id_CSD'            
4  2 'Structure model' '_citation.journal_id_ISSN'           
5  2 'Structure model' '_citation.journal_volume'            
6  2 'Structure model' '_citation.page_first'                
7  2 'Structure model' '_citation.page_last'                 
8  2 'Structure model' '_citation.pdbx_database_id_DOI'      
9  2 'Structure model' '_citation.pdbx_database_id_PubMed'   
10 2 'Structure model' '_citation.title'                     
11 2 'Structure model' '_citation.year'                      
12 2 'Structure model' '_database_2.pdbx_DOI'                
13 2 'Structure model' '_database_2.pdbx_database_accession' 
# 
loop_
_software.citation_id 
_software.classification 
_software.compiler_name 
_software.compiler_version 
_software.contact_author 
_software.contact_author_email 
_software.date 
_software.description 
_software.dependencies 
_software.hardware 
_software.language 
_software.location 
_software.mods 
_software.name 
_software.os 
_software.os_version 
_software.type 
_software.version 
_software.pdbx_ordinal 
? 'data reduction'  ? ? ? ? ? ? ? ? ? ? ? HKL-2000    ? ? ? .           1 
? 'data scaling'    ? ? ? ? ? ? ? ? ? ? ? HKL-2000    ? ? ? .           2 
? refinement        ? ? ? ? ? ? ? ? ? ? ? PHENIX      ? ? ? 1.11.1_2575 3 
? 'data extraction' ? ? ? ? ? ? ? ? ? ? ? PDB_EXTRACT ? ? ? 3.25        4 
? phasing           ? ? ? ? ? ? ? ? ? ? ? PHASER      ? ? ? .           5 
# 
_pdbx_entry_details.entry_id                 7JNL 
_pdbx_entry_details.has_ligand_of_interest   N 
_pdbx_entry_details.compound_details         ? 
_pdbx_entry_details.source_details           ? 
_pdbx_entry_details.nonpolymer_details       ? 
_pdbx_entry_details.sequence_details         ? 
# 
loop_
_pdbx_validate_rmsd_angle.id 
_pdbx_validate_rmsd_angle.PDB_model_num 
_pdbx_validate_rmsd_angle.auth_atom_id_1 
_pdbx_validate_rmsd_angle.auth_asym_id_1 
_pdbx_validate_rmsd_angle.auth_comp_id_1 
_pdbx_validate_rmsd_angle.auth_seq_id_1 
_pdbx_validate_rmsd_angle.PDB_ins_code_1 
_pdbx_validate_rmsd_angle.label_alt_id_1 
_pdbx_validate_rmsd_angle.auth_atom_id_2 
_pdbx_validate_rmsd_angle.auth_asym_id_2 
_pdbx_validate_rmsd_angle.auth_comp_id_2 
_pdbx_validate_rmsd_angle.auth_seq_id_2 
_pdbx_validate_rmsd_angle.PDB_ins_code_2 
_pdbx_validate_rmsd_angle.label_alt_id_2 
_pdbx_validate_rmsd_angle.auth_atom_id_3 
_pdbx_validate_rmsd_angle.auth_asym_id_3 
_pdbx_validate_rmsd_angle.auth_comp_id_3 
_pdbx_validate_rmsd_angle.auth_seq_id_3 
_pdbx_validate_rmsd_angle.PDB_ins_code_3 
_pdbx_validate_rmsd_angle.label_alt_id_3 
_pdbx_validate_rmsd_angle.angle_value 
_pdbx_validate_rmsd_angle.angle_target_value 
_pdbx_validate_rmsd_angle.angle_deviation 
_pdbx_validate_rmsd_angle.angle_standard_deviation 
_pdbx_validate_rmsd_angle.linker_flag 
1 1 "O4'" B DG 25 ? ? "C1'" B DG 25 ? ? N9 B DG 25 ? ? 110.22 108.30 1.92 0.30 N 
2 1 "O4'" C DG 32 ? ? "C1'" C DG 32 ? ? N9 C DG 32 ? ? 110.57 108.30 2.27 0.30 N 
3 1 "O4'" C DT 33 ? ? "C1'" C DT 33 ? ? N1 C DT 33 ? ? 111.04 108.30 2.74 0.30 N 
# 
loop_
_pdbx_unobs_or_zero_occ_atoms.id 
_pdbx_unobs_or_zero_occ_atoms.PDB_model_num 
_pdbx_unobs_or_zero_occ_atoms.polymer_flag 
_pdbx_unobs_or_zero_occ_atoms.occupancy_flag 
_pdbx_unobs_or_zero_occ_atoms.auth_asym_id 
_pdbx_unobs_or_zero_occ_atoms.auth_comp_id 
_pdbx_unobs_or_zero_occ_atoms.auth_seq_id 
_pdbx_unobs_or_zero_occ_atoms.PDB_ins_code 
_pdbx_unobs_or_zero_occ_atoms.auth_atom_id 
_pdbx_unobs_or_zero_occ_atoms.label_alt_id 
_pdbx_unobs_or_zero_occ_atoms.label_asym_id 
_pdbx_unobs_or_zero_occ_atoms.label_comp_id 
_pdbx_unobs_or_zero_occ_atoms.label_seq_id 
_pdbx_unobs_or_zero_occ_atoms.label_atom_id 
1 1 N 1 B CAC 101 ? O1 ? E CAC 1 O1 
2 1 N 1 B CAC 101 ? O2 ? E CAC 1 O2 
3 1 N 1 B CAC 101 ? C1 ? E CAC 1 C1 
4 1 N 1 B CAC 101 ? C2 ? E CAC 1 C2 
5 1 N 1 C CAC 101 ? O1 ? H CAC 1 O1 
6 1 N 1 C CAC 101 ? O2 ? H CAC 1 O2 
7 1 N 1 C CAC 101 ? C1 ? H CAC 1 C1 
8 1 N 1 C CAC 101 ? C2 ? H CAC 1 C2 
# 
loop_
_chem_comp_atom.comp_id 
_chem_comp_atom.atom_id 
_chem_comp_atom.type_symbol 
_chem_comp_atom.pdbx_aromatic_flag 
_chem_comp_atom.pdbx_stereo_config 
_chem_comp_atom.pdbx_ordinal 
CAC AS     AS N N 1   
CAC O1     O  N N 2   
CAC O2     O  N N 3   
CAC C1     C  N N 4   
CAC C2     C  N N 5   
CAC H11    H  N N 6   
CAC H12    H  N N 7   
CAC H13    H  N N 8   
CAC H21    H  N N 9   
CAC H22    H  N N 10  
CAC H23    H  N N 11  
DA  OP3    O  N N 12  
DA  P      P  N N 13  
DA  OP1    O  N N 14  
DA  OP2    O  N N 15  
DA  "O5'"  O  N N 16  
DA  "C5'"  C  N N 17  
DA  "C4'"  C  N R 18  
DA  "O4'"  O  N N 19  
DA  "C3'"  C  N S 20  
DA  "O3'"  O  N N 21  
DA  "C2'"  C  N N 22  
DA  "C1'"  C  N R 23  
DA  N9     N  Y N 24  
DA  C8     C  Y N 25  
DA  N7     N  Y N 26  
DA  C5     C  Y N 27  
DA  C6     C  Y N 28  
DA  N6     N  N N 29  
DA  N1     N  Y N 30  
DA  C2     C  Y N 31  
DA  N3     N  Y N 32  
DA  C4     C  Y N 33  
DA  HOP3   H  N N 34  
DA  HOP2   H  N N 35  
DA  "H5'"  H  N N 36  
DA  "H5''" H  N N 37  
DA  "H4'"  H  N N 38  
DA  "H3'"  H  N N 39  
DA  "HO3'" H  N N 40  
DA  "H2'"  H  N N 41  
DA  "H2''" H  N N 42  
DA  "H1'"  H  N N 43  
DA  H8     H  N N 44  
DA  H61    H  N N 45  
DA  H62    H  N N 46  
DA  H2     H  N N 47  
DC  OP3    O  N N 48  
DC  P      P  N N 49  
DC  OP1    O  N N 50  
DC  OP2    O  N N 51  
DC  "O5'"  O  N N 52  
DC  "C5'"  C  N N 53  
DC  "C4'"  C  N R 54  
DC  "O4'"  O  N N 55  
DC  "C3'"  C  N S 56  
DC  "O3'"  O  N N 57  
DC  "C2'"  C  N N 58  
DC  "C1'"  C  N R 59  
DC  N1     N  N N 60  
DC  C2     C  N N 61  
DC  O2     O  N N 62  
DC  N3     N  N N 63  
DC  C4     C  N N 64  
DC  N4     N  N N 65  
DC  C5     C  N N 66  
DC  C6     C  N N 67  
DC  HOP3   H  N N 68  
DC  HOP2   H  N N 69  
DC  "H5'"  H  N N 70  
DC  "H5''" H  N N 71  
DC  "H4'"  H  N N 72  
DC  "H3'"  H  N N 73  
DC  "HO3'" H  N N 74  
DC  "H2'"  H  N N 75  
DC  "H2''" H  N N 76  
DC  "H1'"  H  N N 77  
DC  H41    H  N N 78  
DC  H42    H  N N 79  
DC  H5     H  N N 80  
DC  H6     H  N N 81  
DG  OP3    O  N N 82  
DG  P      P  N N 83  
DG  OP1    O  N N 84  
DG  OP2    O  N N 85  
DG  "O5'"  O  N N 86  
DG  "C5'"  C  N N 87  
DG  "C4'"  C  N R 88  
DG  "O4'"  O  N N 89  
DG  "C3'"  C  N S 90  
DG  "O3'"  O  N N 91  
DG  "C2'"  C  N N 92  
DG  "C1'"  C  N R 93  
DG  N9     N  Y N 94  
DG  C8     C  Y N 95  
DG  N7     N  Y N 96  
DG  C5     C  Y N 97  
DG  C6     C  N N 98  
DG  O6     O  N N 99  
DG  N1     N  N N 100 
DG  C2     C  N N 101 
DG  N2     N  N N 102 
DG  N3     N  N N 103 
DG  C4     C  Y N 104 
DG  HOP3   H  N N 105 
DG  HOP2   H  N N 106 
DG  "H5'"  H  N N 107 
DG  "H5''" H  N N 108 
DG  "H4'"  H  N N 109 
DG  "H3'"  H  N N 110 
DG  "HO3'" H  N N 111 
DG  "H2'"  H  N N 112 
DG  "H2''" H  N N 113 
DG  "H1'"  H  N N 114 
DG  H8     H  N N 115 
DG  H1     H  N N 116 
DG  H21    H  N N 117 
DG  H22    H  N N 118 
DT  OP3    O  N N 119 
DT  P      P  N N 120 
DT  OP1    O  N N 121 
DT  OP2    O  N N 122 
DT  "O5'"  O  N N 123 
DT  "C5'"  C  N N 124 
DT  "C4'"  C  N R 125 
DT  "O4'"  O  N N 126 
DT  "C3'"  C  N S 127 
DT  "O3'"  O  N N 128 
DT  "C2'"  C  N N 129 
DT  "C1'"  C  N R 130 
DT  N1     N  N N 131 
DT  C2     C  N N 132 
DT  O2     O  N N 133 
DT  N3     N  N N 134 
DT  C4     C  N N 135 
DT  O4     O  N N 136 
DT  C5     C  N N 137 
DT  C7     C  N N 138 
DT  C6     C  N N 139 
DT  HOP3   H  N N 140 
DT  HOP2   H  N N 141 
DT  "H5'"  H  N N 142 
DT  "H5''" H  N N 143 
DT  "H4'"  H  N N 144 
DT  "H3'"  H  N N 145 
DT  "HO3'" H  N N 146 
DT  "H2'"  H  N N 147 
DT  "H2''" H  N N 148 
DT  "H1'"  H  N N 149 
DT  H3     H  N N 150 
DT  H71    H  N N 151 
DT  H72    H  N N 152 
DT  H73    H  N N 153 
DT  H6     H  N N 154 
MG  MG     MG N N 155 
# 
loop_
_chem_comp_bond.comp_id 
_chem_comp_bond.atom_id_1 
_chem_comp_bond.atom_id_2 
_chem_comp_bond.value_order 
_chem_comp_bond.pdbx_aromatic_flag 
_chem_comp_bond.pdbx_stereo_config 
_chem_comp_bond.pdbx_ordinal 
CAC AS    O1     doub N N 1   
CAC AS    O2     sing N N 2   
CAC AS    C1     sing N N 3   
CAC AS    C2     sing N N 4   
CAC C1    H11    sing N N 5   
CAC C1    H12    sing N N 6   
CAC C1    H13    sing N N 7   
CAC C2    H21    sing N N 8   
CAC C2    H22    sing N N 9   
CAC C2    H23    sing N N 10  
DA  OP3   P      sing N N 11  
DA  OP3   HOP3   sing N N 12  
DA  P     OP1    doub N N 13  
DA  P     OP2    sing N N 14  
DA  P     "O5'"  sing N N 15  
DA  OP2   HOP2   sing N N 16  
DA  "O5'" "C5'"  sing N N 17  
DA  "C5'" "C4'"  sing N N 18  
DA  "C5'" "H5'"  sing N N 19  
DA  "C5'" "H5''" sing N N 20  
DA  "C4'" "O4'"  sing N N 21  
DA  "C4'" "C3'"  sing N N 22  
DA  "C4'" "H4'"  sing N N 23  
DA  "O4'" "C1'"  sing N N 24  
DA  "C3'" "O3'"  sing N N 25  
DA  "C3'" "C2'"  sing N N 26  
DA  "C3'" "H3'"  sing N N 27  
DA  "O3'" "HO3'" sing N N 28  
DA  "C2'" "C1'"  sing N N 29  
DA  "C2'" "H2'"  sing N N 30  
DA  "C2'" "H2''" sing N N 31  
DA  "C1'" N9     sing N N 32  
DA  "C1'" "H1'"  sing N N 33  
DA  N9    C8     sing Y N 34  
DA  N9    C4     sing Y N 35  
DA  C8    N7     doub Y N 36  
DA  C8    H8     sing N N 37  
DA  N7    C5     sing Y N 38  
DA  C5    C6     sing Y N 39  
DA  C5    C4     doub Y N 40  
DA  C6    N6     sing N N 41  
DA  C6    N1     doub Y N 42  
DA  N6    H61    sing N N 43  
DA  N6    H62    sing N N 44  
DA  N1    C2     sing Y N 45  
DA  C2    N3     doub Y N 46  
DA  C2    H2     sing N N 47  
DA  N3    C4     sing Y N 48  
DC  OP3   P      sing N N 49  
DC  OP3   HOP3   sing N N 50  
DC  P     OP1    doub N N 51  
DC  P     OP2    sing N N 52  
DC  P     "O5'"  sing N N 53  
DC  OP2   HOP2   sing N N 54  
DC  "O5'" "C5'"  sing N N 55  
DC  "C5'" "C4'"  sing N N 56  
DC  "C5'" "H5'"  sing N N 57  
DC  "C5'" "H5''" sing N N 58  
DC  "C4'" "O4'"  sing N N 59  
DC  "C4'" "C3'"  sing N N 60  
DC  "C4'" "H4'"  sing N N 61  
DC  "O4'" "C1'"  sing N N 62  
DC  "C3'" "O3'"  sing N N 63  
DC  "C3'" "C2'"  sing N N 64  
DC  "C3'" "H3'"  sing N N 65  
DC  "O3'" "HO3'" sing N N 66  
DC  "C2'" "C1'"  sing N N 67  
DC  "C2'" "H2'"  sing N N 68  
DC  "C2'" "H2''" sing N N 69  
DC  "C1'" N1     sing N N 70  
DC  "C1'" "H1'"  sing N N 71  
DC  N1    C2     sing N N 72  
DC  N1    C6     sing N N 73  
DC  C2    O2     doub N N 74  
DC  C2    N3     sing N N 75  
DC  N3    C4     doub N N 76  
DC  C4    N4     sing N N 77  
DC  C4    C5     sing N N 78  
DC  N4    H41    sing N N 79  
DC  N4    H42    sing N N 80  
DC  C5    C6     doub N N 81  
DC  C5    H5     sing N N 82  
DC  C6    H6     sing N N 83  
DG  OP3   P      sing N N 84  
DG  OP3   HOP3   sing N N 85  
DG  P     OP1    doub N N 86  
DG  P     OP2    sing N N 87  
DG  P     "O5'"  sing N N 88  
DG  OP2   HOP2   sing N N 89  
DG  "O5'" "C5'"  sing N N 90  
DG  "C5'" "C4'"  sing N N 91  
DG  "C5'" "H5'"  sing N N 92  
DG  "C5'" "H5''" sing N N 93  
DG  "C4'" "O4'"  sing N N 94  
DG  "C4'" "C3'"  sing N N 95  
DG  "C4'" "H4'"  sing N N 96  
DG  "O4'" "C1'"  sing N N 97  
DG  "C3'" "O3'"  sing N N 98  
DG  "C3'" "C2'"  sing N N 99  
DG  "C3'" "H3'"  sing N N 100 
DG  "O3'" "HO3'" sing N N 101 
DG  "C2'" "C1'"  sing N N 102 
DG  "C2'" "H2'"  sing N N 103 
DG  "C2'" "H2''" sing N N 104 
DG  "C1'" N9     sing N N 105 
DG  "C1'" "H1'"  sing N N 106 
DG  N9    C8     sing Y N 107 
DG  N9    C4     sing Y N 108 
DG  C8    N7     doub Y N 109 
DG  C8    H8     sing N N 110 
DG  N7    C5     sing Y N 111 
DG  C5    C6     sing N N 112 
DG  C5    C4     doub Y N 113 
DG  C6    O6     doub N N 114 
DG  C6    N1     sing N N 115 
DG  N1    C2     sing N N 116 
DG  N1    H1     sing N N 117 
DG  C2    N2     sing N N 118 
DG  C2    N3     doub N N 119 
DG  N2    H21    sing N N 120 
DG  N2    H22    sing N N 121 
DG  N3    C4     sing N N 122 
DT  OP3   P      sing N N 123 
DT  OP3   HOP3   sing N N 124 
DT  P     OP1    doub N N 125 
DT  P     OP2    sing N N 126 
DT  P     "O5'"  sing N N 127 
DT  OP2   HOP2   sing N N 128 
DT  "O5'" "C5'"  sing N N 129 
DT  "C5'" "C4'"  sing N N 130 
DT  "C5'" "H5'"  sing N N 131 
DT  "C5'" "H5''" sing N N 132 
DT  "C4'" "O4'"  sing N N 133 
DT  "C4'" "C3'"  sing N N 134 
DT  "C4'" "H4'"  sing N N 135 
DT  "O4'" "C1'"  sing N N 136 
DT  "C3'" "O3'"  sing N N 137 
DT  "C3'" "C2'"  sing N N 138 
DT  "C3'" "H3'"  sing N N 139 
DT  "O3'" "HO3'" sing N N 140 
DT  "C2'" "C1'"  sing N N 141 
DT  "C2'" "H2'"  sing N N 142 
DT  "C2'" "H2''" sing N N 143 
DT  "C1'" N1     sing N N 144 
DT  "C1'" "H1'"  sing N N 145 
DT  N1    C2     sing N N 146 
DT  N1    C6     sing N N 147 
DT  C2    O2     doub N N 148 
DT  C2    N3     sing N N 149 
DT  N3    C4     sing N N 150 
DT  N3    H3     sing N N 151 
DT  C4    O4     doub N N 152 
DT  C4    C5     sing N N 153 
DT  C5    C7     sing N N 154 
DT  C5    C6     doub N N 155 
DT  C7    H71    sing N N 156 
DT  C7    H72    sing N N 157 
DT  C7    H73    sing N N 158 
DT  C6    H6     sing N N 159 
# 
loop_
_ndb_struct_conf_na.entry_id 
_ndb_struct_conf_na.feature 
7JNL 'double helix'        
7JNL 'a-form double helix' 
7JNL 'b-form double helix' 
# 
loop_
_ndb_struct_na_base_pair.model_number 
_ndb_struct_na_base_pair.i_label_asym_id 
_ndb_struct_na_base_pair.i_label_comp_id 
_ndb_struct_na_base_pair.i_label_seq_id 
_ndb_struct_na_base_pair.i_symmetry 
_ndb_struct_na_base_pair.j_label_asym_id 
_ndb_struct_na_base_pair.j_label_comp_id 
_ndb_struct_na_base_pair.j_label_seq_id 
_ndb_struct_na_base_pair.j_symmetry 
_ndb_struct_na_base_pair.shear 
_ndb_struct_na_base_pair.stretch 
_ndb_struct_na_base_pair.stagger 
_ndb_struct_na_base_pair.buckle 
_ndb_struct_na_base_pair.propeller 
_ndb_struct_na_base_pair.opening 
_ndb_struct_na_base_pair.pair_number 
_ndb_struct_na_base_pair.pair_name 
_ndb_struct_na_base_pair.i_auth_asym_id 
_ndb_struct_na_base_pair.i_auth_seq_id 
_ndb_struct_na_base_pair.i_PDB_ins_code 
_ndb_struct_na_base_pair.j_auth_asym_id 
_ndb_struct_na_base_pair.j_auth_seq_id 
_ndb_struct_na_base_pair.j_PDB_ins_code 
_ndb_struct_na_base_pair.hbond_type_28 
_ndb_struct_na_base_pair.hbond_type_12 
1 A DA 3  1_555 C DT 7 1_555 0.371  -0.076 0.386 3.388  -7.619  -4.666  1  B_DA9:DT42_D  B 9  ? D 42 ? 20 1 
1 A DC 4  1_555 C DG 6 1_555 -1.180 0.167  0.151 2.240  -6.185  -11.509 2  B_DC10:DG41_D B 10 ? D 41 ? 19 1 
1 A DG 5  1_555 C DC 5 1_555 1.446  -0.011 0.272 6.769  -9.202  -17.863 3  B_DG11:DC40_D B 11 ? D 40 ? 19 1 
1 A DA 6  1_555 C DT 4 1_555 1.212  -0.212 0.083 5.491  -5.622  -8.695  4  B_DA12:DT39_D B 12 ? D 39 ? 20 1 
1 A DC 7  1_555 C DG 3 1_555 -0.906 -0.206 0.019 10.524 -6.646  -12.562 5  B_DC13:DG38_D B 13 ? D 38 ? 19 1 
1 A DA 8  1_555 C DT 2 1_555 0.201  0.476  0.403 -1.232 -10.729 -6.208  6  B_DA14:DT37_D B 14 ? D 37 ? 20 1 
1 A DA 9  1_555 C DT 1 1_555 1.069  0.115  0.094 -0.601 -16.598 -5.961  7  B_DA15:DT36_D B 15 ? D 36 ? 20 1 
1 A DA 10 1_555 D DT 6 1_555 0.054  -0.013 0.728 4.128  -1.077  7.749   8  B_DA16:DT6_A  B 16 ? A 6  ? 20 1 
1 A DG 11 1_555 D DC 5 1_555 0.699  -0.110 0.531 7.672  -1.378  -0.988  9  B_DG17:DC5_A  B 17 ? A 5  ? 19 1 
1 A DA 12 1_555 D DT 4 1_555 1.207  -0.339 0.328 2.080  -1.531  -3.202  10 B_DA18:DT4_A  B 18 ? A 4  ? 20 1 
1 A DC 13 1_555 D DG 3 1_555 -0.450 -0.228 0.326 -6.075 4.087   0.363   11 B_DC19:DG3_A  B 19 ? A 3  ? 19 1 
1 A DG 14 1_555 D DC 2 1_555 -0.537 -0.324 0.198 -3.582 -2.830  -10.269 12 B_DG20:DC2_A  B 20 ? A 2  ? 19 1 
1 A DT 15 1_555 D DA 1 1_555 -0.700 -0.251 0.541 0.471  -8.558  -12.723 13 B_DT21:DA1_A  B 21 ? A 1  ? 20 1 
1 A DC 16 1_555 B DG 8 1_555 -0.896 -0.340 0.634 2.521  -6.829  -1.000  14 B_DC22:DG35_C B 22 ? C 35 ? 19 1 
1 A DG 17 1_555 B DC 7 1_555 0.665  -0.334 0.951 6.006  -5.672  -6.382  15 B_DG23:DC34_C B 23 ? C 34 ? 19 1 
1 A DA 18 1_555 B DT 6 1_555 0.267  0.320  0.728 -3.097 -4.219  -17.168 16 B_DA24:DT33_C B 24 ? C 33 ? 20 1 
1 A DG 19 1_555 B DG 5 1_555 1.146  1.062  0.485 0.185  2.270   -15.454 17 B_DG25:DG32_C B 25 ? C 32 ? ?  ? 
1 A DT 20 1_555 B DA 4 1_555 -0.393 -0.445 0.470 -3.461 -0.400  -5.368  18 B_DT26:DA31_C B 26 ? C 31 ? 20 1 
1 A DC 21 1_555 B DG 3 1_555 0.312  -0.605 0.214 -5.136 -1.030  -4.764  19 B_DC27:DG30_C B 27 ? C 30 ? 19 1 
# 
loop_
_ndb_struct_na_base_pair_step.model_number 
_ndb_struct_na_base_pair_step.i_label_asym_id_1 
_ndb_struct_na_base_pair_step.i_label_comp_id_1 
_ndb_struct_na_base_pair_step.i_label_seq_id_1 
_ndb_struct_na_base_pair_step.i_symmetry_1 
_ndb_struct_na_base_pair_step.j_label_asym_id_1 
_ndb_struct_na_base_pair_step.j_label_comp_id_1 
_ndb_struct_na_base_pair_step.j_label_seq_id_1 
_ndb_struct_na_base_pair_step.j_symmetry_1 
_ndb_struct_na_base_pair_step.i_label_asym_id_2 
_ndb_struct_na_base_pair_step.i_label_comp_id_2 
_ndb_struct_na_base_pair_step.i_label_seq_id_2 
_ndb_struct_na_base_pair_step.i_symmetry_2 
_ndb_struct_na_base_pair_step.j_label_asym_id_2 
_ndb_struct_na_base_pair_step.j_label_comp_id_2 
_ndb_struct_na_base_pair_step.j_label_seq_id_2 
_ndb_struct_na_base_pair_step.j_symmetry_2 
_ndb_struct_na_base_pair_step.shift 
_ndb_struct_na_base_pair_step.slide 
_ndb_struct_na_base_pair_step.rise 
_ndb_struct_na_base_pair_step.tilt 
_ndb_struct_na_base_pair_step.roll 
_ndb_struct_na_base_pair_step.twist 
_ndb_struct_na_base_pair_step.x_displacement 
_ndb_struct_na_base_pair_step.y_displacement 
_ndb_struct_na_base_pair_step.helical_rise 
_ndb_struct_na_base_pair_step.inclination 
_ndb_struct_na_base_pair_step.tip 
_ndb_struct_na_base_pair_step.helical_twist 
_ndb_struct_na_base_pair_step.step_number 
_ndb_struct_na_base_pair_step.step_name 
_ndb_struct_na_base_pair_step.i_auth_asym_id_1 
_ndb_struct_na_base_pair_step.i_auth_seq_id_1 
_ndb_struct_na_base_pair_step.i_PDB_ins_code_1 
_ndb_struct_na_base_pair_step.j_auth_asym_id_1 
_ndb_struct_na_base_pair_step.j_auth_seq_id_1 
_ndb_struct_na_base_pair_step.j_PDB_ins_code_1 
_ndb_struct_na_base_pair_step.i_auth_asym_id_2 
_ndb_struct_na_base_pair_step.i_auth_seq_id_2 
_ndb_struct_na_base_pair_step.i_PDB_ins_code_2 
_ndb_struct_na_base_pair_step.j_auth_asym_id_2 
_ndb_struct_na_base_pair_step.j_auth_seq_id_2 
_ndb_struct_na_base_pair_step.j_PDB_ins_code_2 
1 A DA 3  1_555 C DT 7 1_555 A DC 4  1_555 C DG 6 1_555 -0.391 -0.887 3.324 0.262  -1.203 28.964 -1.500 0.840  3.354 -2.404 -0.524 
28.989 1  BB_DA9DC10:DG41DT42_DD  B 9  ? D 42 ? B 10 ? D 41 ? 
1 A DC 4  1_555 C DG 6 1_555 A DG 5  1_555 C DC 5 1_555 -0.329 -0.213 3.428 -0.646 3.933  43.050 -0.692 0.381  3.401 5.346  0.878  
43.225 2  BB_DC10DG11:DC40DG41_DD B 10 ? D 41 ? B 11 ? D 40 ? 
1 A DG 5  1_555 C DC 5 1_555 A DA 6  1_555 C DT 4 1_555 0.036  -0.600 3.216 1.872  1.746  34.209 -1.286 0.227  3.180 2.963  -3.176 
34.302 3  BB_DG11DA12:DT39DC40_DD B 11 ? D 40 ? B 12 ? D 39 ? 
1 A DA 6  1_555 C DT 4 1_555 A DC 7  1_555 C DG 3 1_555 0.112  -0.909 3.121 -0.147 -2.165 21.300 -1.596 -0.359 3.195 -5.838 0.396  
21.409 4  BB_DA12DC13:DG38DT39_DD B 12 ? D 39 ? B 13 ? D 38 ? 
1 A DC 7  1_555 C DG 3 1_555 A DA 8  1_555 C DT 2 1_555 0.658  -1.251 3.517 -0.023 -2.829 42.258 -1.418 -0.914 3.590 -3.919 0.032  
42.348 5  BB_DC13DA14:DT37DG38_DD B 13 ? D 38 ? B 14 ? D 37 ? 
1 A DA 8  1_555 C DT 2 1_555 A DA 9  1_555 C DT 1 1_555 -0.399 -0.263 3.254 0.075  -0.373 45.797 -0.306 0.519  3.256 -0.480 -0.096 
45.799 6  BB_DA14DA15:DT36DT37_DD B 14 ? D 37 ? B 15 ? D 36 ? 
1 A DA 9  1_555 C DT 1 1_555 A DA 10 1_555 D DT 6 1_555 -0.518 -1.057 2.780 -9.580 5.173  25.012 -3.344 -0.936 2.538 11.286 20.902 
27.244 7  BB_DA15DA16:DT6DT36_AD  B 15 ? D 36 ? B 16 ? A 6  ? 
1 A DA 10 1_555 D DT 6 1_555 A DG 11 1_555 D DC 5 1_555 -0.364 -0.417 3.321 -0.381 3.236  35.333 -1.164 0.540  3.275 5.317  0.625  
35.479 8  BB_DA16DG17:DC5DT6_AA   B 16 ? A 6  ? B 17 ? A 5  ? 
1 A DG 11 1_555 D DC 5 1_555 A DA 12 1_555 D DT 4 1_555 -0.367 -0.365 3.421 -0.854 3.358  35.339 -1.110 0.471  3.381 5.515  1.402  
35.503 9  BB_DG17DA18:DT4DC5_AA   B 17 ? A 5  ? B 18 ? A 4  ? 
1 A DA 12 1_555 D DT 4 1_555 A DC 13 1_555 D DG 3 1_555 0.455  -1.549 3.578 -0.796 1.065  21.850 -4.526 -1.532 3.481 2.806  2.098  
21.890 10 BB_DA18DC19:DG3DT4_AA   B 18 ? A 4  ? B 19 ? A 3  ? 
1 A DC 13 1_555 D DG 3 1_555 A DG 14 1_555 D DC 2 1_555 -0.070 -0.563 3.129 1.888  -4.206 37.936 -0.349 0.336  3.164 -6.441 -2.891 
38.205 11 BB_DC19DG20:DC2DG3_AA   B 19 ? A 3  ? B 20 ? A 2  ? 
1 A DG 14 1_555 D DC 2 1_555 A DT 15 1_555 D DA 1 1_555 0.424  -1.186 3.167 -4.111 0.906  34.375 -2.126 -1.317 3.066 1.526  6.924  
34.624 12 BB_DG20DT21:DA1DC2_AA   B 20 ? A 2  ? B 21 ? A 1  ? 
1 A DT 15 1_555 D DA 1 1_555 A DC 16 1_555 B DG 8 1_555 -0.460 -1.328 2.941 -3.166 1.776  29.867 -2.884 0.307  2.891 3.430  6.114  
30.082 13 BB_DT21DC22:DG35DA1_CA  B 21 ? A 1  ? B 22 ? C 35 ? 
1 A DC 16 1_555 B DG 8 1_555 A DG 17 1_555 B DC 7 1_555 -0.711 -0.043 3.313 -2.466 2.563  39.819 -0.363 0.751  3.340 3.755  3.613  
39.971 14 BB_DC22DG23:DC34DG35_CC B 22 ? C 35 ? B 23 ? C 34 ? 
1 A DG 17 1_555 B DC 7 1_555 A DA 18 1_555 B DT 6 1_555 -0.484 -0.680 3.462 -2.181 4.226  35.320 -1.756 0.459  3.383 6.925  3.574  
35.629 15 BB_DG23DA24:DT33DC34_CC B 23 ? C 34 ? B 24 ? C 33 ? 
1 A DA 18 1_555 B DT 6 1_555 A DG 19 1_555 B DG 5 1_555 0.105  -1.489 3.184 0.544  2.122  39.055 -2.469 -0.094 3.103 3.171  -0.813 
39.114 16 BB_DA24DG25:DG32DT33_CC B 24 ? C 33 ? B 25 ? C 32 ? 
1 A DG 19 1_555 B DG 5 1_555 A DT 20 1_555 B DA 4 1_555 -0.296 -1.368 3.532 2.243  -3.622 27.133 -1.897 1.233  3.644 -7.660 -4.744 
27.459 17 BB_DG25DT26:DA31DG32_CC B 25 ? C 32 ? B 26 ? C 31 ? 
1 A DT 20 1_555 B DA 4 1_555 A DC 21 1_555 B DG 3 1_555 0.200  -0.468 3.340 2.628  1.320  35.478 -0.962 0.063  3.326 2.162  -4.304 
35.596 18 BB_DT26DC27:DG30DA31_CC B 26 ? C 31 ? B 27 ? C 30 ? 
# 
loop_
_pdbx_audit_support.funding_organization 
_pdbx_audit_support.country 
_pdbx_audit_support.grant_number 
_pdbx_audit_support.ordinal 
'National Science Foundation (NSF, United States)'                                         'United States' 1360635     1 
'National Institutes of Health/National Institute of General Medical Sciences (NIH/NIGMS)' 'United States' R01GM104960 2 
'National Science Foundation (NSF, United States)'                                         'United States' NSF2004250  3 
# 
loop_
_pdbx_entity_nonpoly.entity_id 
_pdbx_entity_nonpoly.name 
_pdbx_entity_nonpoly.comp_id 
5 'CACODYLATE ION' CAC 
6 'MAGNESIUM ION'  MG  
# 
_pdbx_initial_refinement_model.id               1 
_pdbx_initial_refinement_model.entity_id_list   ? 
_pdbx_initial_refinement_model.type             'experimental model' 
_pdbx_initial_refinement_model.source_name      PDB 
_pdbx_initial_refinement_model.accession_code   5VY6 
_pdbx_initial_refinement_model.details          ? 
# 
_pdbx_struct_assembly_auth_evidence.id                     1 
_pdbx_struct_assembly_auth_evidence.assembly_id            1 
_pdbx_struct_assembly_auth_evidence.experimental_support   none 
_pdbx_struct_assembly_auth_evidence.details                ? 
# 
